data_6BB4
#
_entry.id   6BB4
#
_cell.length_a   161.156
_cell.length_b   40.535
_cell.length_c   228.064
_cell.angle_alpha   90.00
_cell.angle_beta   104.07
_cell.angle_gamma   90.00
#
_symmetry.space_group_name_H-M   'C 1 2 1'
#
loop_
_entity.id
_entity.type
_entity.pdbx_description
1 polymer 'Mouse monoclonal antibody C5.2 Fab light chain'
2 polymer 'Mouse monoclonal antibody C5.2 Fab heavy chain'
3 polymer 'Microtubule-associated protein tau'
4 non-polymer 'PHOSPHATE ION'
5 water water
#
loop_
_entity_poly.entity_id
_entity_poly.type
_entity_poly.pdbx_seq_one_letter_code
_entity_poly.pdbx_strand_id
1 'polypeptide(L)'
;DVQMIQSPSSLSASLGDIVTMTCQASQDTSINLNWFQQKPGKAPKLLIYGASNLEDGVPSRFSGSRYGTDFTLTISSLED
EDMATYFCLQHTYLPFTFGSGTKLEIKRADAAPTVSIFPPSSEQLTSGGASVVCFLNNFYPKDINVKWKIDGSERQNGVL
NSWTDQDSKDSTYSMSSTLTLTKDEYERHNSYTCEATHKTSTSPIVKSFNRNE
;
L,M,N
2 'polypeptide(L)'
;QVQLQQSDAELVKPGASVKISCKASGYTFTDRTIHWVKQRPEQGLEWIGYIYPGDDSTKYNDMFKAKATLTADKSSNTAY
MQLNSLTSDDSAVYFCARRGTMDYWGQGTSVTVSSAKTTPPSVYPLAPGSAAQTNSMVTLGCLVKGYFPEPVTVTWNSGS
LSSGVHTFPAVLQSDLYTLSSSVTVPSSTWPSETVTCNVAHPASSTKVDKKIVPRDCGCK
;
H,I,J
3 'polypeptide(L)' TDHGAEIVYK(SEP)PVVSGDT(SEP)PRHL P,Q,R
#
loop_
_chem_comp.id
_chem_comp.type
_chem_comp.name
_chem_comp.formula
PO4 non-polymer 'PHOSPHATE ION' 'O4 P -3'
#
# COMPACT_ATOMS: atom_id res chain seq x y z
N ASP A 1 -20.01 6.45 35.09
CA ASP A 1 -20.21 5.38 34.12
C ASP A 1 -18.92 5.02 33.42
N VAL A 2 -18.68 3.73 33.25
CA VAL A 2 -17.59 3.24 32.41
C VAL A 2 -18.17 3.05 31.01
N GLN A 3 -17.96 4.03 30.13
CA GLN A 3 -18.49 3.98 28.79
C GLN A 3 -17.53 3.29 27.83
N MET A 4 -18.08 2.79 26.72
CA MET A 4 -17.33 2.14 25.67
C MET A 4 -17.38 3.01 24.43
N ILE A 5 -16.22 3.44 23.93
CA ILE A 5 -16.14 4.31 22.76
C ILE A 5 -15.76 3.44 21.56
N GLN A 6 -16.66 3.37 20.57
CA GLN A 6 -16.54 2.43 19.47
C GLN A 6 -16.21 3.15 18.17
N SER A 7 -15.35 2.55 17.36
CA SER A 7 -15.08 3.06 16.02
C SER A 7 -14.59 1.91 15.16
N PRO A 8 -14.77 2.01 13.83
CA PRO A 8 -15.43 3.12 13.14
C PRO A 8 -16.95 2.98 13.22
N SER A 9 -17.68 3.99 12.75
CA SER A 9 -19.13 3.88 12.77
C SER A 9 -19.66 3.03 11.62
N SER A 10 -18.89 2.87 10.56
CA SER A 10 -19.27 2.02 9.45
C SER A 10 -18.03 1.53 8.75
N LEU A 11 -18.20 0.51 7.91
CA LEU A 11 -17.14 -0.32 7.38
C LEU A 11 -17.62 -0.89 6.06
N SER A 12 -16.82 -0.78 5.00
CA SER A 12 -17.18 -1.32 3.69
C SER A 12 -16.03 -2.20 3.22
N ALA A 13 -16.30 -3.49 3.02
CA ALA A 13 -15.23 -4.41 2.68
C ALA A 13 -15.73 -5.45 1.70
N SER A 14 -14.77 -6.15 1.07
CA SER A 14 -15.10 -7.11 0.03
C SER A 14 -15.23 -8.50 0.63
N LEU A 15 -15.88 -9.39 -0.12
CA LEU A 15 -15.93 -10.79 0.27
C LEU A 15 -14.52 -11.34 0.43
N GLY A 16 -14.30 -12.10 1.50
CA GLY A 16 -13.01 -12.68 1.77
C GLY A 16 -12.08 -11.82 2.59
N ASP A 17 -12.44 -10.57 2.85
CA ASP A 17 -11.53 -9.67 3.55
C ASP A 17 -11.50 -9.98 5.04
N ILE A 18 -10.52 -9.38 5.69
CA ILE A 18 -10.40 -9.34 7.15
C ILE A 18 -10.77 -7.93 7.58
N VAL A 19 -11.63 -7.82 8.58
CA VAL A 19 -12.17 -6.54 9.03
C VAL A 19 -12.06 -6.48 10.54
N THR A 20 -11.90 -5.26 11.08
CA THR A 20 -11.73 -5.06 12.51
C THR A 20 -12.55 -3.85 12.97
N MET A 21 -12.80 -3.81 14.27
CA MET A 21 -13.45 -2.66 14.90
C MET A 21 -13.09 -2.71 16.38
N THR A 22 -13.17 -1.56 17.03
CA THR A 22 -12.65 -1.46 18.38
C THR A 22 -13.62 -0.73 19.30
N CYS A 23 -13.53 -1.08 20.57
CA CYS A 23 -14.17 -0.34 21.64
C CYS A 23 -13.08 -0.01 22.66
N GLN A 24 -13.00 1.26 23.07
CA GLN A 24 -12.08 1.70 24.10
C GLN A 24 -12.85 2.08 25.35
N ALA A 25 -12.45 1.51 26.50
CA ALA A 25 -13.09 1.83 27.76
C ALA A 25 -12.78 3.27 28.17
N SER A 26 -13.72 3.88 28.89
CA SER A 26 -13.57 5.30 29.23
C SER A 26 -12.87 5.50 30.56
N GLN A 27 -12.49 4.42 31.24
CA GLN A 27 -11.70 4.49 32.47
C GLN A 27 -10.70 3.36 32.46
N ASP A 28 -9.60 3.55 33.18
CA ASP A 28 -8.52 2.56 33.26
C ASP A 28 -8.89 1.48 34.29
N THR A 29 -9.87 0.67 33.93
CA THR A 29 -10.33 -0.41 34.79
C THR A 29 -10.50 -1.69 33.99
N SER A 30 -10.33 -2.82 34.69
CA SER A 30 -10.60 -4.11 34.10
C SER A 30 -12.11 -4.35 34.00
N ILE A 31 -12.58 -4.77 32.83
CA ILE A 31 -14.00 -5.01 32.59
C ILE A 31 -14.15 -6.30 31.77
N ASN A 32 -15.34 -6.89 31.86
CA ASN A 32 -15.71 -8.05 31.07
C ASN A 32 -16.48 -7.56 29.83
N LEU A 33 -15.96 -7.86 28.64
CA LEU A 33 -16.45 -7.22 27.42
C LEU A 33 -16.96 -8.25 26.41
N ASN A 34 -18.17 -8.02 25.89
CA ASN A 34 -18.83 -8.91 24.95
C ASN A 34 -19.05 -8.22 23.61
N TRP A 35 -19.04 -9.01 22.53
CA TRP A 35 -19.39 -8.51 21.20
C TRP A 35 -20.66 -9.18 20.67
N PHE A 36 -21.49 -8.39 19.96
CA PHE A 36 -22.78 -8.82 19.45
C PHE A 36 -22.91 -8.46 17.96
N GLN A 37 -23.74 -9.24 17.28
CA GLN A 37 -24.14 -8.98 15.89
C GLN A 37 -25.65 -8.77 15.86
N GLN A 38 -26.11 -7.71 15.18
CA GLN A 38 -27.53 -7.43 15.07
C GLN A 38 -27.88 -7.06 13.64
N LYS A 39 -28.74 -7.83 13.06
CA LYS A 39 -29.28 -7.57 11.73
C LYS A 39 -30.55 -6.74 11.81
N PRO A 40 -30.85 -5.96 10.77
CA PRO A 40 -31.97 -5.01 10.85
C PRO A 40 -33.28 -5.69 11.23
N GLY A 41 -33.93 -5.14 12.27
CA GLY A 41 -35.19 -5.68 12.75
C GLY A 41 -35.08 -6.93 13.60
N LYS A 42 -33.89 -7.38 13.94
CA LYS A 42 -33.71 -8.66 14.60
C LYS A 42 -33.12 -8.45 16.00
N ALA A 43 -33.08 -9.53 16.72
CA ALA A 43 -32.48 -9.47 18.04
C ALA A 43 -30.96 -9.64 17.95
N PRO A 44 -30.21 -8.99 18.82
CA PRO A 44 -28.75 -9.20 18.85
C PRO A 44 -28.44 -10.66 19.14
N LYS A 45 -27.29 -11.10 18.64
CA LYS A 45 -26.75 -12.42 18.92
C LYS A 45 -25.34 -12.30 19.46
N LEU A 46 -25.03 -13.08 20.50
CA LEU A 46 -23.75 -12.99 21.18
C LEU A 46 -22.69 -13.72 20.37
N LEU A 47 -21.56 -13.06 20.10
CA LEU A 47 -20.47 -13.68 19.37
C LEU A 47 -19.32 -14.05 20.27
N ILE A 48 -18.93 -13.14 21.16
CA ILE A 48 -17.69 -13.20 21.91
C ILE A 48 -18.01 -12.68 23.30
N TYR A 49 -17.57 -13.41 24.33
CA TYR A 49 -17.72 -12.95 25.70
C TYR A 49 -16.36 -12.98 26.39
N GLY A 50 -16.17 -12.10 27.36
CA GLY A 50 -14.87 -12.04 28.01
C GLY A 50 -13.74 -11.70 27.05
N ALA A 51 -13.97 -10.72 26.17
CA ALA A 51 -12.97 -10.19 25.23
C ALA A 51 -12.59 -11.16 24.11
N SER A 52 -12.43 -12.44 24.42
CA SER A 52 -11.90 -13.37 23.43
C SER A 52 -12.56 -14.74 23.38
N ASN A 53 -13.50 -15.06 24.25
CA ASN A 53 -14.09 -16.39 24.26
C ASN A 53 -15.23 -16.49 23.26
N LEU A 54 -15.15 -17.49 22.38
CA LEU A 54 -16.10 -17.68 21.29
C LEU A 54 -17.38 -18.34 21.81
N GLU A 55 -18.53 -17.71 21.57
CA GLU A 55 -19.80 -18.30 21.98
C GLU A 55 -20.08 -19.56 21.16
N ASP A 56 -20.70 -20.56 21.80
CA ASP A 56 -20.90 -21.83 21.13
C ASP A 56 -21.79 -21.67 19.91
N GLY A 57 -21.41 -22.31 18.82
CA GLY A 57 -22.12 -22.19 17.57
C GLY A 57 -21.73 -21.01 16.71
N VAL A 58 -20.84 -20.14 17.19
CA VAL A 58 -20.36 -19.02 16.38
C VAL A 58 -19.09 -19.44 15.65
N PRO A 59 -18.97 -19.10 14.36
CA PRO A 59 -17.76 -19.50 13.61
C PRO A 59 -16.50 -18.85 14.15
N SER A 60 -15.37 -19.59 14.07
CA SER A 60 -14.09 -19.04 14.51
C SER A 60 -13.51 -18.02 13.53
N ARG A 61 -14.23 -17.69 12.46
CA ARG A 61 -13.97 -16.48 11.69
C ARG A 61 -14.08 -15.23 12.56
N PHE A 62 -14.81 -15.31 13.67
CA PHE A 62 -14.95 -14.22 14.63
C PHE A 62 -13.94 -14.45 15.76
N SER A 63 -13.24 -13.39 16.16
CA SER A 63 -12.32 -13.47 17.29
C SER A 63 -12.20 -12.11 17.92
N GLY A 64 -11.86 -12.09 19.20
CA GLY A 64 -11.67 -10.85 19.92
C GLY A 64 -10.36 -10.84 20.67
N SER A 65 -9.80 -9.64 20.83
CA SER A 65 -8.58 -9.47 21.62
C SER A 65 -8.69 -8.22 22.47
N ARG A 66 -7.81 -8.15 23.48
CA ARG A 66 -7.70 -7.01 24.38
C ARG A 66 -6.25 -6.56 24.44
N TYR A 67 -6.03 -5.25 24.29
CA TYR A 67 -4.72 -4.64 24.50
C TYR A 67 -4.92 -3.45 25.43
N GLY A 68 -4.59 -3.64 26.70
CA GLY A 68 -4.91 -2.64 27.71
C GLY A 68 -6.40 -2.47 27.89
N THR A 69 -6.91 -1.29 27.54
CA THR A 69 -8.33 -1.00 27.59
C THR A 69 -8.93 -0.84 26.19
N ASP A 70 -8.18 -1.22 25.17
CA ASP A 70 -8.65 -1.30 23.80
C ASP A 70 -9.08 -2.73 23.48
N PHE A 71 -10.35 -2.91 23.11
CA PHE A 71 -10.87 -4.21 22.72
C PHE A 71 -11.17 -4.25 21.22
N THR A 72 -10.79 -5.33 20.56
CA THR A 72 -10.89 -5.45 19.12
C THR A 72 -11.71 -6.68 18.72
N LEU A 73 -12.67 -6.49 17.82
CA LEU A 73 -13.36 -7.58 17.17
C LEU A 73 -12.81 -7.75 15.76
N THR A 74 -12.45 -8.98 15.39
CA THR A 74 -11.92 -9.27 14.06
C THR A 74 -12.79 -10.31 13.39
N ILE A 75 -13.07 -10.09 12.10
CA ILE A 75 -13.86 -11.00 11.28
C ILE A 75 -13.03 -11.36 10.05
N SER A 76 -12.76 -12.64 9.87
CA SER A 76 -12.03 -13.08 8.67
C SER A 76 -12.97 -13.78 7.70
N SER A 77 -12.46 -13.99 6.48
CA SER A 77 -13.21 -14.57 5.36
C SER A 77 -14.63 -14.03 5.26
N LEU A 78 -14.74 -12.71 5.09
CA LEU A 78 -16.03 -12.02 5.10
C LEU A 78 -17.01 -12.70 4.16
N GLU A 79 -18.25 -12.88 4.63
CA GLU A 79 -19.33 -13.50 3.88
C GLU A 79 -20.55 -12.58 3.84
N ASP A 80 -21.45 -12.84 2.88
CA ASP A 80 -22.67 -12.04 2.78
C ASP A 80 -23.44 -12.05 4.09
N GLU A 81 -23.55 -13.22 4.72
CA GLU A 81 -24.25 -13.36 5.99
C GLU A 81 -23.67 -12.51 7.12
N ASP A 82 -22.49 -11.90 6.94
CA ASP A 82 -21.91 -11.08 7.99
C ASP A 82 -22.36 -9.64 7.92
N MET A 83 -23.09 -9.26 6.88
CA MET A 83 -23.64 -7.91 6.78
C MET A 83 -24.62 -7.64 7.93
N ALA A 84 -24.29 -6.64 8.76
CA ALA A 84 -24.95 -6.44 10.04
C ALA A 84 -24.38 -5.23 10.76
N THR A 85 -24.93 -4.90 11.93
CA THR A 85 -24.31 -3.95 12.84
C THR A 85 -23.75 -4.70 14.04
N TYR A 86 -22.57 -4.28 14.48
CA TYR A 86 -21.83 -4.95 15.55
C TYR A 86 -21.65 -3.97 16.70
N PHE A 87 -21.82 -4.44 17.94
CA PHE A 87 -21.61 -3.56 19.08
C PHE A 87 -21.06 -4.34 20.27
N CYS A 88 -20.39 -3.62 21.16
CA CYS A 88 -19.81 -4.19 22.37
C CYS A 88 -20.65 -3.83 23.58
N LEU A 89 -20.40 -4.57 24.67
CA LEU A 89 -21.14 -4.45 25.93
C LEU A 89 -20.17 -4.56 27.10
N GLN A 90 -20.14 -3.52 27.93
CA GLN A 90 -19.39 -3.50 29.19
C GLN A 90 -20.33 -4.03 30.28
N HIS A 91 -20.07 -5.26 30.79
CA HIS A 91 -20.98 -5.77 31.82
C HIS A 91 -20.29 -6.14 33.13
N THR A 92 -19.49 -5.22 33.67
CA THR A 92 -18.88 -5.33 34.98
C THR A 92 -19.42 -4.29 35.96
N TYR A 93 -19.38 -3.01 35.61
CA TYR A 93 -19.81 -1.93 36.48
C TYR A 93 -21.20 -1.44 36.09
N LEU A 94 -22.07 -1.24 37.11
CA LEU A 94 -23.37 -0.63 36.91
C LEU A 94 -23.21 0.89 36.79
N PRO A 95 -23.88 1.53 35.82
CA PRO A 95 -24.74 0.92 34.81
C PRO A 95 -23.96 0.26 33.67
N PHE A 96 -24.46 -0.83 33.12
CA PHE A 96 -23.84 -1.40 31.93
C PHE A 96 -23.90 -0.40 30.78
N THR A 97 -22.92 -0.47 29.88
CA THR A 97 -22.92 0.42 28.71
C THR A 97 -22.58 -0.36 27.44
N PHE A 98 -23.02 0.20 26.33
CA PHE A 98 -22.84 -0.34 24.99
C PHE A 98 -22.08 0.67 24.13
N GLY A 99 -21.25 0.15 23.24
CA GLY A 99 -20.71 0.96 22.17
C GLY A 99 -21.79 1.33 21.17
N SER A 100 -21.54 2.44 20.45
CA SER A 100 -22.56 3.01 19.59
C SER A 100 -22.76 2.25 18.29
N GLY A 101 -21.89 1.29 17.98
CA GLY A 101 -22.15 0.37 16.89
C GLY A 101 -21.28 0.62 15.66
N THR A 102 -21.00 -0.46 14.93
CA THR A 102 -20.29 -0.42 13.66
C THR A 102 -21.13 -1.14 12.60
N LYS A 103 -21.54 -0.42 11.57
CA LYS A 103 -22.36 -0.98 10.50
C LYS A 103 -21.47 -1.49 9.37
N LEU A 104 -21.62 -2.77 9.01
CA LEU A 104 -20.69 -3.45 8.11
C LEU A 104 -21.36 -3.71 6.76
N GLU A 105 -20.86 -3.03 5.72
CA GLU A 105 -21.36 -3.12 4.36
C GLU A 105 -20.45 -3.99 3.50
N ILE A 106 -21.05 -4.70 2.54
CA ILE A 106 -20.30 -5.56 1.63
C ILE A 106 -20.18 -4.86 0.29
N LYS A 107 -18.94 -4.77 -0.21
CA LYS A 107 -18.70 -4.24 -1.55
C LYS A 107 -19.13 -5.23 -2.62
N ARG A 108 -19.51 -4.70 -3.77
CA ARG A 108 -19.80 -5.47 -4.96
C ARG A 108 -19.61 -4.56 -6.16
N ALA A 109 -19.77 -5.13 -7.34
CA ALA A 109 -19.64 -4.35 -8.57
C ALA A 109 -20.81 -3.38 -8.72
N ASP A 110 -20.54 -2.22 -9.31
CA ASP A 110 -21.60 -1.26 -9.55
C ASP A 110 -22.70 -1.88 -10.41
N ALA A 111 -23.92 -1.39 -10.20
CA ALA A 111 -25.09 -1.89 -10.92
C ALA A 111 -26.10 -0.76 -11.06
N ALA A 112 -26.66 -0.61 -12.25
CA ALA A 112 -27.68 0.39 -12.52
C ALA A 112 -29.03 -0.11 -12.03
N PRO A 113 -29.89 0.80 -11.55
CA PRO A 113 -31.21 0.38 -11.07
C PRO A 113 -32.06 -0.21 -12.19
N THR A 114 -32.94 -1.13 -11.81
CA THR A 114 -34.09 -1.46 -12.63
C THR A 114 -35.23 -0.51 -12.23
N VAL A 115 -35.68 0.33 -13.17
CA VAL A 115 -36.67 1.37 -12.88
C VAL A 115 -38.04 0.98 -13.42
N SER A 116 -39.07 1.18 -12.61
CA SER A 116 -40.47 0.90 -12.93
C SER A 116 -41.35 2.02 -12.40
N ILE A 117 -42.18 2.60 -13.27
CA ILE A 117 -43.08 3.69 -12.91
C ILE A 117 -44.53 3.21 -12.99
N PHE A 118 -45.36 3.70 -12.06
CA PHE A 118 -46.76 3.28 -11.96
C PHE A 118 -47.68 4.50 -11.84
N PRO A 119 -48.65 4.66 -12.73
CA PRO A 119 -49.62 5.78 -12.58
C PRO A 119 -50.52 5.56 -11.38
N PRO A 120 -51.25 6.59 -10.92
CA PRO A 120 -52.20 6.40 -9.82
C PRO A 120 -53.18 5.29 -10.14
N SER A 121 -53.61 4.59 -9.10
CA SER A 121 -54.65 3.60 -9.25
C SER A 121 -56.03 4.25 -9.31
N SER A 122 -56.97 3.53 -9.91
CA SER A 122 -58.32 4.06 -10.07
C SER A 122 -58.99 4.27 -8.72
N GLU A 123 -58.75 3.37 -7.78
CA GLU A 123 -59.36 3.49 -6.46
C GLU A 123 -58.84 4.73 -5.75
N GLN A 124 -57.54 5.02 -5.87
CA GLN A 124 -57.03 6.22 -5.21
C GLN A 124 -57.64 7.48 -5.80
N LEU A 125 -57.78 7.52 -7.12
CA LEU A 125 -58.31 8.71 -7.78
C LEU A 125 -59.74 9.00 -7.32
N THR A 126 -60.52 7.95 -7.00
CA THR A 126 -61.89 8.15 -6.52
C THR A 126 -61.92 8.93 -5.21
N SER A 127 -60.88 8.81 -4.39
CA SER A 127 -60.81 9.55 -3.13
C SER A 127 -60.17 10.92 -3.28
N GLY A 128 -59.78 11.30 -4.50
CA GLY A 128 -59.22 12.62 -4.75
C GLY A 128 -57.70 12.71 -4.68
N GLY A 129 -57.01 11.59 -4.46
CA GLY A 129 -55.56 11.58 -4.40
C GLY A 129 -54.95 10.96 -5.64
N ALA A 130 -53.67 11.26 -5.94
CA ALA A 130 -53.02 10.75 -7.14
C ALA A 130 -51.53 10.59 -6.85
N SER A 131 -51.13 9.37 -6.48
CA SER A 131 -49.73 9.09 -6.21
C SER A 131 -49.13 8.38 -7.41
N VAL A 132 -47.99 8.90 -7.88
CA VAL A 132 -47.20 8.25 -8.91
C VAL A 132 -46.02 7.58 -8.22
N VAL A 133 -45.84 6.30 -8.44
CA VAL A 133 -44.85 5.49 -7.71
C VAL A 133 -43.73 5.09 -8.66
N CYS A 134 -42.49 5.28 -8.21
CA CYS A 134 -41.32 4.86 -8.97
C CYS A 134 -40.45 3.98 -8.09
N PHE A 135 -40.18 2.75 -8.55
CA PHE A 135 -39.25 1.83 -7.89
C PHE A 135 -37.91 1.85 -8.61
N LEU A 136 -36.81 1.96 -7.86
CA LEU A 136 -35.44 1.89 -8.38
C LEU A 136 -34.78 0.72 -7.67
N ASN A 137 -34.68 -0.42 -8.35
CA ASN A 137 -34.46 -1.68 -7.67
C ASN A 137 -33.09 -2.28 -8.00
N ASN A 138 -32.42 -2.79 -6.97
CA ASN A 138 -31.21 -3.60 -7.09
C ASN A 138 -30.08 -2.85 -7.79
N PHE A 139 -29.62 -1.77 -7.14
CA PHE A 139 -28.54 -0.96 -7.66
C PHE A 139 -27.41 -0.89 -6.64
N TYR A 140 -26.24 -0.42 -7.11
CA TYR A 140 -25.03 -0.30 -6.30
C TYR A 140 -24.11 0.76 -6.90
N PRO A 141 -23.54 1.67 -6.10
CA PRO A 141 -23.65 1.80 -4.64
C PRO A 141 -24.94 2.51 -4.22
N LYS A 142 -25.07 2.79 -2.91
CA LYS A 142 -26.34 3.28 -2.37
C LYS A 142 -26.66 4.70 -2.82
N ASP A 143 -25.64 5.52 -3.08
CA ASP A 143 -25.84 6.92 -3.46
C ASP A 143 -26.46 7.02 -4.85
N ILE A 144 -27.74 7.40 -4.92
CA ILE A 144 -28.41 7.63 -6.21
C ILE A 144 -29.47 8.71 -6.02
N ASN A 145 -29.72 9.47 -7.08
CA ASN A 145 -30.60 10.64 -7.04
C ASN A 145 -31.79 10.40 -7.96
N VAL A 146 -32.99 10.72 -7.49
CA VAL A 146 -34.21 10.63 -8.29
C VAL A 146 -34.67 12.04 -8.63
N LYS A 147 -35.09 12.22 -9.88
CA LYS A 147 -35.60 13.48 -10.38
C LYS A 147 -36.94 13.21 -11.04
N TRP A 148 -37.96 14.00 -10.67
CA TRP A 148 -39.29 13.88 -11.26
C TRP A 148 -39.52 15.05 -12.22
N LYS A 149 -40.22 14.78 -13.33
CA LYS A 149 -40.56 15.83 -14.29
C LYS A 149 -42.02 15.68 -14.71
N ILE A 150 -42.73 16.80 -14.77
CA ILE A 150 -44.13 16.82 -15.16
C ILE A 150 -44.23 17.70 -16.41
N ASP A 151 -44.63 17.08 -17.53
CA ASP A 151 -44.64 17.77 -18.82
C ASP A 151 -43.30 18.45 -19.09
N GLY A 152 -42.22 17.77 -18.71
CA GLY A 152 -40.88 18.23 -19.00
C GLY A 152 -40.28 19.20 -18.01
N SER A 153 -41.04 19.65 -17.02
CA SER A 153 -40.55 20.58 -16.01
C SER A 153 -40.30 19.84 -14.70
N GLU A 154 -39.19 20.15 -14.05
CA GLU A 154 -38.82 19.46 -12.82
C GLU A 154 -39.79 19.82 -11.70
N ARG A 155 -39.98 18.87 -10.78
CA ARG A 155 -40.91 19.02 -9.67
C ARG A 155 -40.31 18.42 -8.41
N GLN A 156 -40.31 19.19 -7.32
CA GLN A 156 -39.75 18.73 -6.04
C GLN A 156 -40.80 18.53 -4.96
N ASN A 157 -41.86 19.32 -4.96
CA ASN A 157 -42.87 19.27 -3.90
C ASN A 157 -43.67 17.98 -3.98
N GLY A 158 -43.91 17.37 -2.82
CA GLY A 158 -44.73 16.19 -2.76
C GLY A 158 -44.02 14.89 -3.08
N VAL A 159 -42.69 14.87 -3.03
CA VAL A 159 -41.92 13.68 -3.30
C VAL A 159 -41.44 13.08 -1.99
N LEU A 160 -41.76 11.80 -1.78
CA LEU A 160 -41.29 11.02 -0.64
C LEU A 160 -40.44 9.86 -1.14
N ASN A 161 -39.23 9.73 -0.57
CA ASN A 161 -38.29 8.67 -0.92
C ASN A 161 -38.04 7.77 0.29
N SER A 162 -37.82 6.48 0.03
CA SER A 162 -37.52 5.50 1.07
C SER A 162 -36.53 4.46 0.53
N TRP A 163 -35.54 4.09 1.36
CA TRP A 163 -34.48 3.16 0.98
C TRP A 163 -34.53 1.88 1.78
N THR A 164 -34.36 0.74 1.11
CA THR A 164 -34.18 -0.50 1.85
C THR A 164 -32.77 -0.57 2.46
N ASP A 165 -32.63 -1.45 3.46
CA ASP A 165 -31.30 -1.85 3.90
C ASP A 165 -30.62 -2.66 2.79
N GLN A 166 -29.30 -2.79 2.90
CA GLN A 166 -28.56 -3.55 1.90
C GLN A 166 -29.07 -4.99 1.86
N ASP A 167 -29.31 -5.49 0.65
CA ASP A 167 -29.84 -6.84 0.47
C ASP A 167 -28.80 -7.89 0.86
N SER A 168 -29.23 -8.90 1.61
CA SER A 168 -28.27 -9.84 2.15
C SER A 168 -27.88 -10.96 1.19
N LYS A 169 -28.52 -11.05 0.02
CA LYS A 169 -28.19 -12.04 -1.00
C LYS A 169 -27.20 -11.50 -2.04
N ASP A 170 -27.44 -10.28 -2.54
CA ASP A 170 -26.66 -9.72 -3.65
C ASP A 170 -26.00 -8.38 -3.33
N SER A 171 -26.17 -7.86 -2.11
CA SER A 171 -25.50 -6.67 -1.62
C SER A 171 -25.92 -5.40 -2.36
N THR A 172 -27.05 -5.42 -3.05
CA THR A 172 -27.56 -4.22 -3.67
C THR A 172 -28.48 -3.46 -2.72
N TYR A 173 -28.89 -2.30 -3.20
CA TYR A 173 -29.86 -1.41 -2.57
C TYR A 173 -31.02 -1.19 -3.53
N SER A 174 -32.18 -0.83 -2.97
CA SER A 174 -33.34 -0.42 -3.75
C SER A 174 -33.95 0.81 -3.08
N MET A 175 -34.74 1.54 -3.86
CA MET A 175 -35.40 2.71 -3.30
C MET A 175 -36.75 2.92 -3.97
N SER A 176 -37.65 3.53 -3.23
CA SER A 176 -38.97 3.88 -3.73
C SER A 176 -39.13 5.39 -3.67
N SER A 177 -39.73 5.97 -4.71
CA SER A 177 -40.00 7.40 -4.80
C SER A 177 -41.45 7.60 -5.23
N THR A 178 -42.19 8.38 -4.45
CA THR A 178 -43.64 8.57 -4.63
C THR A 178 -43.96 10.05 -4.73
N LEU A 179 -44.47 10.48 -5.89
CA LEU A 179 -44.95 11.85 -6.12
C LEU A 179 -46.44 11.86 -5.87
N THR A 180 -46.86 12.53 -4.81
CA THR A 180 -48.28 12.51 -4.46
C THR A 180 -48.90 13.84 -4.85
N LEU A 181 -49.89 13.78 -5.74
CA LEU A 181 -50.64 14.93 -6.22
C LEU A 181 -52.10 14.79 -5.80
N THR A 182 -52.83 15.90 -5.89
CA THR A 182 -54.28 15.77 -5.91
C THR A 182 -54.74 15.33 -7.28
N LYS A 183 -55.92 14.74 -7.34
CA LYS A 183 -56.48 14.37 -8.63
C LYS A 183 -56.63 15.59 -9.53
N ASP A 184 -57.05 16.72 -8.96
CA ASP A 184 -57.17 17.98 -9.71
C ASP A 184 -55.90 18.28 -10.49
N GLU A 185 -54.76 18.31 -9.81
CA GLU A 185 -53.51 18.64 -10.50
C GLU A 185 -53.07 17.52 -11.46
N TYR A 186 -53.27 16.25 -11.07
CA TYR A 186 -52.83 15.14 -11.91
C TYR A 186 -53.55 15.16 -13.26
N GLU A 187 -54.85 15.46 -13.27
CA GLU A 187 -55.60 15.51 -14.52
C GLU A 187 -55.26 16.72 -15.40
N ARG A 188 -54.54 17.71 -14.90
CA ARG A 188 -54.19 18.89 -15.69
C ARG A 188 -52.89 18.73 -16.44
N HIS A 189 -52.20 17.59 -16.30
CA HIS A 189 -50.92 17.36 -16.95
C HIS A 189 -50.93 15.98 -17.58
N ASN A 190 -49.95 15.72 -18.44
CA ASN A 190 -49.99 14.53 -19.28
C ASN A 190 -48.78 13.63 -19.11
N SER A 191 -47.57 14.16 -19.13
CA SER A 191 -46.37 13.35 -19.13
C SER A 191 -45.71 13.38 -17.74
N TYR A 192 -45.51 12.20 -17.16
CA TYR A 192 -44.90 12.06 -15.84
C TYR A 192 -43.64 11.22 -15.98
N THR A 193 -42.51 11.74 -15.50
CA THR A 193 -41.21 11.11 -15.73
C THR A 193 -40.45 10.93 -14.43
N CYS A 194 -39.93 9.73 -14.22
CA CYS A 194 -39.01 9.42 -13.14
C CYS A 194 -37.61 9.16 -13.71
N GLU A 195 -36.60 9.82 -13.15
CA GLU A 195 -35.23 9.75 -13.67
C GLU A 195 -34.24 9.40 -12.57
N ALA A 196 -33.46 8.33 -12.78
CA ALA A 196 -32.42 7.89 -11.85
C ALA A 196 -31.04 8.31 -12.36
N THR A 197 -30.32 9.06 -11.55
CA THR A 197 -28.95 9.47 -11.87
C THR A 197 -28.08 9.27 -10.64
N HIS A 198 -26.76 9.36 -10.84
CA HIS A 198 -25.86 9.40 -9.69
C HIS A 198 -24.90 10.57 -9.83
N LYS A 199 -24.12 10.76 -8.77
CA LYS A 199 -23.14 11.83 -8.69
C LYS A 199 -22.23 11.82 -9.92
N THR A 200 -21.94 13.02 -10.43
CA THR A 200 -21.06 13.25 -11.57
C THR A 200 -21.66 12.76 -12.88
N SER A 201 -22.10 11.50 -12.92
CA SER A 201 -22.62 10.93 -14.16
C SER A 201 -23.77 11.77 -14.72
N THR A 202 -23.78 11.90 -16.05
CA THR A 202 -24.74 12.75 -16.73
C THR A 202 -25.75 11.97 -17.55
N SER A 203 -25.69 10.64 -17.55
CA SER A 203 -26.56 9.82 -18.37
C SER A 203 -27.57 9.06 -17.51
N PRO A 204 -28.78 9.59 -17.33
CA PRO A 204 -29.71 8.98 -16.39
C PRO A 204 -30.48 7.84 -17.02
N ILE A 205 -31.10 7.02 -16.15
CA ILE A 205 -32.09 6.02 -16.54
C ILE A 205 -33.48 6.63 -16.35
N VAL A 206 -34.30 6.58 -17.40
CA VAL A 206 -35.53 7.35 -17.50
C VAL A 206 -36.70 6.40 -17.72
N LYS A 207 -37.75 6.51 -16.90
CA LYS A 207 -39.03 5.87 -17.17
C LYS A 207 -40.13 6.92 -17.05
N SER A 208 -41.10 6.85 -17.95
CA SER A 208 -42.17 7.83 -17.98
C SER A 208 -43.39 7.21 -18.61
N PHE A 209 -44.53 7.89 -18.44
CA PHE A 209 -45.78 7.52 -19.08
C PHE A 209 -46.56 8.79 -19.38
N ASN A 210 -47.64 8.63 -20.16
CA ASN A 210 -48.56 9.72 -20.48
C ASN A 210 -49.96 9.31 -20.04
N ARG A 211 -50.60 10.16 -19.23
CA ARG A 211 -51.94 9.91 -18.70
C ARG A 211 -52.96 9.67 -19.82
N GLN B 1 -34.17 -25.21 23.86
CA GLN B 1 -33.91 -23.89 23.33
C GLN B 1 -34.28 -22.82 24.33
N VAL B 2 -33.28 -22.07 24.79
CA VAL B 2 -33.56 -20.85 25.56
C VAL B 2 -34.29 -19.86 24.65
N GLN B 3 -35.45 -19.40 25.09
CA GLN B 3 -36.19 -18.43 24.30
C GLN B 3 -36.79 -17.36 25.20
N LEU B 4 -36.75 -16.12 24.72
CA LEU B 4 -37.39 -14.99 25.36
C LEU B 4 -38.38 -14.41 24.37
N GLN B 5 -39.65 -14.45 24.72
CA GLN B 5 -40.74 -14.04 23.84
C GLN B 5 -41.43 -12.83 24.46
N GLN B 6 -41.35 -11.68 23.78
CA GLN B 6 -41.87 -10.41 24.25
C GLN B 6 -43.26 -10.13 23.68
N SER B 7 -43.98 -9.24 24.36
CA SER B 7 -45.31 -8.81 23.93
C SER B 7 -45.25 -7.91 22.70
N ASP B 8 -46.41 -7.74 22.06
CA ASP B 8 -46.53 -7.04 20.79
C ASP B 8 -46.19 -5.56 20.93
N ALA B 9 -45.99 -4.92 19.77
CA ALA B 9 -45.87 -3.47 19.70
C ALA B 9 -47.09 -2.79 20.30
N GLU B 10 -46.86 -1.62 20.92
CA GLU B 10 -47.92 -0.88 21.60
C GLU B 10 -47.90 0.59 21.21
N LEU B 11 -49.10 1.16 21.04
CA LEU B 11 -49.32 2.61 20.92
C LEU B 11 -49.86 3.14 22.25
N VAL B 12 -49.17 4.12 22.84
CA VAL B 12 -49.53 4.66 24.14
C VAL B 12 -49.60 6.18 24.08
N LYS B 13 -50.60 6.77 24.78
CA LYS B 13 -50.74 8.22 24.77
C LYS B 13 -49.72 8.87 25.72
N PRO B 14 -49.20 10.04 25.37
CA PRO B 14 -48.22 10.70 26.25
C PRO B 14 -48.84 10.93 27.62
N GLY B 15 -48.04 10.63 28.66
CA GLY B 15 -48.51 10.67 30.02
C GLY B 15 -49.02 9.34 30.56
N ALA B 16 -49.42 8.42 29.69
CA ALA B 16 -49.95 7.14 30.14
C ALA B 16 -48.79 6.20 30.46
N SER B 17 -49.11 4.92 30.69
CA SER B 17 -48.16 3.91 31.13
C SER B 17 -48.24 2.70 30.20
N VAL B 18 -47.18 1.90 30.20
CA VAL B 18 -47.16 0.66 29.42
C VAL B 18 -46.45 -0.44 30.21
N LYS B 19 -46.95 -1.66 30.10
CA LYS B 19 -46.36 -2.81 30.75
C LYS B 19 -46.00 -3.84 29.67
N ILE B 20 -44.71 -4.20 29.62
CA ILE B 20 -44.15 -5.05 28.58
C ILE B 20 -43.73 -6.37 29.22
N SER B 21 -44.01 -7.47 28.54
CA SER B 21 -43.72 -8.80 29.08
C SER B 21 -42.59 -9.48 28.31
N CYS B 22 -41.94 -10.41 29.01
CA CYS B 22 -40.82 -11.19 28.49
C CYS B 22 -40.97 -12.61 29.05
N LYS B 23 -41.50 -13.54 28.25
CA LYS B 23 -41.74 -14.91 28.71
C LYS B 23 -40.54 -15.79 28.39
N ALA B 24 -39.89 -16.28 29.43
CA ALA B 24 -38.68 -17.07 29.32
C ALA B 24 -39.02 -18.56 29.34
N SER B 25 -38.30 -19.33 28.53
CA SER B 25 -38.48 -20.76 28.55
C SER B 25 -37.14 -21.41 28.23
N GLY B 26 -37.06 -22.72 28.48
CA GLY B 26 -35.85 -23.47 28.18
C GLY B 26 -34.79 -23.48 29.25
N TYR B 27 -35.05 -22.90 30.41
CA TYR B 27 -34.09 -22.86 31.51
C TYR B 27 -34.87 -22.55 32.77
N THR B 28 -34.23 -22.73 33.93
CA THR B 28 -34.97 -22.46 35.16
C THR B 28 -34.96 -20.96 35.42
N PHE B 29 -36.16 -20.37 35.42
CA PHE B 29 -36.38 -18.93 35.42
C PHE B 29 -35.74 -18.25 36.63
N THR B 30 -35.71 -18.92 37.77
CA THR B 30 -35.20 -18.33 39.00
C THR B 30 -33.69 -18.45 39.14
N ASP B 31 -32.98 -18.97 38.14
CA ASP B 31 -31.53 -19.06 38.23
C ASP B 31 -30.77 -18.02 37.39
N ARG B 32 -31.44 -17.19 36.59
CA ARG B 32 -30.72 -16.19 35.79
C ARG B 32 -31.37 -14.81 35.89
N THR B 33 -30.54 -13.77 35.87
CA THR B 33 -31.09 -12.43 35.81
C THR B 33 -31.70 -12.16 34.44
N ILE B 34 -32.56 -11.14 34.40
CA ILE B 34 -33.14 -10.63 33.17
C ILE B 34 -32.85 -9.14 33.11
N HIS B 35 -32.24 -8.71 32.02
CA HIS B 35 -31.89 -7.31 31.82
C HIS B 35 -32.79 -6.73 30.75
N TRP B 36 -32.96 -5.40 30.81
CA TRP B 36 -33.80 -4.68 29.87
C TRP B 36 -32.99 -3.57 29.22
N VAL B 37 -33.24 -3.33 27.93
CA VAL B 37 -32.39 -2.47 27.10
C VAL B 37 -33.27 -1.65 26.17
N LYS B 38 -32.94 -0.37 26.02
CA LYS B 38 -33.68 0.52 25.14
C LYS B 38 -32.88 0.77 23.86
N GLN B 39 -33.54 0.67 22.69
CA GLN B 39 -32.91 0.97 21.40
C GLN B 39 -33.72 1.99 20.60
N ARG B 40 -33.12 3.14 20.32
CA ARG B 40 -33.65 4.12 19.40
C ARG B 40 -32.75 4.22 18.16
N PRO B 41 -33.31 4.57 17.00
CA PRO B 41 -32.51 4.50 15.76
C PRO B 41 -31.27 5.36 15.76
N GLU B 42 -31.28 6.52 16.41
CA GLU B 42 -30.09 7.37 16.36
C GLU B 42 -29.31 7.45 17.67
N GLN B 43 -29.67 6.68 18.69
CA GLN B 43 -29.04 6.85 19.99
C GLN B 43 -28.11 5.71 20.38
N GLY B 44 -28.29 4.51 19.86
CA GLY B 44 -27.48 3.42 20.38
C GLY B 44 -27.91 2.95 21.77
N LEU B 45 -27.75 1.66 22.00
CA LEU B 45 -28.40 0.97 23.11
C LEU B 45 -28.10 1.62 24.45
N GLU B 46 -29.12 1.67 25.30
CA GLU B 46 -28.97 2.09 26.70
C GLU B 46 -29.45 0.97 27.62
N TRP B 47 -28.66 0.70 28.66
CA TRP B 47 -29.05 -0.27 29.68
C TRP B 47 -30.03 0.35 30.68
N ILE B 48 -31.14 -0.33 30.92
CA ILE B 48 -32.19 0.16 31.82
C ILE B 48 -32.01 -0.39 33.24
N GLY B 49 -31.76 -1.68 33.37
CA GLY B 49 -31.70 -2.32 34.67
C GLY B 49 -31.94 -3.81 34.55
N TYR B 50 -32.02 -4.47 35.70
CA TYR B 50 -32.18 -5.92 35.73
C TYR B 50 -32.93 -6.35 36.98
N ILE B 51 -33.54 -7.53 36.87
CA ILE B 51 -34.17 -8.21 38.00
C ILE B 51 -33.57 -9.60 38.08
N TYR B 52 -33.34 -10.07 39.30
CA TYR B 52 -33.05 -11.46 39.56
C TYR B 52 -34.30 -12.12 40.10
N PRO B 53 -35.00 -12.95 39.32
CA PRO B 53 -36.22 -13.59 39.85
C PRO B 53 -35.97 -14.47 41.07
N GLY B 54 -34.74 -14.93 41.29
CA GLY B 54 -34.39 -15.71 42.47
C GLY B 54 -34.82 -15.07 43.78
N ASP B 55 -34.39 -13.84 44.02
CA ASP B 55 -34.77 -13.10 45.22
C ASP B 55 -35.54 -11.83 44.89
N ASP B 56 -35.87 -11.61 43.61
CA ASP B 56 -36.58 -10.41 43.15
C ASP B 56 -35.85 -9.12 43.50
N SER B 57 -34.53 -9.19 43.62
CA SER B 57 -33.77 -7.96 43.73
C SER B 57 -33.76 -7.26 42.38
N THR B 58 -33.56 -5.94 42.40
CA THR B 58 -33.50 -5.17 41.16
C THR B 58 -32.39 -4.15 41.29
N LYS B 59 -31.84 -3.74 40.14
CA LYS B 59 -30.99 -2.56 40.05
C LYS B 59 -31.40 -1.75 38.84
N TYR B 60 -31.18 -0.45 38.90
CA TYR B 60 -31.59 0.46 37.83
C TYR B 60 -30.44 1.36 37.45
N ASN B 61 -30.38 1.68 36.16
CA ASN B 61 -29.68 2.87 35.71
C ASN B 61 -30.37 4.09 36.30
N ASP B 62 -29.57 5.05 36.78
CA ASP B 62 -30.14 6.27 37.35
C ASP B 62 -31.05 6.99 36.37
N MET B 63 -30.74 6.93 35.08
CA MET B 63 -31.60 7.56 34.08
C MET B 63 -33.02 7.00 34.08
N PHE B 64 -33.22 5.79 34.60
CA PHE B 64 -34.51 5.11 34.48
C PHE B 64 -35.14 4.72 35.82
N LYS B 65 -34.50 5.03 36.95
CA LYS B 65 -34.99 4.55 38.24
C LYS B 65 -36.39 5.09 38.55
N ALA B 66 -36.73 6.28 38.06
CA ALA B 66 -38.04 6.85 38.33
C ALA B 66 -39.11 6.34 37.36
N LYS B 67 -38.71 6.00 36.13
CA LYS B 67 -39.64 5.66 35.05
C LYS B 67 -39.92 4.17 34.90
N ALA B 68 -38.98 3.30 35.26
CA ALA B 68 -39.10 1.87 34.99
C ALA B 68 -39.36 1.10 36.29
N THR B 69 -40.26 0.12 36.22
CA THR B 69 -40.45 -0.83 37.32
C THR B 69 -40.34 -2.24 36.76
N LEU B 70 -39.32 -2.98 37.20
CA LEU B 70 -39.13 -4.35 36.79
C LEU B 70 -39.73 -5.30 37.81
N THR B 71 -40.56 -6.23 37.35
CA THR B 71 -41.18 -7.26 38.18
C THR B 71 -41.02 -8.62 37.51
N ALA B 72 -41.42 -9.66 38.23
CA ALA B 72 -41.31 -11.02 37.71
C ALA B 72 -42.40 -11.90 38.33
N ASP B 73 -42.80 -12.92 37.57
CA ASP B 73 -43.87 -13.85 37.96
C ASP B 73 -43.31 -15.26 37.70
N LYS B 74 -42.76 -15.87 38.75
CA LYS B 74 -42.09 -17.16 38.58
C LYS B 74 -43.06 -18.26 38.17
N SER B 75 -44.35 -18.13 38.48
CA SER B 75 -45.29 -19.21 38.13
C SER B 75 -45.55 -19.27 36.64
N SER B 76 -45.53 -18.12 35.96
CA SER B 76 -45.66 -18.06 34.50
C SER B 76 -44.34 -17.85 33.78
N ASN B 77 -43.23 -17.74 34.52
CA ASN B 77 -41.91 -17.57 33.93
C ASN B 77 -41.81 -16.29 33.10
N THR B 78 -42.46 -15.22 33.56
CA THR B 78 -42.52 -13.98 32.80
C THR B 78 -41.88 -12.84 33.60
N ALA B 79 -41.05 -12.06 32.94
CA ALA B 79 -40.58 -10.80 33.49
C ALA B 79 -41.34 -9.64 32.85
N TYR B 80 -41.53 -8.56 33.59
CA TYR B 80 -42.29 -7.43 33.15
C TYR B 80 -41.47 -6.16 33.33
N MET B 81 -41.71 -5.19 32.46
CA MET B 81 -41.20 -3.83 32.64
C MET B 81 -42.36 -2.85 32.48
N GLN B 82 -42.61 -2.08 33.52
CA GLN B 82 -43.61 -1.02 33.48
C GLN B 82 -42.88 0.31 33.26
N LEU B 83 -43.35 1.09 32.29
CA LEU B 83 -42.80 2.40 32.01
C LEU B 83 -43.91 3.43 32.22
N ASN B 84 -43.60 4.47 33.02
CA ASN B 84 -44.60 5.43 33.46
C ASN B 84 -44.36 6.80 32.85
N SER B 85 -45.42 7.62 32.86
CA SER B 85 -45.36 9.03 32.49
C SER B 85 -44.70 9.21 31.13
N LEU B 86 -45.22 8.48 30.16
CA LEU B 86 -44.53 8.36 28.87
C LEU B 86 -44.53 9.66 28.09
N THR B 87 -43.44 9.86 27.35
CA THR B 87 -43.22 11.04 26.55
C THR B 87 -42.65 10.57 25.21
N SER B 88 -42.61 11.48 24.23
CA SER B 88 -42.13 11.10 22.90
C SER B 88 -40.71 10.54 22.93
N ASP B 89 -39.91 10.97 23.90
CA ASP B 89 -38.56 10.43 24.06
C ASP B 89 -38.58 8.94 24.40
N ASP B 90 -39.70 8.43 24.91
CA ASP B 90 -39.78 7.02 25.28
C ASP B 90 -40.13 6.12 24.11
N SER B 91 -40.43 6.70 22.95
CA SER B 91 -40.65 5.88 21.76
C SER B 91 -39.36 5.19 21.37
N ALA B 92 -39.39 3.85 21.34
CA ALA B 92 -38.18 3.06 21.11
C ALA B 92 -38.57 1.58 21.04
N VAL B 93 -37.59 0.74 20.71
CA VAL B 93 -37.71 -0.70 20.84
C VAL B 93 -37.02 -1.13 22.14
N TYR B 94 -37.72 -1.89 22.95
CA TYR B 94 -37.24 -2.36 24.23
C TYR B 94 -36.96 -3.86 24.14
N PHE B 95 -35.79 -4.28 24.59
CA PHE B 95 -35.41 -5.68 24.61
C PHE B 95 -35.28 -6.19 26.04
N CYS B 96 -35.63 -7.46 26.26
CA CYS B 96 -35.16 -8.20 27.42
C CYS B 96 -34.01 -9.11 26.99
N ALA B 97 -33.14 -9.45 27.95
CA ALA B 97 -32.01 -10.34 27.67
C ALA B 97 -31.64 -11.13 28.92
N ARG B 98 -31.13 -12.35 28.71
CA ARG B 98 -30.79 -13.25 29.82
C ARG B 98 -29.36 -13.04 30.31
N ARG B 99 -29.17 -12.91 31.63
CA ARG B 99 -27.88 -12.75 32.30
C ARG B 99 -27.21 -11.39 32.03
N GLY B 100 -26.28 -10.99 32.90
CA GLY B 100 -25.47 -9.81 32.63
C GLY B 100 -24.66 -9.94 31.35
N THR B 101 -24.28 -11.16 30.98
CA THR B 101 -23.61 -11.41 29.72
C THR B 101 -24.56 -11.37 28.52
N MET B 102 -25.88 -11.40 28.75
CA MET B 102 -26.89 -11.22 27.71
C MET B 102 -26.73 -12.22 26.56
N ASP B 103 -26.79 -13.51 26.91
CA ASP B 103 -26.51 -14.52 25.92
C ASP B 103 -27.72 -14.93 25.08
N TYR B 104 -28.92 -14.50 25.46
CA TYR B 104 -30.11 -14.69 24.64
C TYR B 104 -30.97 -13.44 24.80
N TRP B 105 -31.53 -12.98 23.68
CA TRP B 105 -32.31 -11.75 23.63
C TRP B 105 -33.72 -12.05 23.15
N GLY B 106 -34.69 -11.34 23.71
CA GLY B 106 -36.03 -11.35 23.13
C GLY B 106 -36.04 -10.63 21.81
N GLN B 107 -37.17 -10.68 21.12
CA GLN B 107 -37.25 -10.14 19.78
C GLN B 107 -37.50 -8.62 19.74
N GLY B 108 -37.74 -7.98 20.88
CA GLY B 108 -37.95 -6.55 20.99
C GLY B 108 -39.42 -6.18 20.94
N THR B 109 -39.77 -5.08 21.63
CA THR B 109 -41.13 -4.54 21.66
C THR B 109 -41.06 -3.06 21.30
N SER B 110 -41.71 -2.70 20.21
CA SER B 110 -41.71 -1.33 19.73
C SER B 110 -42.83 -0.54 20.41
N VAL B 111 -42.48 0.51 21.14
CA VAL B 111 -43.45 1.36 21.82
C VAL B 111 -43.51 2.70 21.10
N THR B 112 -44.73 3.12 20.74
CA THR B 112 -44.99 4.42 20.15
C THR B 112 -45.76 5.28 21.16
N VAL B 113 -45.18 6.41 21.55
CA VAL B 113 -45.85 7.38 22.43
C VAL B 113 -46.31 8.53 21.56
N SER B 114 -47.63 8.72 21.46
CA SER B 114 -48.19 9.69 20.53
C SER B 114 -49.67 9.88 20.81
N SER B 115 -50.16 11.10 20.61
CA SER B 115 -51.59 11.32 20.79
C SER B 115 -52.38 11.20 19.50
N ALA B 116 -51.72 11.05 18.36
CA ALA B 116 -52.42 10.84 17.09
C ALA B 116 -53.30 9.58 17.14
N LYS B 117 -54.31 9.58 16.27
CA LYS B 117 -55.40 8.61 16.30
C LYS B 117 -55.07 7.36 15.49
N THR B 118 -55.39 6.20 16.02
CA THR B 118 -55.26 4.96 15.24
C THR B 118 -56.13 5.05 13.99
N THR B 119 -55.53 4.71 12.83
CA THR B 119 -56.11 4.86 11.49
C THR B 119 -55.71 3.68 10.61
N PRO B 120 -56.64 2.99 9.99
CA PRO B 120 -56.29 1.83 9.17
C PRO B 120 -55.82 2.27 7.80
N PRO B 121 -55.09 1.43 7.08
CA PRO B 121 -54.47 1.86 5.83
C PRO B 121 -55.41 1.73 4.64
N SER B 122 -55.21 2.62 3.67
CA SER B 122 -55.73 2.42 2.34
C SER B 122 -54.69 1.67 1.53
N VAL B 123 -55.10 0.60 0.86
CA VAL B 123 -54.19 -0.23 0.07
C VAL B 123 -54.56 -0.09 -1.40
N TYR B 124 -53.59 0.35 -2.21
CA TYR B 124 -53.81 0.59 -3.62
C TYR B 124 -52.94 -0.34 -4.46
N PRO B 125 -53.50 -1.01 -5.46
CA PRO B 125 -52.69 -1.91 -6.28
C PRO B 125 -51.92 -1.13 -7.32
N LEU B 126 -50.70 -1.59 -7.61
CA LEU B 126 -49.81 -0.99 -8.60
C LEU B 126 -49.59 -2.03 -9.71
N ALA B 127 -50.28 -1.87 -10.83
CA ALA B 127 -50.05 -2.66 -12.02
C ALA B 127 -49.39 -1.81 -13.09
N PRO B 128 -48.68 -2.42 -14.04
CA PRO B 128 -48.03 -1.63 -15.10
C PRO B 128 -49.05 -0.82 -15.88
N GLY B 129 -48.63 0.38 -16.31
CA GLY B 129 -49.49 1.23 -17.11
C GLY B 129 -49.94 0.55 -18.39
N SER B 130 -51.06 1.05 -18.92
CA SER B 130 -51.68 0.42 -20.08
C SER B 130 -50.77 0.44 -21.30
N ALA B 131 -49.84 1.39 -21.36
CA ALA B 131 -48.82 1.45 -22.41
C ALA B 131 -47.53 0.73 -22.02
N ALA B 132 -47.64 -0.34 -21.23
CA ALA B 132 -46.46 -1.05 -20.75
C ALA B 132 -45.69 -1.67 -21.92
N GLN B 133 -44.37 -1.80 -21.72
CA GLN B 133 -43.50 -2.49 -22.65
C GLN B 133 -42.95 -3.72 -21.95
N THR B 134 -43.00 -4.86 -22.62
CA THR B 134 -42.80 -6.15 -21.97
C THR B 134 -41.38 -6.68 -22.17
N ASN B 135 -40.86 -7.33 -21.12
CA ASN B 135 -39.66 -8.16 -21.20
C ASN B 135 -39.87 -9.43 -20.37
N SER B 136 -38.79 -10.05 -19.88
CA SER B 136 -38.92 -11.36 -19.25
C SER B 136 -39.41 -11.30 -17.80
N MET B 137 -39.25 -10.17 -17.10
CA MET B 137 -39.78 -10.00 -15.76
C MET B 137 -40.79 -8.86 -15.73
N VAL B 138 -41.81 -8.96 -14.87
CA VAL B 138 -42.71 -7.84 -14.55
C VAL B 138 -42.52 -7.48 -13.09
N THR B 139 -42.58 -6.19 -12.80
CA THR B 139 -42.62 -5.70 -11.43
C THR B 139 -44.01 -5.15 -11.14
N LEU B 140 -44.61 -5.65 -10.05
CA LEU B 140 -45.89 -5.21 -9.51
C LEU B 140 -45.64 -4.55 -8.16
N GLY B 141 -46.67 -3.87 -7.63
CA GLY B 141 -46.51 -3.17 -6.38
C GLY B 141 -47.78 -3.03 -5.58
N CYS B 142 -47.63 -2.62 -4.31
CA CYS B 142 -48.72 -2.28 -3.41
C CYS B 142 -48.38 -0.97 -2.74
N LEU B 143 -49.31 -0.03 -2.73
CA LEU B 143 -49.11 1.25 -2.07
C LEU B 143 -50.01 1.30 -0.85
N VAL B 144 -49.41 1.51 0.33
CA VAL B 144 -50.11 1.44 1.62
C VAL B 144 -50.03 2.83 2.25
N LYS B 145 -51.16 3.49 2.35
CA LYS B 145 -51.15 4.93 2.59
C LYS B 145 -52.10 5.30 3.72
N GLY B 146 -51.68 6.25 4.54
CA GLY B 146 -52.56 6.92 5.50
C GLY B 146 -52.93 6.11 6.71
N TYR B 147 -51.99 5.41 7.32
CA TYR B 147 -52.29 4.59 8.48
C TYR B 147 -51.52 5.08 9.68
N PHE B 148 -51.95 4.64 10.86
CA PHE B 148 -51.27 4.95 12.11
C PHE B 148 -51.79 4.03 13.20
N PRO B 149 -50.93 3.56 14.11
CA PRO B 149 -49.47 3.65 14.11
C PRO B 149 -48.83 2.56 13.23
N GLU B 150 -47.49 2.47 13.26
CA GLU B 150 -46.76 1.27 12.83
C GLU B 150 -46.87 0.21 13.91
N PRO B 151 -46.67 -1.07 13.57
CA PRO B 151 -46.30 -1.61 12.26
C PRO B 151 -47.48 -2.03 11.39
N VAL B 152 -47.17 -2.19 10.11
CA VAL B 152 -47.99 -2.91 9.15
C VAL B 152 -47.17 -4.12 8.71
N THR B 153 -47.85 -5.21 8.41
CA THR B 153 -47.20 -6.41 7.91
C THR B 153 -47.71 -6.68 6.51
N VAL B 154 -46.81 -6.70 5.52
CA VAL B 154 -47.22 -6.97 4.15
C VAL B 154 -46.53 -8.25 3.67
N THR B 155 -47.32 -9.15 3.10
CA THR B 155 -46.84 -10.33 2.42
C THR B 155 -47.45 -10.34 1.03
N TRP B 156 -47.00 -11.28 0.23
CA TRP B 156 -47.54 -11.50 -1.10
C TRP B 156 -48.00 -12.95 -1.18
N ASN B 157 -49.20 -13.16 -1.68
CA ASN B 157 -49.80 -14.50 -1.77
C ASN B 157 -49.73 -15.20 -0.43
N SER B 158 -50.10 -14.46 0.62
CA SER B 158 -50.14 -14.95 1.99
C SER B 158 -48.80 -15.54 2.44
N GLY B 159 -47.69 -15.03 1.90
CA GLY B 159 -46.37 -15.50 2.28
C GLY B 159 -45.72 -16.48 1.31
N SER B 160 -46.47 -17.09 0.39
CA SER B 160 -45.86 -18.05 -0.52
C SER B 160 -45.05 -17.40 -1.64
N LEU B 161 -45.22 -16.09 -1.89
CA LEU B 161 -44.37 -15.32 -2.79
C LEU B 161 -43.38 -14.54 -1.92
N SER B 162 -42.11 -14.94 -1.95
CA SER B 162 -41.13 -14.35 -1.04
C SER B 162 -39.91 -13.81 -1.75
N SER B 163 -39.44 -14.47 -2.80
CA SER B 163 -38.30 -13.99 -3.56
C SER B 163 -38.68 -12.77 -4.38
N GLY B 164 -37.70 -11.90 -4.61
CA GLY B 164 -37.92 -10.75 -5.45
C GLY B 164 -38.82 -9.66 -4.87
N VAL B 165 -38.99 -9.62 -3.54
CA VAL B 165 -39.84 -8.63 -2.89
C VAL B 165 -38.95 -7.55 -2.29
N HIS B 166 -39.38 -6.29 -2.40
CA HIS B 166 -38.82 -5.19 -1.64
C HIS B 166 -39.98 -4.47 -0.97
N THR B 167 -40.04 -4.52 0.36
CA THR B 167 -41.02 -3.79 1.16
C THR B 167 -40.26 -2.65 1.82
N PHE B 168 -40.58 -1.42 1.43
CA PHE B 168 -39.80 -0.27 1.84
C PHE B 168 -40.22 0.25 3.22
N PRO B 169 -39.28 0.85 3.97
CA PRO B 169 -39.64 1.44 5.27
C PRO B 169 -40.65 2.56 5.12
N ALA B 170 -41.60 2.60 6.06
CA ALA B 170 -42.64 3.61 6.00
C ALA B 170 -42.08 4.97 6.32
N VAL B 171 -42.70 6.00 5.76
CA VAL B 171 -42.33 7.39 5.99
C VAL B 171 -43.53 8.13 6.57
N LEU B 172 -43.30 8.88 7.63
CA LEU B 172 -44.37 9.53 8.38
C LEU B 172 -44.58 10.95 7.87
N GLN B 173 -45.81 11.27 7.46
CA GLN B 173 -46.14 12.65 7.08
C GLN B 173 -47.50 13.04 7.64
N SER B 174 -47.56 14.23 8.26
CA SER B 174 -48.79 14.77 8.84
C SER B 174 -49.52 13.73 9.70
N ASP B 175 -48.74 13.04 10.54
CA ASP B 175 -49.23 12.02 11.47
C ASP B 175 -49.81 10.78 10.78
N LEU B 176 -49.51 10.57 9.50
CA LEU B 176 -49.90 9.34 8.82
C LEU B 176 -48.70 8.76 8.09
N TYR B 177 -48.62 7.43 8.06
CA TYR B 177 -47.53 6.71 7.42
C TYR B 177 -47.90 6.27 6.01
N THR B 178 -46.90 6.23 5.14
CA THR B 178 -47.04 5.62 3.82
C THR B 178 -45.87 4.68 3.60
N LEU B 179 -46.14 3.50 3.03
CA LEU B 179 -45.08 2.62 2.55
C LEU B 179 -45.56 1.97 1.25
N SER B 180 -44.59 1.36 0.54
CA SER B 180 -44.87 0.66 -0.69
C SER B 180 -44.09 -0.66 -0.69
N SER B 181 -44.55 -1.61 -1.49
CA SER B 181 -43.88 -2.90 -1.60
C SER B 181 -43.89 -3.31 -3.07
N SER B 182 -42.75 -3.79 -3.56
CA SER B 182 -42.68 -4.28 -4.94
C SER B 182 -42.38 -5.77 -4.94
N VAL B 183 -42.91 -6.45 -5.94
CA VAL B 183 -42.60 -7.85 -6.18
C VAL B 183 -42.29 -7.99 -7.67
N THR B 184 -41.26 -8.76 -7.98
CA THR B 184 -40.84 -8.98 -9.35
C THR B 184 -40.95 -10.47 -9.64
N VAL B 185 -41.55 -10.77 -10.78
CA VAL B 185 -42.04 -12.09 -11.11
C VAL B 185 -41.81 -12.34 -12.59
N PRO B 186 -41.60 -13.61 -12.99
CA PRO B 186 -41.44 -13.92 -14.42
C PRO B 186 -42.65 -13.48 -15.23
N SER B 187 -42.38 -12.83 -16.35
CA SER B 187 -43.44 -12.15 -17.10
C SER B 187 -44.48 -13.11 -17.64
N SER B 188 -44.11 -14.36 -17.88
CA SER B 188 -45.06 -15.35 -18.37
C SER B 188 -45.97 -15.91 -17.28
N THR B 189 -45.79 -15.54 -16.02
CA THR B 189 -46.61 -16.07 -14.93
C THR B 189 -47.62 -15.06 -14.40
N TRP B 190 -47.72 -13.89 -15.01
CA TRP B 190 -48.72 -12.91 -14.58
C TRP B 190 -49.40 -12.33 -15.81
N PRO B 191 -50.74 -12.33 -15.86
CA PRO B 191 -51.64 -12.64 -14.76
C PRO B 191 -52.08 -14.10 -14.56
N SER B 192 -51.53 -15.07 -15.30
CA SER B 192 -52.06 -16.43 -15.21
C SER B 192 -51.94 -16.99 -13.80
N GLU B 193 -50.84 -16.75 -13.12
CA GLU B 193 -50.67 -17.19 -11.74
C GLU B 193 -50.75 -15.95 -10.84
N THR B 194 -51.85 -15.83 -10.09
CA THR B 194 -52.22 -14.54 -9.51
C THR B 194 -51.20 -14.08 -8.47
N VAL B 195 -51.10 -12.75 -8.29
CA VAL B 195 -50.33 -12.20 -7.19
C VAL B 195 -51.16 -11.15 -6.46
N THR B 196 -51.22 -11.29 -5.15
CA THR B 196 -52.11 -10.55 -4.25
C THR B 196 -51.26 -10.06 -3.09
N CYS B 197 -51.32 -8.78 -2.77
CA CYS B 197 -50.60 -8.33 -1.59
C CYS B 197 -51.55 -8.32 -0.40
N ASN B 198 -51.03 -8.67 0.77
CA ASN B 198 -51.83 -8.76 2.00
C ASN B 198 -51.24 -7.79 3.01
N VAL B 199 -52.08 -6.95 3.61
CA VAL B 199 -51.61 -5.89 4.49
C VAL B 199 -52.37 -6.00 5.81
N ALA B 200 -51.66 -6.38 6.87
CA ALA B 200 -52.26 -6.50 8.20
C ALA B 200 -51.84 -5.32 9.06
N HIS B 201 -52.81 -4.72 9.75
CA HIS B 201 -52.57 -3.59 10.65
C HIS B 201 -53.18 -3.94 12.01
N PRO B 202 -52.43 -4.63 12.87
CA PRO B 202 -53.02 -5.08 14.15
C PRO B 202 -53.57 -3.95 15.01
N ALA B 203 -53.01 -2.74 14.94
CA ALA B 203 -53.50 -1.69 15.82
C ALA B 203 -54.96 -1.36 15.54
N SER B 204 -55.37 -1.40 14.27
CA SER B 204 -56.76 -1.17 13.89
C SER B 204 -57.53 -2.46 13.71
N SER B 205 -56.94 -3.60 14.08
CA SER B 205 -57.60 -4.90 13.95
C SER B 205 -58.12 -5.12 12.53
N THR B 206 -57.27 -4.79 11.56
CA THR B 206 -57.66 -4.73 10.16
C THR B 206 -56.63 -5.46 9.29
N LYS B 207 -57.13 -6.20 8.32
CA LYS B 207 -56.29 -6.77 7.28
C LYS B 207 -56.98 -6.56 5.94
N VAL B 208 -56.19 -6.19 4.93
CA VAL B 208 -56.69 -5.90 3.59
C VAL B 208 -55.86 -6.72 2.60
N ASP B 209 -56.54 -7.41 1.68
CA ASP B 209 -55.90 -8.13 0.58
C ASP B 209 -56.30 -7.48 -0.74
N LYS B 210 -55.33 -7.21 -1.59
CA LYS B 210 -55.60 -6.61 -2.90
C LYS B 210 -54.93 -7.46 -3.97
N LYS B 211 -55.73 -8.04 -4.86
CA LYS B 211 -55.17 -8.75 -6.00
C LYS B 211 -54.79 -7.75 -7.09
N ILE B 212 -53.61 -7.95 -7.68
CA ILE B 212 -53.09 -7.07 -8.71
C ILE B 212 -53.65 -7.53 -10.06
N VAL B 213 -54.48 -6.71 -10.70
CA VAL B 213 -55.04 -7.10 -12.00
C VAL B 213 -54.52 -6.19 -13.09
N PRO B 214 -54.44 -6.65 -14.34
CA PRO B 214 -53.99 -5.76 -15.43
C PRO B 214 -54.94 -4.60 -15.66
N ARG B 215 -54.37 -3.43 -15.97
CA ARG B 215 -55.17 -2.25 -16.26
C ARG B 215 -55.87 -2.39 -17.61
N ASP B 216 -57.08 -1.83 -17.66
CA ASP B 216 -57.81 -1.68 -18.92
C ASP B 216 -57.44 -0.36 -19.61
N ILE C 7 -22.12 -0.97 42.57
CA ILE C 7 -21.26 -0.61 41.46
C ILE C 7 -20.85 -1.87 40.66
N VAL C 8 -20.43 -2.96 41.30
CA VAL C 8 -19.98 -4.16 40.57
C VAL C 8 -21.12 -5.15 40.46
N TYR C 9 -21.35 -5.67 39.26
CA TYR C 9 -22.29 -6.75 39.03
C TYR C 9 -21.58 -8.08 39.12
N LYS C 10 -22.25 -9.05 39.72
CA LYS C 10 -21.77 -10.41 39.76
C LYS C 10 -22.95 -11.33 39.48
N SEP C 11 -22.82 -12.18 38.46
CA SEP C 11 -23.88 -13.15 38.18
CB SEP C 11 -23.49 -14.06 37.01
OG SEP C 11 -23.17 -13.30 35.87
C SEP C 11 -24.13 -13.98 39.42
O SEP C 11 -23.20 -14.46 40.05
P SEP C 11 -24.18 -13.60 34.65
O1P SEP C 11 -25.59 -12.91 34.96
O2P SEP C 11 -24.33 -15.17 34.36
O3P SEP C 11 -23.49 -12.93 33.35
N PRO C 12 -25.42 -14.12 39.79
CA PRO C 12 -25.76 -14.98 40.93
C PRO C 12 -25.21 -16.39 40.76
N VAL C 13 -24.83 -17.03 41.86
CA VAL C 13 -24.37 -18.41 41.81
C VAL C 13 -25.55 -19.32 41.53
N ASP D 1 38.72 18.77 -12.50
CA ASP D 1 38.42 17.64 -13.38
C ASP D 1 39.65 17.22 -14.17
N VAL D 2 39.91 15.90 -14.23
CA VAL D 2 40.90 15.37 -15.16
C VAL D 2 40.19 15.22 -16.50
N GLN D 3 40.39 16.18 -17.41
CA GLN D 3 39.83 16.09 -18.75
C GLN D 3 40.81 15.39 -19.70
N MET D 4 40.25 14.90 -20.81
CA MET D 4 41.01 14.27 -21.88
C MET D 4 40.88 15.14 -23.13
N ILE D 5 42.02 15.56 -23.68
CA ILE D 5 42.06 16.35 -24.91
C ILE D 5 42.38 15.40 -26.06
N GLN D 6 41.47 15.32 -27.02
CA GLN D 6 41.56 14.38 -28.13
C GLN D 6 41.89 15.12 -29.42
N SER D 7 42.69 14.49 -30.26
CA SER D 7 42.92 14.99 -31.62
C SER D 7 43.41 13.84 -32.48
N PRO D 8 43.21 13.90 -33.80
CA PRO D 8 42.52 15.00 -34.49
C PRO D 8 41.01 14.87 -34.36
N SER D 9 40.27 15.87 -34.84
CA SER D 9 38.82 15.77 -34.79
C SER D 9 38.27 14.91 -35.91
N SER D 10 39.03 14.73 -36.98
CA SER D 10 38.61 13.85 -38.06
C SER D 10 39.83 13.28 -38.76
N LEU D 11 39.66 12.12 -39.37
CA LEU D 11 40.68 11.44 -40.16
C LEU D 11 40.05 10.99 -41.45
N SER D 12 40.87 10.97 -42.51
CA SER D 12 40.46 10.41 -43.79
C SER D 12 41.58 9.52 -44.30
N ALA D 13 41.30 8.23 -44.45
CA ALA D 13 42.33 7.29 -44.83
C ALA D 13 41.75 6.23 -45.76
N SER D 14 42.63 5.46 -46.36
CA SER D 14 42.26 4.46 -47.34
C SER D 14 42.15 3.09 -46.70
N LEU D 15 41.40 2.21 -47.35
CA LEU D 15 41.40 0.80 -46.99
C LEU D 15 42.84 0.28 -46.93
N GLY D 16 43.15 -0.43 -45.84
CA GLY D 16 44.47 -0.97 -45.63
C GLY D 16 45.43 -0.09 -44.85
N ASP D 17 45.10 1.17 -44.62
CA ASP D 17 46.04 2.08 -43.99
C ASP D 17 46.14 1.81 -42.50
N ILE D 18 47.12 2.46 -41.88
CA ILE D 18 47.30 2.49 -40.43
C ILE D 18 46.93 3.89 -39.98
N VAL D 19 46.15 3.99 -38.90
CA VAL D 19 45.61 5.26 -38.47
C VAL D 19 45.77 5.38 -36.95
N THR D 20 46.04 6.59 -36.46
CA THR D 20 46.29 6.81 -35.04
C THR D 20 45.49 8.01 -34.55
N MET D 21 45.22 8.03 -33.25
CA MET D 21 44.60 9.20 -32.64
C MET D 21 44.99 9.21 -31.18
N THR D 22 44.97 10.39 -30.57
CA THR D 22 45.50 10.53 -29.22
C THR D 22 44.51 11.23 -28.30
N CYS D 23 44.56 10.85 -27.02
CA CYS D 23 43.97 11.60 -25.94
C CYS D 23 45.08 11.94 -24.97
N GLN D 24 45.20 13.22 -24.63
CA GLN D 24 46.17 13.70 -23.66
C GLN D 24 45.45 14.05 -22.37
N ALA D 25 45.90 13.47 -21.26
CA ALA D 25 45.36 13.83 -19.96
C ALA D 25 45.71 15.26 -19.59
N SER D 26 44.77 15.95 -18.94
CA SER D 26 44.91 17.36 -18.60
C SER D 26 45.66 17.58 -17.30
N GLN D 27 45.96 16.53 -16.57
CA GLN D 27 46.80 16.59 -15.37
C GLN D 27 47.81 15.46 -15.43
N ASP D 28 48.88 15.61 -14.65
CA ASP D 28 49.93 14.60 -14.56
C ASP D 28 49.60 13.60 -13.43
N THR D 29 48.58 12.78 -13.69
CA THR D 29 48.19 11.74 -12.74
C THR D 29 47.87 10.45 -13.49
N SER D 30 48.16 9.33 -12.86
CA SER D 30 47.94 8.04 -13.48
C SER D 30 46.44 7.71 -13.50
N ILE D 31 45.93 7.32 -14.66
CA ILE D 31 44.51 7.08 -14.85
C ILE D 31 44.30 5.83 -15.70
N ASN D 32 43.15 5.20 -15.50
CA ASN D 32 42.71 4.07 -16.31
C ASN D 32 41.94 4.62 -17.50
N LEU D 33 42.37 4.26 -18.71
CA LEU D 33 41.86 4.85 -19.94
C LEU D 33 41.30 3.78 -20.86
N ASN D 34 40.12 4.04 -21.43
CA ASN D 34 39.44 3.13 -22.33
C ASN D 34 39.20 3.79 -23.68
N TRP D 35 39.14 3.00 -24.74
CA TRP D 35 38.78 3.51 -26.06
C TRP D 35 37.49 2.85 -26.52
N PHE D 36 36.61 3.64 -27.14
CA PHE D 36 35.32 3.19 -27.62
C PHE D 36 35.15 3.53 -29.10
N GLN D 37 34.31 2.75 -29.77
CA GLN D 37 33.86 3.02 -31.13
C GLN D 37 32.35 3.21 -31.12
N GLN D 38 31.86 4.23 -31.83
CA GLN D 38 30.43 4.50 -31.87
C GLN D 38 30.02 4.84 -33.29
N LYS D 39 29.12 4.05 -33.84
CA LYS D 39 28.59 4.29 -35.18
C LYS D 39 27.33 5.13 -35.08
N PRO D 40 26.98 5.85 -36.17
CA PRO D 40 25.86 6.80 -36.09
C PRO D 40 24.57 6.15 -35.59
N GLY D 41 23.96 6.76 -34.56
CA GLY D 41 22.72 6.29 -33.99
C GLY D 41 22.83 5.04 -33.15
N LYS D 42 24.05 4.56 -32.87
CA LYS D 42 24.24 3.30 -32.17
C LYS D 42 24.91 3.54 -30.82
N ALA D 43 24.93 2.50 -30.03
CA ALA D 43 25.61 2.56 -28.75
C ALA D 43 27.13 2.42 -28.94
N PRO D 44 27.92 3.05 -28.07
CA PRO D 44 29.37 2.79 -28.08
C PRO D 44 29.67 1.33 -27.76
N LYS D 45 30.77 0.84 -28.35
CA LYS D 45 31.32 -0.47 -28.03
C LYS D 45 32.75 -0.31 -27.51
N LEU D 46 33.08 -1.06 -26.47
CA LEU D 46 34.38 -0.95 -25.82
C LEU D 46 35.44 -1.72 -26.61
N LEU D 47 36.54 -1.07 -26.92
CA LEU D 47 37.61 -1.70 -27.69
C LEU D 47 38.82 -2.03 -26.83
N ILE D 48 39.26 -1.08 -26.02
CA ILE D 48 40.49 -1.17 -25.24
C ILE D 48 40.17 -0.63 -23.86
N TYR D 49 40.65 -1.32 -22.83
CA TYR D 49 40.56 -0.82 -21.47
C TYR D 49 41.96 -0.83 -20.88
N GLY D 50 42.19 0.04 -19.90
CA GLY D 50 43.53 0.08 -19.33
C GLY D 50 44.60 0.41 -20.34
N ALA D 51 44.32 1.37 -21.24
CA ALA D 51 45.27 1.90 -22.22
C ALA D 51 45.58 0.92 -23.33
N SER D 52 45.77 -0.36 -22.99
CA SER D 52 46.26 -1.32 -23.99
C SER D 52 45.60 -2.70 -23.96
N ASN D 53 44.75 -3.02 -22.98
CA ASN D 53 44.15 -4.35 -22.92
C ASN D 53 42.99 -4.43 -23.90
N LEU D 54 43.05 -5.42 -24.78
CA LEU D 54 42.06 -5.62 -25.84
C LEU D 54 40.84 -6.34 -25.30
N GLU D 55 39.66 -5.77 -25.54
CA GLU D 55 38.41 -6.38 -25.13
C GLU D 55 38.13 -7.64 -25.93
N ASP D 56 37.59 -8.65 -25.24
CA ASP D 56 37.25 -9.91 -25.88
C ASP D 56 36.27 -9.67 -27.01
N GLY D 57 36.56 -10.24 -28.17
CA GLY D 57 35.75 -10.05 -29.36
C GLY D 57 36.27 -9.01 -30.32
N VAL D 58 37.19 -8.15 -29.89
CA VAL D 58 37.67 -7.06 -30.73
C VAL D 58 38.90 -7.48 -31.52
N PRO D 59 38.96 -7.20 -32.82
CA PRO D 59 40.13 -7.59 -33.62
C PRO D 59 41.42 -6.96 -33.11
N SER D 60 42.51 -7.74 -33.17
CA SER D 60 43.80 -7.19 -32.77
C SER D 60 44.35 -6.17 -33.76
N ARG D 61 43.60 -5.86 -34.83
CA ARG D 61 43.87 -4.65 -35.61
C ARG D 61 43.80 -3.38 -34.76
N PHE D 62 43.09 -3.43 -33.64
CA PHE D 62 43.02 -2.32 -32.70
C PHE D 62 44.07 -2.51 -31.63
N SER D 63 44.82 -1.46 -31.35
CA SER D 63 45.82 -1.51 -30.29
C SER D 63 45.94 -0.15 -29.67
N GLY D 64 46.40 -0.14 -28.43
CA GLY D 64 46.55 1.10 -27.70
C GLY D 64 47.81 1.07 -26.89
N SER D 65 48.37 2.25 -26.66
CA SER D 65 49.53 2.33 -25.79
C SER D 65 49.51 3.67 -25.09
N ARG D 66 50.37 3.76 -24.07
CA ARG D 66 50.49 4.95 -23.25
C ARG D 66 51.95 5.38 -23.25
N TYR D 67 52.18 6.68 -23.44
CA TYR D 67 53.49 7.29 -23.28
C TYR D 67 53.31 8.48 -22.36
N GLY D 68 53.72 8.33 -21.10
CA GLY D 68 53.49 9.35 -20.11
C GLY D 68 52.02 9.53 -19.77
N THR D 69 51.45 10.68 -20.13
CA THR D 69 50.01 10.91 -20.06
C THR D 69 49.43 11.15 -21.44
N ASP D 70 50.12 10.71 -22.47
CA ASP D 70 49.59 10.67 -23.83
C ASP D 70 49.14 9.25 -24.14
N PHE D 71 47.90 9.10 -24.59
CA PHE D 71 47.33 7.79 -24.91
C PHE D 71 47.00 7.74 -26.38
N THR D 72 47.37 6.64 -27.04
CA THR D 72 47.21 6.48 -28.47
C THR D 72 46.41 5.23 -28.82
N LEU D 73 45.43 5.40 -29.72
CA LEU D 73 44.70 4.31 -30.34
C LEU D 73 45.17 4.15 -31.77
N THR D 74 45.56 2.92 -32.14
CA THR D 74 46.01 2.61 -33.49
C THR D 74 45.08 1.56 -34.09
N ILE D 75 44.68 1.80 -35.34
CA ILE D 75 43.88 0.86 -36.10
C ILE D 75 44.69 0.50 -37.35
N SER D 76 45.07 -0.76 -37.48
CA SER D 76 45.78 -1.21 -38.68
C SER D 76 44.81 -1.91 -39.62
N SER D 77 45.24 -2.08 -40.87
CA SER D 77 44.42 -2.72 -41.90
C SER D 77 42.99 -2.16 -41.91
N LEU D 78 42.88 -0.87 -42.26
CA LEU D 78 41.59 -0.19 -42.22
C LEU D 78 40.58 -0.87 -43.14
N GLU D 79 39.37 -1.11 -42.61
CA GLU D 79 38.28 -1.73 -43.34
C GLU D 79 37.05 -0.82 -43.33
N ASP D 80 36.06 -1.14 -44.15
CA ASP D 80 34.85 -0.32 -44.23
C ASP D 80 34.14 -0.27 -42.89
N GLU D 81 34.09 -1.40 -42.19
CA GLU D 81 33.37 -1.45 -40.93
C GLU D 81 33.99 -0.57 -39.84
N ASP D 82 35.20 -0.04 -40.03
CA ASP D 82 35.81 0.83 -39.03
C ASP D 82 35.39 2.30 -39.17
N MET D 83 34.60 2.62 -40.19
CA MET D 83 33.99 3.95 -40.32
C MET D 83 33.14 4.27 -39.10
N ALA D 84 33.56 5.25 -38.30
CA ALA D 84 32.89 5.51 -37.02
C ALA D 84 33.49 6.72 -36.34
N THR D 85 33.02 7.02 -35.14
CA THR D 85 33.69 7.97 -34.27
C THR D 85 34.27 7.26 -33.07
N TYR D 86 35.48 7.64 -32.68
CA TYR D 86 36.21 7.03 -31.59
C TYR D 86 36.38 8.06 -30.50
N PHE D 87 36.28 7.61 -29.25
CA PHE D 87 36.52 8.49 -28.13
C PHE D 87 37.11 7.68 -26.99
N CYS D 88 37.79 8.39 -26.10
CA CYS D 88 38.40 7.81 -24.92
C CYS D 88 37.61 8.18 -23.66
N LEU D 89 37.82 7.38 -22.61
CA LEU D 89 37.15 7.57 -21.32
C LEU D 89 38.17 7.48 -20.19
N GLN D 90 38.14 8.47 -19.31
CA GLN D 90 38.95 8.51 -18.09
C GLN D 90 38.06 8.03 -16.94
N HIS D 91 38.29 6.81 -16.44
CA HIS D 91 37.40 6.30 -15.40
C HIS D 91 38.11 5.96 -14.10
N THR D 92 38.97 6.87 -13.66
CA THR D 92 39.63 6.78 -12.37
C THR D 92 39.17 7.86 -11.38
N TYR D 93 39.17 9.12 -11.77
CA TYR D 93 38.77 10.21 -10.88
C TYR D 93 37.37 10.70 -11.20
N LEU D 94 36.57 10.91 -10.15
CA LEU D 94 35.25 11.50 -10.31
C LEU D 94 35.37 13.02 -10.40
N PRO D 95 34.73 13.68 -11.38
CA PRO D 95 33.83 13.07 -12.37
C PRO D 95 34.57 12.42 -13.54
N PHE D 96 34.01 11.36 -14.11
CA PHE D 96 34.62 10.77 -15.30
C PHE D 96 34.56 11.75 -16.46
N THR D 97 35.49 11.62 -17.41
CA THR D 97 35.50 12.51 -18.57
C THR D 97 35.78 11.71 -19.83
N PHE D 98 35.23 12.21 -20.92
CA PHE D 98 35.39 11.68 -22.26
C PHE D 98 36.18 12.67 -23.09
N GLY D 99 36.96 12.13 -24.04
CA GLY D 99 37.50 12.96 -25.09
C GLY D 99 36.42 13.32 -26.09
N SER D 100 36.64 14.44 -26.78
CA SER D 100 35.61 15.00 -27.65
C SER D 100 35.41 14.22 -28.93
N GLY D 101 36.28 13.27 -29.25
CA GLY D 101 35.97 12.34 -30.33
C GLY D 101 36.77 12.59 -31.60
N THR D 102 36.99 11.52 -32.36
CA THR D 102 37.68 11.54 -33.65
C THR D 102 36.83 10.84 -34.69
N LYS D 103 36.37 11.59 -35.69
CA LYS D 103 35.50 11.03 -36.73
C LYS D 103 36.35 10.45 -37.86
N LEU D 104 36.14 9.17 -38.17
CA LEU D 104 36.98 8.45 -39.12
C LEU D 104 36.21 8.21 -40.42
N GLU D 105 36.78 8.69 -41.53
CA GLU D 105 36.19 8.56 -42.86
C GLU D 105 37.11 7.68 -43.71
N ILE D 106 36.51 6.90 -44.62
CA ILE D 106 37.24 6.08 -45.56
C ILE D 106 37.26 6.78 -46.91
N LYS D 107 38.43 6.83 -47.55
CA LYS D 107 38.51 7.38 -48.89
C LYS D 107 38.02 6.36 -49.90
N ARG D 108 37.67 6.86 -51.08
CA ARG D 108 37.38 5.99 -52.22
C ARG D 108 37.60 6.79 -53.49
N ALA D 109 37.34 6.15 -54.63
CA ALA D 109 37.43 6.88 -55.88
C ALA D 109 36.29 7.89 -55.99
N ASP D 110 36.52 8.93 -56.79
CA ASP D 110 35.48 9.91 -57.03
C ASP D 110 34.27 9.28 -57.70
N ALA D 111 33.09 9.82 -57.38
CA ALA D 111 31.85 9.36 -58.00
C ALA D 111 30.89 10.52 -58.15
N ALA D 112 30.22 10.56 -59.29
CA ALA D 112 29.24 11.60 -59.57
C ALA D 112 27.86 11.14 -59.10
N PRO D 113 27.03 12.05 -58.62
CA PRO D 113 25.74 11.64 -58.08
C PRO D 113 24.81 11.14 -59.19
N THR D 114 23.96 10.19 -58.83
CA THR D 114 22.75 9.92 -59.59
C THR D 114 21.70 10.94 -59.16
N VAL D 115 21.14 11.67 -60.12
CA VAL D 115 20.23 12.77 -59.82
C VAL D 115 18.84 12.42 -60.35
N SER D 116 17.82 12.63 -59.49
CA SER D 116 16.43 12.39 -59.81
C SER D 116 15.60 13.54 -59.24
N ILE D 117 14.66 14.03 -60.04
CA ILE D 117 13.83 15.16 -59.65
C ILE D 117 12.38 14.70 -59.66
N PHE D 118 11.57 15.28 -58.76
CA PHE D 118 10.18 14.87 -58.58
C PHE D 118 9.25 16.06 -58.48
N PRO D 119 8.21 16.16 -59.30
CA PRO D 119 7.23 17.26 -59.15
C PRO D 119 6.41 17.06 -57.88
N PRO D 120 5.68 18.07 -57.44
CA PRO D 120 4.81 17.87 -56.26
C PRO D 120 3.70 16.88 -56.58
N SER D 121 3.27 16.16 -55.54
CA SER D 121 2.18 15.22 -55.70
C SER D 121 0.84 15.95 -55.79
N SER D 122 -0.12 15.27 -56.40
CA SER D 122 -1.52 15.68 -56.35
C SER D 122 -1.97 15.97 -54.92
N GLU D 123 -1.65 15.07 -53.99
CA GLU D 123 -2.12 15.22 -52.60
C GLU D 123 -1.61 16.53 -51.99
N GLN D 124 -0.31 16.81 -52.13
CA GLN D 124 0.21 18.03 -51.52
C GLN D 124 -0.40 19.27 -52.14
N LEU D 125 -0.71 19.22 -53.44
CA LEU D 125 -1.23 20.40 -54.13
C LEU D 125 -2.60 20.79 -53.61
N THR D 126 -3.43 19.78 -53.26
CA THR D 126 -4.75 20.04 -52.68
C THR D 126 -4.65 20.84 -51.38
N SER D 127 -3.63 20.56 -50.57
CA SER D 127 -3.42 21.30 -49.34
C SER D 127 -2.72 22.64 -49.54
N GLY D 128 -2.44 23.02 -50.79
CA GLY D 128 -1.86 24.32 -51.08
C GLY D 128 -0.35 24.39 -51.05
N GLY D 129 0.34 23.26 -50.93
CA GLY D 129 1.79 23.27 -50.95
C GLY D 129 2.35 22.65 -52.22
N ALA D 130 3.60 22.96 -52.56
CA ALA D 130 4.22 22.37 -53.74
C ALA D 130 5.71 22.24 -53.45
N SER D 131 6.12 21.06 -52.99
CA SER D 131 7.52 20.76 -52.75
C SER D 131 8.08 20.04 -53.97
N VAL D 132 9.23 20.50 -54.45
CA VAL D 132 9.94 19.83 -55.54
C VAL D 132 11.18 19.19 -54.94
N VAL D 133 11.35 17.90 -55.15
CA VAL D 133 12.37 17.12 -54.48
C VAL D 133 13.42 16.70 -55.49
N CYS D 134 14.68 16.80 -55.08
CA CYS D 134 15.81 16.38 -55.89
C CYS D 134 16.75 15.56 -55.01
N PHE D 135 16.94 14.29 -55.37
CA PHE D 135 17.93 13.41 -54.73
C PHE D 135 19.24 13.42 -55.52
N LEU D 136 20.37 13.57 -54.80
CA LEU D 136 21.71 13.46 -55.38
C LEU D 136 22.41 12.33 -54.64
N ASN D 137 22.38 11.12 -55.22
CA ASN D 137 22.70 9.91 -54.48
C ASN D 137 24.05 9.33 -54.86
N ASN D 138 24.77 8.81 -53.85
CA ASN D 138 25.97 7.97 -53.98
C ASN D 138 27.07 8.68 -54.79
N PHE D 139 27.62 9.72 -54.17
CA PHE D 139 28.67 10.53 -54.78
C PHE D 139 29.84 10.63 -53.81
N TYR D 140 30.99 11.03 -54.34
CA TYR D 140 32.21 11.11 -53.55
C TYR D 140 33.12 12.10 -54.27
N PRO D 141 33.71 13.09 -53.55
CA PRO D 141 33.66 13.31 -52.10
C PRO D 141 32.37 13.99 -51.62
N LYS D 142 32.35 14.41 -50.36
CA LYS D 142 31.12 14.86 -49.72
C LYS D 142 30.72 16.29 -50.10
N ASP D 143 31.66 17.10 -50.57
CA ASP D 143 31.40 18.51 -50.87
C ASP D 143 30.78 18.65 -52.25
N ILE D 144 29.50 19.06 -52.31
CA ILE D 144 28.82 19.41 -53.57
C ILE D 144 27.88 20.58 -53.32
N ASN D 145 27.40 21.16 -54.43
CA ASN D 145 26.48 22.29 -54.41
C ASN D 145 25.26 21.98 -55.25
N VAL D 146 24.09 22.38 -54.76
CA VAL D 146 22.83 22.26 -55.49
C VAL D 146 22.37 23.66 -55.89
N LYS D 147 21.79 23.76 -57.08
CA LYS D 147 21.29 25.03 -57.58
C LYS D 147 19.94 24.79 -58.24
N TRP D 148 18.94 25.56 -57.84
CA TRP D 148 17.62 25.45 -58.44
C TRP D 148 17.36 26.61 -59.39
N LYS D 149 16.75 26.31 -60.53
CA LYS D 149 16.28 27.31 -61.47
C LYS D 149 14.78 27.14 -61.71
N ILE D 150 14.06 28.26 -61.66
CA ILE D 150 12.67 28.33 -62.06
C ILE D 150 12.63 29.18 -63.32
N ASP D 151 12.27 28.56 -64.45
CA ASP D 151 12.17 29.28 -65.72
C ASP D 151 13.51 29.94 -66.07
N GLY D 152 14.60 29.24 -65.79
CA GLY D 152 15.93 29.73 -66.10
C GLY D 152 16.56 30.65 -65.08
N SER D 153 15.88 30.96 -63.98
CA SER D 153 16.35 31.94 -63.02
C SER D 153 16.62 31.25 -61.69
N GLU D 154 17.81 31.50 -61.13
CA GLU D 154 18.18 30.88 -59.86
C GLU D 154 17.17 31.23 -58.77
N ARG D 155 16.89 30.26 -57.90
CA ARG D 155 16.13 30.53 -56.69
C ARG D 155 16.85 29.92 -55.50
N GLN D 156 16.94 30.70 -54.43
CA GLN D 156 17.67 30.34 -53.22
C GLN D 156 16.76 30.12 -52.02
N ASN D 157 15.59 30.77 -52.00
CA ASN D 157 14.70 30.74 -50.84
C ASN D 157 13.78 29.52 -50.90
N GLY D 158 13.40 29.05 -49.71
CA GLY D 158 12.53 27.89 -49.62
C GLY D 158 13.21 26.58 -49.93
N VAL D 159 14.54 26.57 -50.00
CA VAL D 159 15.32 25.37 -50.27
C VAL D 159 15.92 24.88 -48.96
N LEU D 160 15.71 23.59 -48.66
CA LEU D 160 16.38 22.97 -47.53
C LEU D 160 17.02 21.66 -47.95
N ASN D 161 18.28 21.47 -47.54
CA ASN D 161 19.09 20.32 -47.88
C ASN D 161 19.30 19.43 -46.67
N SER D 162 19.66 18.18 -46.94
CA SER D 162 19.96 17.20 -45.89
C SER D 162 20.93 16.17 -46.45
N TRP D 163 21.95 15.82 -45.66
CA TRP D 163 22.97 14.86 -46.05
C TRP D 163 22.93 13.61 -45.20
N THR D 164 23.23 12.47 -45.81
CA THR D 164 23.43 11.24 -45.06
C THR D 164 24.84 11.20 -44.47
N ASP D 165 24.98 10.40 -43.41
CA ASP D 165 26.31 9.98 -42.99
C ASP D 165 26.92 9.13 -44.10
N GLN D 166 28.23 8.94 -44.03
CA GLN D 166 28.91 8.19 -45.07
C GLN D 166 28.38 6.76 -45.09
N ASP D 167 28.14 6.24 -46.31
CA ASP D 167 27.62 4.90 -46.48
C ASP D 167 28.62 3.86 -45.97
N SER D 168 28.15 2.96 -45.12
CA SER D 168 29.03 1.97 -44.49
C SER D 168 29.55 0.93 -45.48
N LYS D 169 29.00 0.85 -46.68
CA LYS D 169 29.34 -0.25 -47.57
C LYS D 169 30.07 0.15 -48.84
N ASP D 170 29.82 1.34 -49.38
CA ASP D 170 30.55 1.82 -50.55
C ASP D 170 31.27 3.15 -50.30
N SER D 171 31.12 3.73 -49.11
CA SER D 171 31.81 4.95 -48.69
C SER D 171 31.33 6.20 -49.43
N THR D 172 30.19 6.15 -50.11
CA THR D 172 29.67 7.34 -50.76
C THR D 172 28.82 8.17 -49.79
N TYR D 173 28.42 9.35 -50.25
CA TYR D 173 27.51 10.26 -49.59
C TYR D 173 26.29 10.47 -50.46
N SER D 174 25.17 10.82 -49.82
CA SER D 174 23.94 11.17 -50.53
C SER D 174 23.36 12.45 -49.96
N MET D 175 22.44 13.07 -50.70
CA MET D 175 21.94 14.38 -50.30
C MET D 175 20.58 14.63 -50.91
N SER D 176 19.71 15.23 -50.12
CA SER D 176 18.36 15.56 -50.56
C SER D 176 18.21 17.07 -50.53
N SER D 177 17.59 17.62 -51.57
CA SER D 177 17.35 19.06 -51.65
C SER D 177 15.90 19.26 -52.04
N THR D 178 15.17 20.03 -51.23
CA THR D 178 13.72 20.18 -51.35
C THR D 178 13.35 21.66 -51.46
N LEU D 179 12.77 22.05 -52.60
CA LEU D 179 12.34 23.41 -52.88
C LEU D 179 10.84 23.48 -52.59
N THR D 180 10.46 24.21 -51.55
CA THR D 180 9.07 24.28 -51.14
C THR D 180 8.48 25.60 -51.59
N LEU D 181 7.39 25.51 -52.35
CA LEU D 181 6.65 26.65 -52.83
C LEU D 181 5.20 26.53 -52.36
N THR D 182 4.46 27.61 -52.50
CA THR D 182 3.01 27.51 -52.46
C THR D 182 2.51 27.04 -53.82
N LYS D 183 1.32 26.43 -53.83
CA LYS D 183 0.71 26.06 -55.09
C LYS D 183 0.56 27.27 -56.01
N ASP D 184 0.17 28.43 -55.46
CA ASP D 184 0.00 29.63 -56.26
C ASP D 184 1.27 29.96 -57.05
N GLU D 185 2.42 29.97 -56.37
CA GLU D 185 3.66 30.28 -57.08
C GLU D 185 4.05 29.16 -58.04
N TYR D 186 3.88 27.89 -57.63
CA TYR D 186 4.22 26.76 -58.48
C TYR D 186 3.46 26.82 -59.80
N GLU D 187 2.16 27.10 -59.74
CA GLU D 187 1.33 27.14 -60.94
C GLU D 187 1.62 28.34 -61.85
N ARG D 188 2.40 29.32 -61.39
CA ARG D 188 2.72 30.47 -62.24
C ARG D 188 4.04 30.31 -63.00
N HIS D 189 4.67 29.14 -62.93
CA HIS D 189 5.90 28.88 -63.66
C HIS D 189 5.85 27.48 -64.23
N ASN D 190 6.69 27.21 -65.23
CA ASN D 190 6.57 25.94 -65.93
C ASN D 190 7.80 25.05 -65.83
N SER D 191 9.01 25.62 -65.79
CA SER D 191 10.23 24.83 -65.86
C SER D 191 10.92 24.86 -64.50
N TYR D 192 11.29 23.68 -64.00
CA TYR D 192 11.95 23.58 -62.71
C TYR D 192 13.17 22.69 -62.85
N THR D 193 14.33 23.18 -62.41
CA THR D 193 15.60 22.54 -62.67
C THR D 193 16.43 22.47 -61.38
N CYS D 194 16.97 21.30 -61.05
CA CYS D 194 18.02 21.19 -60.07
C CYS D 194 19.32 20.78 -60.75
N GLU D 195 20.41 21.33 -60.26
CA GLU D 195 21.68 21.33 -60.96
C GLU D 195 22.76 20.98 -59.96
N ALA D 196 23.45 19.85 -60.19
CA ALA D 196 24.49 19.38 -59.30
C ALA D 196 25.86 19.74 -59.86
N THR D 197 26.65 20.46 -59.07
CA THR D 197 28.01 20.81 -59.45
C THR D 197 28.95 20.47 -58.31
N HIS D 198 30.13 19.94 -58.66
CA HIS D 198 31.32 20.01 -57.80
C HIS D 198 32.12 21.19 -58.33
N LYS D 199 32.08 22.32 -57.61
CA LYS D 199 32.51 23.60 -58.15
C LYS D 199 33.88 23.52 -58.82
N THR D 200 34.02 24.29 -59.91
CA THR D 200 35.12 24.33 -60.88
C THR D 200 34.92 23.31 -62.01
N SER D 201 34.26 22.18 -61.72
CA SER D 201 33.93 21.20 -62.76
C SER D 201 32.87 21.80 -63.70
N THR D 202 33.18 21.83 -64.99
CA THR D 202 32.41 22.63 -65.94
C THR D 202 31.18 21.92 -66.50
N SER D 203 30.99 20.62 -66.20
CA SER D 203 29.87 19.85 -66.72
C SER D 203 28.97 19.38 -65.57
N PRO D 204 27.96 20.15 -65.21
CA PRO D 204 27.06 19.73 -64.13
C PRO D 204 26.06 18.69 -64.60
N ILE D 205 25.55 17.93 -63.64
CA ILE D 205 24.41 17.04 -63.89
C ILE D 205 23.14 17.86 -63.70
N VAL D 206 22.23 17.78 -64.66
CA VAL D 206 21.00 18.57 -64.64
C VAL D 206 19.80 17.64 -64.83
N LYS D 207 18.76 17.87 -64.03
CA LYS D 207 17.46 17.23 -64.24
C LYS D 207 16.40 18.30 -64.14
N SER D 208 15.30 18.11 -64.87
CA SER D 208 14.28 19.15 -64.93
C SER D 208 12.97 18.55 -65.42
N PHE D 209 11.90 19.29 -65.20
CA PHE D 209 10.61 18.91 -65.74
C PHE D 209 9.84 20.19 -66.03
N ASN D 210 8.77 20.04 -66.81
CA ASN D 210 7.81 21.10 -67.07
C ASN D 210 6.47 20.71 -66.48
N ARG D 211 5.85 21.65 -65.76
CA ARG D 211 4.61 21.39 -65.02
C ARG D 211 3.46 20.91 -65.92
N GLN E 1 24.71 -13.00 -22.67
CA GLN E 1 24.33 -11.76 -23.35
C GLN E 1 23.98 -10.68 -22.33
N VAL E 2 24.98 -9.90 -21.93
CA VAL E 2 24.70 -8.69 -21.16
C VAL E 2 23.92 -7.73 -22.04
N GLN E 3 22.76 -7.28 -21.55
CA GLN E 3 21.95 -6.34 -22.31
C GLN E 3 21.40 -5.25 -21.41
N LEU E 4 21.43 -4.03 -21.91
CA LEU E 4 20.87 -2.87 -21.24
C LEU E 4 19.82 -2.28 -22.18
N GLN E 5 18.55 -2.40 -21.81
CA GLN E 5 17.45 -2.01 -22.67
C GLN E 5 16.78 -0.78 -22.07
N GLN E 6 16.87 0.36 -22.77
CA GLN E 6 16.40 1.66 -22.31
C GLN E 6 15.00 1.98 -22.83
N SER E 7 14.31 2.87 -22.10
CA SER E 7 12.96 3.30 -22.46
C SER E 7 12.97 4.19 -23.71
N ASP E 8 11.79 4.32 -24.32
CA ASP E 8 11.63 4.97 -25.62
C ASP E 8 11.91 6.48 -25.54
N ALA E 9 12.01 7.08 -26.72
CA ALA E 9 12.16 8.54 -26.82
C ALA E 9 10.96 9.26 -26.21
N GLU E 10 11.22 10.42 -25.62
CA GLU E 10 10.19 11.18 -24.95
C GLU E 10 10.24 12.64 -25.39
N LEU E 11 9.06 13.24 -25.56
CA LEU E 11 8.89 14.69 -25.66
C LEU E 11 8.40 15.22 -24.31
N VAL E 12 9.11 16.20 -23.78
CA VAL E 12 8.77 16.78 -22.48
C VAL E 12 8.68 18.30 -22.64
N LYS E 13 7.72 18.91 -21.93
CA LYS E 13 7.59 20.35 -21.94
C LYS E 13 8.60 20.98 -20.98
N PRO E 14 9.14 22.15 -21.32
CA PRO E 14 10.09 22.80 -20.41
C PRO E 14 9.47 23.00 -19.05
N GLY E 15 10.26 22.75 -18.00
CA GLY E 15 9.79 22.81 -16.65
C GLY E 15 9.32 21.47 -16.09
N ALA E 16 8.86 20.57 -16.95
CA ALA E 16 8.41 19.28 -16.47
C ALA E 16 9.62 18.38 -16.21
N SER E 17 9.34 17.13 -15.86
CA SER E 17 10.32 16.13 -15.47
C SER E 17 10.19 14.92 -16.38
N VAL E 18 11.19 14.04 -16.32
CA VAL E 18 11.17 12.81 -17.10
C VAL E 18 11.91 11.72 -16.33
N LYS E 19 11.43 10.49 -16.47
CA LYS E 19 12.05 9.34 -15.82
C LYS E 19 12.43 8.34 -16.90
N ILE E 20 13.73 8.05 -16.99
CA ILE E 20 14.30 7.19 -18.02
C ILE E 20 14.73 5.89 -17.36
N SER E 21 14.40 4.76 -17.98
CA SER E 21 14.63 3.47 -17.38
C SER E 21 15.69 2.69 -18.16
N CYS E 22 16.38 1.81 -17.45
CA CYS E 22 17.47 1.02 -18.03
C CYS E 22 17.32 -0.39 -17.48
N LYS E 23 16.92 -1.34 -18.32
CA LYS E 23 16.58 -2.69 -17.84
C LYS E 23 17.72 -3.65 -18.17
N ALA E 24 18.38 -4.14 -17.12
CA ALA E 24 19.56 -4.96 -17.26
C ALA E 24 19.21 -6.44 -17.25
N SER E 25 20.01 -7.22 -17.95
CA SER E 25 19.80 -8.67 -18.00
C SER E 25 21.12 -9.32 -18.40
N GLY E 26 21.23 -10.62 -18.08
CA GLY E 26 22.42 -11.36 -18.40
C GLY E 26 23.48 -11.33 -17.33
N TYR E 27 23.21 -10.72 -16.19
CA TYR E 27 24.20 -10.63 -15.12
C TYR E 27 23.45 -10.23 -13.85
N THR E 28 24.08 -10.46 -12.71
CA THR E 28 23.42 -10.16 -11.44
C THR E 28 23.42 -8.64 -11.22
N PHE E 29 22.22 -8.06 -11.26
CA PHE E 29 22.01 -6.62 -11.21
C PHE E 29 22.71 -5.97 -10.02
N THR E 30 22.82 -6.70 -8.91
CA THR E 30 23.31 -6.12 -7.67
C THR E 30 24.82 -6.16 -7.53
N ASP E 31 25.55 -6.65 -8.54
CA ASP E 31 27.00 -6.73 -8.45
C ASP E 31 27.77 -5.75 -9.32
N ARG E 32 27.11 -4.91 -10.11
CA ARG E 32 27.81 -3.92 -10.94
C ARG E 32 27.13 -2.58 -10.79
N THR E 33 27.92 -1.51 -10.93
CA THR E 33 27.35 -0.18 -10.98
C THR E 33 26.73 0.08 -12.35
N ILE E 34 25.79 1.03 -12.37
CA ILE E 34 25.19 1.53 -13.59
C ILE E 34 25.54 3.02 -13.66
N HIS E 35 26.13 3.42 -14.79
CA HIS E 35 26.53 4.81 -15.01
C HIS E 35 25.65 5.40 -16.08
N TRP E 36 25.42 6.71 -16.01
CA TRP E 36 24.60 7.44 -16.98
C TRP E 36 25.41 8.54 -17.65
N VAL E 37 25.11 8.75 -18.94
CA VAL E 37 25.93 9.59 -19.82
C VAL E 37 25.02 10.41 -20.75
N LYS E 38 25.33 11.68 -20.90
CA LYS E 38 24.57 12.56 -21.79
C LYS E 38 25.35 12.80 -23.08
N GLN E 39 24.65 12.77 -24.22
CA GLN E 39 25.29 13.06 -25.51
C GLN E 39 24.46 14.07 -26.29
N ARG E 40 25.02 15.33 -26.50
CA ARG E 40 24.41 16.25 -27.45
C ARG E 40 25.19 16.24 -28.75
N PRO E 41 24.55 16.54 -29.89
CA PRO E 41 25.26 16.39 -31.17
C PRO E 41 26.49 17.27 -31.33
N GLU E 42 26.50 18.46 -30.74
CA GLU E 42 27.64 19.34 -30.93
C GLU E 42 28.72 19.18 -29.85
N GLN E 43 28.35 18.73 -28.66
CA GLN E 43 29.15 18.93 -27.46
C GLN E 43 29.96 17.72 -27.00
N GLY E 44 29.70 16.52 -27.52
CA GLY E 44 30.38 15.36 -26.99
C GLY E 44 29.81 14.86 -25.67
N LEU E 45 30.48 13.86 -25.12
CA LEU E 45 29.93 13.06 -24.04
C LEU E 45 30.22 13.69 -22.68
N GLU E 46 29.24 13.58 -21.78
CA GLU E 46 29.36 14.08 -20.42
C GLU E 46 28.83 13.04 -19.43
N TRP E 47 29.59 12.82 -18.36
CA TRP E 47 29.22 11.85 -17.34
C TRP E 47 28.26 12.48 -16.34
N ILE E 48 27.15 11.80 -16.06
CA ILE E 48 26.15 12.30 -15.12
C ILE E 48 26.40 11.78 -13.72
N GLY E 49 26.56 10.48 -13.56
CA GLY E 49 26.73 9.88 -12.25
C GLY E 49 26.54 8.39 -12.34
N TYR E 50 26.57 7.75 -11.17
CA TYR E 50 26.40 6.29 -11.13
C TYR E 50 25.63 5.88 -9.89
N ILE E 51 25.04 4.69 -9.96
CA ILE E 51 24.40 4.04 -8.83
C ILE E 51 24.93 2.61 -8.74
N TYR E 52 25.19 2.16 -7.50
CA TYR E 52 25.51 0.78 -7.22
C TYR E 52 24.27 0.10 -6.66
N PRO E 53 23.54 -0.71 -7.44
CA PRO E 53 22.34 -1.36 -6.90
C PRO E 53 22.61 -2.27 -5.70
N GLY E 54 23.88 -2.60 -5.44
CA GLY E 54 24.19 -3.46 -4.31
C GLY E 54 23.84 -2.83 -2.97
N ASP E 55 24.24 -1.57 -2.76
CA ASP E 55 23.86 -0.84 -1.55
C ASP E 55 23.12 0.45 -1.86
N ASP E 56 22.73 0.68 -3.11
CA ASP E 56 22.03 1.88 -3.56
C ASP E 56 22.82 3.16 -3.29
N SER E 57 24.13 3.07 -3.13
CA SER E 57 24.94 4.29 -3.07
C SER E 57 24.98 4.96 -4.44
N THR E 58 25.12 6.29 -4.45
CA THR E 58 25.13 7.06 -5.68
C THR E 58 26.19 8.15 -5.59
N LYS E 59 26.72 8.54 -6.74
CA LYS E 59 27.61 9.70 -6.86
C LYS E 59 27.22 10.47 -8.09
N TYR E 60 27.30 11.80 -8.02
CA TYR E 60 26.90 12.66 -9.13
C TYR E 60 28.04 13.56 -9.55
N ASN E 61 28.08 13.85 -10.85
CA ASN E 61 28.80 15.02 -11.36
C ASN E 61 28.15 16.27 -10.78
N ASP E 62 28.96 17.17 -10.22
CA ASP E 62 28.43 18.42 -9.68
C ASP E 62 27.57 19.17 -10.68
N MET E 63 27.86 19.02 -11.98
CA MET E 63 27.06 19.65 -13.01
C MET E 63 25.61 19.16 -12.99
N PHE E 64 25.36 17.95 -12.45
CA PHE E 64 24.07 17.32 -12.59
C PHE E 64 23.39 16.97 -11.28
N LYS E 65 24.07 17.09 -10.13
CA LYS E 65 23.34 17.00 -8.88
C LYS E 65 22.31 18.12 -8.87
N ALA E 66 21.14 17.84 -8.28
CA ALA E 66 19.99 18.76 -8.29
C ALA E 66 19.16 18.68 -9.57
N LYS E 67 19.77 18.36 -10.71
CA LYS E 67 19.01 18.10 -11.93
C LYS E 67 18.68 16.62 -12.12
N ALA E 68 19.52 15.71 -11.61
CA ALA E 68 19.36 14.28 -11.88
C ALA E 68 19.24 13.47 -10.60
N THR E 69 18.35 12.48 -10.59
CA THR E 69 18.23 11.53 -9.49
C THR E 69 18.31 10.11 -10.03
N LEU E 70 19.29 9.35 -9.55
CA LEU E 70 19.45 7.96 -9.92
C LEU E 70 18.81 7.07 -8.88
N THR E 71 18.02 6.10 -9.34
CA THR E 71 17.42 5.08 -8.48
C THR E 71 17.53 3.72 -9.15
N ALA E 72 17.30 2.66 -8.37
CA ALA E 72 17.33 1.30 -8.87
C ALA E 72 16.22 0.50 -8.21
N ASP E 73 15.77 -0.55 -8.91
CA ASP E 73 14.78 -1.49 -8.39
C ASP E 73 15.29 -2.90 -8.70
N LYS E 74 15.87 -3.55 -7.68
CA LYS E 74 16.52 -4.84 -7.91
C LYS E 74 15.53 -5.97 -8.20
N SER E 75 14.24 -5.80 -7.88
CA SER E 75 13.28 -6.85 -8.16
C SER E 75 13.04 -7.03 -9.66
N SER E 76 13.09 -5.93 -10.43
CA SER E 76 12.92 -6.00 -11.89
C SER E 76 14.20 -5.68 -12.64
N ASN E 77 15.32 -5.56 -11.94
CA ASN E 77 16.64 -5.33 -12.56
C ASN E 77 16.65 -4.09 -13.44
N THR E 78 16.00 -3.02 -12.98
CA THR E 78 15.88 -1.78 -13.74
C THR E 78 16.51 -0.63 -12.97
N ALA E 79 17.38 0.12 -13.64
CA ALA E 79 17.88 1.38 -13.11
C ALA E 79 17.11 2.54 -13.73
N TYR E 80 16.97 3.62 -12.97
CA TYR E 80 16.19 4.77 -13.40
C TYR E 80 17.00 6.04 -13.26
N MET E 81 16.75 7.00 -14.15
CA MET E 81 17.29 8.35 -14.02
C MET E 81 16.16 9.36 -14.17
N GLN E 82 15.99 10.18 -13.13
CA GLN E 82 14.99 11.24 -13.13
C GLN E 82 15.68 12.57 -13.41
N LEU E 83 15.20 13.29 -14.41
CA LEU E 83 15.69 14.63 -14.75
C LEU E 83 14.58 15.65 -14.50
N ASN E 84 14.85 16.65 -13.66
CA ASN E 84 13.85 17.61 -13.24
C ASN E 84 14.11 18.99 -13.86
N SER E 85 13.05 19.78 -13.98
CA SER E 85 13.11 21.19 -14.34
C SER E 85 13.78 21.39 -15.69
N LEU E 86 13.26 20.71 -16.72
CA LEU E 86 13.97 20.61 -17.99
C LEU E 86 13.92 21.90 -18.80
N THR E 87 15.01 22.17 -19.53
CA THR E 87 15.03 23.23 -20.54
C THR E 87 15.59 22.67 -21.86
N SER E 88 15.58 23.51 -22.88
CA SER E 88 16.10 23.14 -24.19
C SER E 88 17.53 22.61 -24.12
N ASP E 89 18.28 22.97 -23.08
CA ASP E 89 19.63 22.47 -22.91
C ASP E 89 19.66 20.99 -22.53
N ASP E 90 18.58 20.49 -21.96
CA ASP E 90 18.53 19.09 -21.56
C ASP E 90 18.11 18.18 -22.70
N SER E 91 17.79 18.72 -23.87
CA SER E 91 17.52 17.90 -25.04
C SER E 91 18.80 17.20 -25.47
N ALA E 92 18.80 15.88 -25.41
CA ALA E 92 20.00 15.08 -25.71
C ALA E 92 19.59 13.63 -25.72
N VAL E 93 20.55 12.76 -26.08
CA VAL E 93 20.41 11.31 -25.91
C VAL E 93 21.13 10.93 -24.62
N TYR E 94 20.45 10.18 -23.77
CA TYR E 94 21.01 9.69 -22.52
C TYR E 94 21.28 8.19 -22.62
N PHE E 95 22.48 7.77 -22.21
CA PHE E 95 22.85 6.37 -22.19
C PHE E 95 23.03 5.87 -20.75
N CYS E 96 22.73 4.61 -20.53
CA CYS E 96 23.25 3.89 -19.37
C CYS E 96 24.37 2.96 -19.82
N ALA E 97 25.25 2.61 -18.88
CA ALA E 97 26.39 1.74 -19.16
C ALA E 97 26.81 0.98 -17.92
N ARG E 98 27.25 -0.26 -18.10
CA ARG E 98 27.60 -1.12 -16.99
C ARG E 98 29.04 -0.92 -16.55
N ARG E 99 29.26 -0.75 -15.24
CA ARG E 99 30.57 -0.58 -14.60
C ARG E 99 31.22 0.78 -14.90
N GLY E 100 32.16 1.19 -14.04
CA GLY E 100 33.00 2.33 -14.39
C GLY E 100 33.72 2.14 -15.71
N THR E 101 34.11 0.92 -16.02
CA THR E 101 34.79 0.65 -17.28
C THR E 101 33.83 0.69 -18.47
N MET E 102 32.53 0.66 -18.20
CA MET E 102 31.47 0.84 -19.20
C MET E 102 31.56 -0.19 -20.34
N ASP E 103 31.55 -1.49 -19.96
CA ASP E 103 31.76 -2.52 -20.97
C ASP E 103 30.51 -2.88 -21.76
N TYR E 104 29.33 -2.47 -21.32
CA TYR E 104 28.13 -2.63 -22.13
C TYR E 104 27.28 -1.38 -21.98
N TRP E 105 26.71 -0.91 -23.09
CA TRP E 105 25.90 0.31 -23.13
C TRP E 105 24.49 0.02 -23.62
N GLY E 106 23.50 0.71 -23.05
CA GLY E 106 22.17 0.69 -23.61
C GLY E 106 22.13 1.38 -24.95
N GLN E 107 20.98 1.28 -25.63
CA GLN E 107 20.83 1.85 -26.97
C GLN E 107 20.57 3.36 -26.97
N GLY E 108 20.42 3.99 -25.82
CA GLY E 108 20.20 5.43 -25.75
C GLY E 108 18.73 5.79 -25.71
N THR E 109 18.44 6.91 -25.04
CA THR E 109 17.08 7.46 -25.01
C THR E 109 17.14 8.93 -25.39
N SER E 110 16.41 9.28 -26.45
CA SER E 110 16.41 10.64 -26.98
C SER E 110 15.30 11.46 -26.32
N VAL E 111 15.68 12.50 -25.59
CA VAL E 111 14.73 13.35 -24.86
C VAL E 111 14.63 14.69 -25.58
N THR E 112 13.41 15.08 -25.95
CA THR E 112 13.15 16.37 -26.58
C THR E 112 12.42 17.26 -25.59
N VAL E 113 13.00 18.42 -25.26
CA VAL E 113 12.38 19.39 -24.35
C VAL E 113 11.88 20.54 -25.20
N SER E 114 10.56 20.70 -25.29
CA SER E 114 10.01 21.63 -26.27
C SER E 114 8.54 21.90 -25.96
N SER E 115 8.10 23.12 -26.30
CA SER E 115 6.73 23.56 -26.12
C SER E 115 5.81 23.18 -27.28
N ALA E 116 6.36 22.94 -28.46
CA ALA E 116 5.55 22.75 -29.66
C ALA E 116 4.66 21.50 -29.57
N LYS E 117 3.57 21.52 -30.33
CA LYS E 117 2.52 20.52 -30.23
C LYS E 117 2.84 19.27 -31.06
N THR E 118 2.52 18.11 -30.51
CA THR E 118 2.58 16.86 -31.27
C THR E 118 1.65 16.92 -32.46
N THR E 119 2.19 16.70 -33.68
CA THR E 119 1.37 16.71 -34.90
C THR E 119 1.84 15.57 -35.81
N PRO E 120 0.92 14.82 -36.40
CA PRO E 120 1.31 13.67 -37.22
C PRO E 120 1.82 14.11 -38.59
N PRO E 121 2.51 13.24 -39.32
CA PRO E 121 3.11 13.65 -40.58
C PRO E 121 2.14 13.58 -41.74
N SER E 122 2.43 14.37 -42.76
CA SER E 122 1.85 14.19 -44.08
C SER E 122 2.86 13.43 -44.92
N VAL E 123 2.39 12.38 -45.60
CA VAL E 123 3.25 11.55 -46.43
C VAL E 123 2.83 11.71 -47.88
N TYR E 124 3.77 12.15 -48.72
CA TYR E 124 3.48 12.34 -50.13
C TYR E 124 4.34 11.44 -50.99
N PRO E 125 3.75 10.80 -52.00
CA PRO E 125 4.54 9.94 -52.89
C PRO E 125 5.41 10.76 -53.85
N LEU E 126 6.58 10.19 -54.16
CA LEU E 126 7.52 10.76 -55.12
C LEU E 126 7.69 9.75 -56.24
N ALA E 127 7.04 10.00 -57.37
CA ALA E 127 7.15 9.16 -58.54
C ALA E 127 7.71 9.98 -59.70
N PRO E 128 8.48 9.36 -60.60
CA PRO E 128 9.09 10.12 -61.70
C PRO E 128 8.04 10.84 -62.53
N GLY E 129 8.36 12.08 -62.91
CA GLY E 129 7.40 12.93 -63.60
C GLY E 129 6.87 12.30 -64.87
N SER E 130 5.71 12.79 -65.29
CA SER E 130 4.93 12.23 -66.40
C SER E 130 5.69 12.19 -67.73
N ALA E 131 6.81 12.89 -67.84
CA ALA E 131 7.70 12.80 -69.00
C ALA E 131 9.13 12.71 -68.46
N ALA E 132 9.66 11.49 -68.41
CA ALA E 132 11.01 11.26 -67.90
C ALA E 132 11.61 10.06 -68.63
N GLN E 133 12.94 10.07 -68.74
CA GLN E 133 13.65 8.96 -69.34
C GLN E 133 13.70 7.77 -68.38
N THR E 134 14.21 6.65 -68.87
CA THR E 134 14.19 5.40 -68.10
C THR E 134 15.45 4.60 -68.39
N ASN E 135 16.20 4.25 -67.33
CA ASN E 135 17.39 3.41 -67.43
C ASN E 135 17.07 1.96 -67.05
N SER E 136 18.06 1.26 -66.51
CA SER E 136 17.84 -0.04 -65.88
C SER E 136 17.45 0.05 -64.41
N MET E 137 17.57 1.23 -63.79
CA MET E 137 17.19 1.47 -62.42
C MET E 137 16.22 2.64 -62.36
N VAL E 138 15.21 2.57 -61.48
CA VAL E 138 14.33 3.69 -61.16
C VAL E 138 14.52 4.06 -59.70
N THR E 139 14.50 5.36 -59.43
CA THR E 139 14.50 5.86 -58.06
C THR E 139 13.12 6.42 -57.75
N LEU E 140 12.51 5.91 -56.68
CA LEU E 140 11.26 6.41 -56.13
C LEU E 140 11.54 7.01 -54.76
N GLY E 141 10.51 7.62 -54.16
CA GLY E 141 10.71 8.25 -52.86
C GLY E 141 9.44 8.54 -52.11
N CYS E 142 9.61 8.95 -50.86
CA CYS E 142 8.54 9.40 -49.99
C CYS E 142 8.95 10.71 -49.33
N LEU E 143 8.05 11.68 -49.35
CA LEU E 143 8.27 12.98 -48.70
C LEU E 143 7.42 13.04 -47.44
N VAL E 144 8.07 13.15 -46.27
CA VAL E 144 7.41 13.11 -44.97
C VAL E 144 7.49 14.51 -44.37
N LYS E 145 6.34 15.20 -44.26
CA LYS E 145 6.37 16.62 -43.99
C LYS E 145 5.47 16.99 -42.81
N GLY E 146 5.95 17.92 -42.00
CA GLY E 146 5.06 18.63 -41.08
C GLY E 146 4.70 17.88 -39.82
N TYR E 147 5.65 17.18 -39.21
CA TYR E 147 5.36 16.38 -38.04
C TYR E 147 6.18 16.85 -36.84
N PHE E 148 5.72 16.46 -35.65
CA PHE E 148 6.44 16.78 -34.43
C PHE E 148 5.95 15.89 -33.30
N PRO E 149 6.85 15.40 -32.42
CA PRO E 149 8.30 15.49 -32.47
C PRO E 149 8.94 14.43 -33.36
N GLU E 150 10.28 14.34 -33.34
CA GLU E 150 10.97 13.14 -33.77
C GLU E 150 10.93 12.10 -32.66
N PRO E 151 11.08 10.81 -33.00
CA PRO E 151 11.40 10.24 -34.31
C PRO E 151 10.21 9.76 -35.15
N VAL E 152 10.48 9.62 -36.43
CA VAL E 152 9.65 8.86 -37.34
C VAL E 152 10.46 7.65 -37.80
N THR E 153 9.78 6.55 -38.12
CA THR E 153 10.45 5.34 -38.61
C THR E 153 9.93 5.06 -40.01
N VAL E 154 10.79 5.08 -41.01
CA VAL E 154 10.37 4.83 -42.39
C VAL E 154 10.98 3.51 -42.86
N THR E 155 10.15 2.67 -43.47
CA THR E 155 10.58 1.44 -44.10
C THR E 155 9.95 1.38 -45.49
N TRP E 156 10.44 0.46 -46.31
CA TRP E 156 9.88 0.21 -47.62
C TRP E 156 9.42 -1.25 -47.70
N ASN E 157 8.20 -1.44 -48.20
CA ASN E 157 7.54 -2.76 -48.22
C ASN E 157 7.68 -3.46 -46.88
N SER E 158 7.35 -2.71 -45.83
CA SER E 158 7.31 -3.24 -44.46
C SER E 158 8.65 -3.81 -44.02
N GLY E 159 9.75 -3.32 -44.60
CA GLY E 159 11.07 -3.77 -44.23
C GLY E 159 11.70 -4.78 -45.17
N SER E 160 10.93 -5.39 -46.08
CA SER E 160 11.50 -6.35 -47.02
C SER E 160 12.30 -5.67 -48.12
N LEU E 161 12.09 -4.36 -48.36
CA LEU E 161 12.91 -3.58 -49.27
C LEU E 161 13.91 -2.78 -48.44
N SER E 162 15.18 -3.20 -48.43
CA SER E 162 16.14 -2.53 -47.58
C SER E 162 17.39 -2.07 -48.32
N SER E 163 17.77 -2.78 -49.40
CA SER E 163 18.92 -2.37 -50.20
C SER E 163 18.57 -1.14 -51.03
N GLY E 164 19.55 -0.25 -51.19
CA GLY E 164 19.34 0.90 -52.05
C GLY E 164 18.45 1.99 -51.49
N VAL E 165 18.33 2.08 -50.15
CA VAL E 165 17.51 3.10 -49.49
C VAL E 165 18.41 4.22 -48.99
N HIS E 166 17.96 5.46 -49.13
CA HIS E 166 18.51 6.59 -48.39
C HIS E 166 17.35 7.33 -47.74
N THR E 167 17.31 7.28 -46.42
CA THR E 167 16.37 8.02 -45.59
C THR E 167 17.16 9.13 -44.92
N PHE E 168 16.92 10.33 -45.30
CA PHE E 168 17.75 11.47 -44.92
C PHE E 168 17.35 12.01 -43.54
N PRO E 169 18.30 12.60 -42.81
CA PRO E 169 17.94 13.23 -41.53
C PRO E 169 16.88 14.31 -41.68
N ALA E 170 16.04 14.41 -40.65
CA ALA E 170 14.97 15.40 -40.62
C ALA E 170 15.54 16.79 -40.44
N VAL E 171 14.83 17.78 -40.96
CA VAL E 171 15.19 19.18 -40.78
C VAL E 171 14.04 19.90 -40.10
N LEU E 172 14.36 20.66 -39.05
CA LEU E 172 13.36 21.39 -38.27
C LEU E 172 13.15 22.78 -38.86
N GLN E 173 11.90 23.12 -39.17
CA GLN E 173 11.53 24.45 -39.63
C GLN E 173 10.17 24.82 -39.08
N SER E 174 10.10 25.95 -38.37
CA SER E 174 8.84 26.51 -37.84
C SER E 174 8.09 25.48 -36.99
N ASP E 175 8.81 24.85 -36.07
CA ASP E 175 8.29 23.85 -35.14
C ASP E 175 7.83 22.55 -35.81
N LEU E 176 8.12 22.36 -37.10
CA LEU E 176 7.73 21.15 -37.82
C LEU E 176 8.94 20.56 -38.55
N TYR E 177 9.04 19.24 -38.52
CA TYR E 177 10.11 18.52 -39.19
C TYR E 177 9.69 18.07 -40.57
N THR E 178 10.68 17.91 -41.45
CA THR E 178 10.50 17.34 -42.77
C THR E 178 11.64 16.36 -43.04
N LEU E 179 11.32 15.21 -43.61
CA LEU E 179 12.37 14.34 -44.14
C LEU E 179 11.87 13.71 -45.45
N SER E 180 12.80 13.09 -46.15
CA SER E 180 12.50 12.37 -47.38
C SER E 180 13.30 11.07 -47.38
N SER E 181 12.79 10.07 -48.09
CA SER E 181 13.46 8.78 -48.23
C SER E 181 13.41 8.38 -49.70
N SER E 182 14.52 7.88 -50.24
CA SER E 182 14.53 7.39 -51.61
C SER E 182 14.85 5.90 -51.63
N VAL E 183 14.30 5.22 -52.62
CA VAL E 183 14.57 3.81 -52.86
C VAL E 183 14.87 3.61 -54.34
N THR E 184 15.94 2.86 -54.65
CA THR E 184 16.33 2.61 -56.02
C THR E 184 16.12 1.14 -56.35
N VAL E 185 15.44 0.89 -57.46
CA VAL E 185 14.93 -0.44 -57.78
C VAL E 185 15.18 -0.72 -59.26
N PRO E 186 15.34 -1.99 -59.64
CA PRO E 186 15.50 -2.32 -61.07
C PRO E 186 14.27 -1.96 -61.89
N SER E 187 14.50 -1.29 -63.02
CA SER E 187 13.43 -0.68 -63.80
C SER E 187 12.40 -1.70 -64.26
N SER E 188 12.82 -2.94 -64.47
CA SER E 188 11.90 -3.97 -64.95
C SER E 188 10.93 -4.43 -63.87
N THR E 189 11.15 -4.08 -62.59
CA THR E 189 10.33 -4.59 -61.49
C THR E 189 9.32 -3.58 -60.96
N TRP E 190 9.36 -2.34 -61.43
CA TRP E 190 8.38 -1.36 -61.02
C TRP E 190 7.68 -0.78 -62.25
N PRO E 191 6.34 -0.74 -62.28
CA PRO E 191 5.51 -1.04 -61.12
C PRO E 191 5.02 -2.48 -60.91
N SER E 192 5.54 -3.48 -61.63
CA SER E 192 4.96 -4.83 -61.56
C SER E 192 5.06 -5.40 -60.14
N GLU E 193 6.17 -5.17 -59.46
CA GLU E 193 6.35 -5.57 -58.07
C GLU E 193 6.29 -4.30 -57.21
N THR E 194 5.16 -4.11 -56.53
CA THR E 194 4.86 -2.81 -55.92
C THR E 194 5.91 -2.42 -54.88
N VAL E 195 6.06 -1.12 -54.67
CA VAL E 195 6.89 -0.60 -53.59
C VAL E 195 6.08 0.45 -52.83
N THR E 196 6.13 0.38 -51.50
CA THR E 196 5.28 1.14 -50.59
C THR E 196 6.17 1.64 -49.46
N CYS E 197 6.13 2.94 -49.17
CA CYS E 197 6.86 3.40 -47.99
C CYS E 197 5.92 3.43 -46.79
N ASN E 198 6.45 3.03 -45.63
CA ASN E 198 5.68 2.97 -44.39
C ASN E 198 6.28 3.96 -43.42
N VAL E 199 5.44 4.82 -42.85
CA VAL E 199 5.90 5.90 -41.97
C VAL E 199 5.16 5.80 -40.64
N ALA E 200 5.87 5.42 -39.59
CA ALA E 200 5.30 5.30 -38.26
C ALA E 200 5.77 6.46 -37.40
N HIS E 201 4.83 7.10 -36.70
CA HIS E 201 5.13 8.22 -35.84
C HIS E 201 4.52 7.90 -34.48
N PRO E 202 5.25 7.19 -33.62
CA PRO E 202 4.65 6.74 -32.35
C PRO E 202 4.15 7.89 -31.48
N ALA E 203 4.81 9.05 -31.49
CA ALA E 203 4.34 10.14 -30.64
C ALA E 203 2.87 10.47 -30.89
N SER E 204 2.41 10.40 -32.14
CA SER E 204 1.01 10.64 -32.47
C SER E 204 0.21 9.37 -32.66
N SER E 205 0.79 8.21 -32.36
CA SER E 205 0.07 6.92 -32.47
C SER E 205 -0.51 6.75 -33.87
N THR E 206 0.26 7.14 -34.87
CA THR E 206 -0.15 7.17 -36.26
C THR E 206 0.85 6.40 -37.10
N LYS E 207 0.35 5.69 -38.11
CA LYS E 207 1.21 5.07 -39.12
C LYS E 207 0.55 5.29 -40.46
N VAL E 208 1.34 5.64 -41.48
CA VAL E 208 0.80 5.93 -42.80
C VAL E 208 1.60 5.14 -43.83
N ASP E 209 0.90 4.40 -44.69
CA ASP E 209 1.52 3.67 -45.79
C ASP E 209 1.11 4.30 -47.12
N LYS E 210 2.09 4.64 -47.94
CA LYS E 210 1.83 5.25 -49.26
C LYS E 210 2.46 4.38 -50.33
N LYS E 211 1.63 3.79 -51.19
CA LYS E 211 2.14 3.07 -52.36
C LYS E 211 2.50 4.05 -53.47
N ILE E 212 3.69 3.86 -54.05
CA ILE E 212 4.16 4.69 -55.16
C ILE E 212 3.60 4.12 -56.46
N VAL E 213 2.68 4.85 -57.08
CA VAL E 213 2.09 4.42 -58.36
C VAL E 213 2.56 5.38 -59.47
N PRO E 214 2.62 4.94 -60.72
CA PRO E 214 3.17 5.80 -61.77
C PRO E 214 2.27 6.99 -62.08
N ARG E 215 2.87 8.01 -62.66
CA ARG E 215 2.16 9.22 -63.08
C ARG E 215 1.60 9.07 -64.49
N ASP E 216 0.61 9.91 -64.79
CA ASP E 216 -0.10 9.83 -66.07
C ASP E 216 -0.26 11.18 -66.75
N ILE F 7 37.11 10.77 -4.43
CA ILE F 7 37.43 11.30 -5.74
C ILE F 7 37.86 10.15 -6.65
N VAL F 8 38.50 9.13 -6.09
CA VAL F 8 38.90 7.94 -6.85
C VAL F 8 37.76 6.94 -6.84
N TYR F 9 37.31 6.54 -8.04
CA TYR F 9 36.32 5.48 -8.16
C TYR F 9 36.97 4.11 -8.06
N LYS F 10 36.34 3.21 -7.29
CA LYS F 10 36.75 1.81 -7.24
C LYS F 10 35.57 0.88 -7.51
N SEP F 11 35.73 -0.03 -8.48
CA SEP F 11 34.68 -0.99 -8.80
CB SEP F 11 35.10 -1.90 -9.97
OG SEP F 11 35.41 -1.16 -11.13
C SEP F 11 34.39 -1.82 -7.56
O SEP F 11 35.31 -2.28 -6.88
P SEP F 11 34.39 -1.44 -12.34
O1P SEP F 11 32.99 -0.69 -12.08
O2P SEP F 11 34.16 -3.01 -12.60
O3P SEP F 11 35.02 -0.79 -13.67
N PRO F 12 33.10 -1.99 -7.23
CA PRO F 12 32.75 -2.85 -6.10
C PRO F 12 33.37 -4.24 -6.18
N VAL F 13 33.80 -4.76 -5.04
CA VAL F 13 34.40 -6.10 -4.98
C VAL F 13 33.42 -7.16 -5.49
N ASP G 1 -2.47 -13.05 0.82
CA ASP G 1 -1.83 -13.78 1.90
C ASP G 1 -2.81 -14.68 2.63
N VAL G 2 -2.29 -15.80 3.11
CA VAL G 2 -3.02 -16.68 4.03
C VAL G 2 -2.56 -16.27 5.42
N GLN G 3 -3.31 -15.36 6.04
CA GLN G 3 -2.92 -14.84 7.34
C GLN G 3 -3.45 -15.73 8.47
N MET G 4 -2.78 -15.67 9.62
CA MET G 4 -3.15 -16.41 10.81
C MET G 4 -3.64 -15.43 11.86
N ILE G 5 -4.88 -15.63 12.34
CA ILE G 5 -5.49 -14.75 13.34
C ILE G 5 -5.44 -15.47 14.68
N GLN G 6 -4.70 -14.89 15.64
CA GLN G 6 -4.37 -15.54 16.90
C GLN G 6 -5.14 -14.90 18.05
N SER G 7 -5.56 -15.72 19.01
CA SER G 7 -6.15 -15.19 20.23
C SER G 7 -6.02 -16.25 21.31
N PRO G 8 -6.05 -15.85 22.60
CA PRO G 8 -6.13 -14.46 23.04
C PRO G 8 -4.77 -13.74 22.87
N SER G 9 -4.72 -12.45 23.14
CA SER G 9 -3.44 -11.75 23.05
C SER G 9 -2.61 -11.93 24.31
N SER G 10 -3.24 -12.28 25.43
CA SER G 10 -2.51 -12.58 26.65
C SER G 10 -3.34 -13.51 27.52
N LEU G 11 -2.68 -14.12 28.50
CA LEU G 11 -3.21 -15.24 29.25
C LEU G 11 -2.60 -15.20 30.64
N SER G 12 -3.41 -15.43 31.67
CA SER G 12 -2.95 -15.42 33.04
C SER G 12 -3.51 -16.64 33.75
N ALA G 13 -2.62 -17.52 34.24
CA ALA G 13 -3.07 -18.79 34.79
C ALA G 13 -2.14 -19.24 35.91
N SER G 14 -2.69 -20.05 36.82
CA SER G 14 -1.94 -20.51 37.97
C SER G 14 -1.10 -21.72 37.61
N LEU G 15 -0.19 -22.08 38.51
CA LEU G 15 0.69 -23.21 38.28
C LEU G 15 -0.08 -24.51 38.31
N GLY G 16 0.24 -25.39 37.36
CA GLY G 16 -0.45 -26.66 37.25
C GLY G 16 -1.71 -26.62 36.40
N ASP G 17 -2.12 -25.45 35.94
CA ASP G 17 -3.31 -25.30 35.12
C ASP G 17 -3.06 -25.77 33.69
N ILE G 18 -4.15 -25.94 32.96
CA ILE G 18 -4.16 -26.22 31.53
C ILE G 18 -4.56 -24.93 30.82
N VAL G 19 -3.90 -24.64 29.70
CA VAL G 19 -4.06 -23.37 29.02
C VAL G 19 -4.07 -23.63 27.53
N THR G 20 -4.87 -22.86 26.77
CA THR G 20 -4.97 -23.01 25.33
C THR G 20 -4.91 -21.65 24.63
N MET G 21 -4.54 -21.70 23.35
CA MET G 21 -4.54 -20.53 22.50
C MET G 21 -4.77 -21.02 21.08
N THR G 22 -5.29 -20.15 20.21
CA THR G 22 -5.72 -20.59 18.89
C THR G 22 -5.20 -19.69 17.78
N CYS G 23 -5.02 -20.28 16.61
CA CYS G 23 -4.74 -19.56 15.38
C CYS G 23 -5.75 -20.00 14.33
N GLN G 24 -6.49 -19.04 13.77
CA GLN G 24 -7.47 -19.30 12.71
C GLN G 24 -6.91 -18.81 11.38
N ALA G 25 -6.84 -19.70 10.40
CA ALA G 25 -6.41 -19.32 9.07
C ALA G 25 -7.45 -18.44 8.38
N SER G 26 -6.97 -17.47 7.59
CA SER G 26 -7.85 -16.48 6.98
C SER G 26 -8.47 -16.94 5.68
N GLN G 27 -8.05 -18.09 5.16
CA GLN G 27 -8.69 -18.69 4.00
C GLN G 27 -8.93 -20.16 4.31
N ASP G 28 -9.91 -20.74 3.62
CA ASP G 28 -10.28 -22.14 3.83
C ASP G 28 -9.39 -23.03 2.96
N THR G 29 -8.12 -23.14 3.37
CA THR G 29 -7.13 -23.94 2.66
C THR G 29 -6.32 -24.76 3.65
N SER G 30 -5.81 -25.88 3.16
CA SER G 30 -4.93 -26.72 3.96
C SER G 30 -3.55 -26.06 4.07
N ILE G 31 -3.00 -26.03 5.29
CA ILE G 31 -1.69 -25.46 5.55
C ILE G 31 -0.97 -26.29 6.60
N ASN G 32 0.35 -26.13 6.64
CA ASN G 32 1.20 -26.76 7.64
C ASN G 32 1.49 -25.71 8.71
N LEU G 33 1.20 -26.02 9.97
CA LEU G 33 1.18 -25.00 11.00
C LEU G 33 2.09 -25.37 12.15
N ASN G 34 2.96 -24.45 12.55
CA ASN G 34 3.93 -24.62 13.62
C ASN G 34 3.63 -23.70 14.79
N TRP G 35 3.97 -24.17 15.99
CA TRP G 35 3.88 -23.38 17.21
C TRP G 35 5.27 -23.16 17.81
N PHE G 36 5.52 -21.93 18.30
CA PHE G 36 6.82 -21.52 18.80
C PHE G 36 6.70 -20.89 20.17
N GLN G 37 7.77 -21.01 20.96
CA GLN G 37 7.89 -20.34 22.24
C GLN G 37 9.02 -19.33 22.16
N GLN G 38 8.80 -18.12 22.67
CA GLN G 38 9.83 -17.09 22.66
C GLN G 38 9.81 -16.35 24.00
N LYS G 39 10.94 -16.35 24.65
CA LYS G 39 11.12 -15.61 25.88
C LYS G 39 11.75 -14.25 25.58
N PRO G 40 11.55 -13.27 26.47
CA PRO G 40 11.94 -11.89 26.13
C PRO G 40 13.43 -11.79 25.84
N GLY G 41 13.75 -11.32 24.65
CA GLY G 41 15.13 -11.15 24.23
C GLY G 41 15.81 -12.41 23.74
N LYS G 42 15.07 -13.48 23.52
CA LYS G 42 15.68 -14.75 23.15
C LYS G 42 15.22 -15.16 21.75
N ALA G 43 15.84 -16.19 21.24
CA ALA G 43 15.38 -16.75 19.99
C ALA G 43 14.14 -17.63 20.21
N PRO G 44 13.23 -17.68 19.22
CA PRO G 44 12.10 -18.60 19.33
C PRO G 44 12.58 -20.04 19.33
N LYS G 45 11.75 -20.91 19.91
CA LYS G 45 11.99 -22.35 19.99
C LYS G 45 10.79 -23.08 19.41
N LEU G 46 11.04 -24.04 18.53
CA LEU G 46 9.96 -24.80 17.89
C LEU G 46 9.38 -25.80 18.88
N LEU G 47 8.06 -25.74 19.09
CA LEU G 47 7.37 -26.72 19.94
C LEU G 47 6.65 -27.78 19.14
N ILE G 48 5.84 -27.37 18.16
CA ILE G 48 4.95 -28.26 17.44
C ILE G 48 5.07 -27.96 15.96
N TYR G 49 5.05 -29.00 15.12
CA TYR G 49 5.05 -28.79 13.68
C TYR G 49 3.97 -29.68 13.06
N GLY G 50 3.48 -29.25 11.90
CA GLY G 50 2.37 -29.97 11.29
C GLY G 50 1.16 -30.09 12.20
N ALA G 51 0.77 -28.97 12.85
CA ALA G 51 -0.39 -28.90 13.73
C ALA G 51 -0.22 -29.65 15.06
N SER G 52 0.34 -30.87 15.02
CA SER G 52 0.28 -31.73 16.19
C SER G 52 1.53 -32.57 16.47
N ASN G 53 2.57 -32.50 15.66
CA ASN G 53 3.76 -33.33 15.91
C ASN G 53 4.70 -32.61 16.89
N LEU G 54 5.06 -33.32 17.96
CA LEU G 54 5.88 -32.75 19.01
C LEU G 54 7.34 -32.72 18.58
N GLU G 55 7.98 -31.55 18.73
CA GLU G 55 9.37 -31.42 18.32
C GLU G 55 10.28 -32.18 19.28
N ASP G 56 11.29 -32.84 18.72
CA ASP G 56 12.20 -33.62 19.55
C ASP G 56 12.76 -32.75 20.67
N GLY G 57 12.70 -33.26 21.90
CA GLY G 57 13.21 -32.55 23.06
C GLY G 57 12.21 -31.70 23.79
N VAL G 58 11.01 -31.50 23.22
CA VAL G 58 9.98 -30.66 23.84
C VAL G 58 9.08 -31.54 24.71
N PRO G 59 8.72 -31.10 25.91
CA PRO G 59 7.89 -31.95 26.78
C PRO G 59 6.51 -32.16 26.19
N SER G 60 5.97 -33.37 26.40
CA SER G 60 4.60 -33.63 25.92
C SER G 60 3.53 -32.91 26.74
N ARG G 61 3.88 -32.03 27.70
CA ARG G 61 2.91 -31.07 28.21
C ARG G 61 2.42 -30.14 27.12
N PHE G 62 3.13 -30.05 25.99
CA PHE G 62 2.72 -29.27 24.83
C PHE G 62 2.09 -30.19 23.80
N SER G 63 0.95 -29.77 23.26
CA SER G 63 0.29 -30.55 22.22
C SER G 63 -0.48 -29.60 21.32
N GLY G 64 -0.64 -30.01 20.07
CA GLY G 64 -1.43 -29.25 19.12
C GLY G 64 -2.47 -30.12 18.46
N SER G 65 -3.50 -29.47 17.96
CA SER G 65 -4.55 -30.13 17.22
C SER G 65 -5.16 -29.14 16.25
N ARG G 66 -5.93 -29.68 15.31
CA ARG G 66 -6.59 -28.92 14.27
C ARG G 66 -8.06 -29.31 14.21
N TYR G 67 -8.92 -28.33 14.02
CA TYR G 67 -10.33 -28.56 13.72
C TYR G 67 -10.69 -27.60 12.61
N GLY G 68 -10.79 -28.11 11.39
CA GLY G 68 -11.04 -27.27 10.23
C GLY G 68 -9.82 -26.44 9.90
N THR G 69 -9.95 -25.12 9.88
CA THR G 69 -8.81 -24.21 9.80
C THR G 69 -8.59 -23.47 11.11
N ASP G 70 -9.03 -24.07 12.22
CA ASP G 70 -8.79 -23.56 13.55
C ASP G 70 -7.73 -24.44 14.22
N PHE G 71 -6.60 -23.85 14.59
CA PHE G 71 -5.48 -24.56 15.20
C PHE G 71 -5.31 -24.17 16.66
N THR G 72 -5.08 -25.16 17.52
CA THR G 72 -5.00 -24.95 18.96
C THR G 72 -3.69 -25.48 19.53
N LEU G 73 -3.04 -24.69 20.37
CA LEU G 73 -1.93 -25.13 21.20
C LEU G 73 -2.40 -25.25 22.65
N THR G 74 -2.12 -26.39 23.29
CA THR G 74 -2.48 -26.63 24.69
C THR G 74 -1.21 -26.83 25.52
N ILE G 75 -1.21 -26.27 26.73
CA ILE G 75 -0.12 -26.49 27.69
C ILE G 75 -0.72 -27.00 28.99
N SER G 76 -0.27 -28.17 29.45
CA SER G 76 -0.74 -28.74 30.70
C SER G 76 0.36 -28.65 31.76
N SER G 77 -0.04 -28.84 33.01
CA SER G 77 0.85 -28.78 34.17
C SER G 77 1.77 -27.55 34.11
N LEU G 78 1.13 -26.37 34.04
CA LEU G 78 1.85 -25.12 33.84
C LEU G 78 2.97 -24.95 34.86
N GLU G 79 4.14 -24.52 34.38
CA GLU G 79 5.32 -24.31 35.20
C GLU G 79 5.84 -22.88 35.03
N ASP G 80 6.68 -22.44 35.97
CA ASP G 80 7.30 -21.11 35.86
C ASP G 80 8.09 -20.99 34.56
N GLU G 81 8.79 -22.05 34.14
CA GLU G 81 9.59 -22.02 32.92
C GLU G 81 8.76 -21.82 31.67
N ASP G 82 7.42 -21.90 31.77
CA ASP G 82 6.55 -21.70 30.62
C ASP G 82 6.19 -20.25 30.37
N MET G 83 6.53 -19.35 31.28
CA MET G 83 6.25 -17.92 31.09
C MET G 83 6.98 -17.38 29.85
N ALA G 84 6.21 -16.92 28.87
CA ALA G 84 6.73 -16.61 27.54
C ALA G 84 5.65 -16.09 26.58
N THR G 85 6.05 -15.69 25.38
CA THR G 85 5.11 -15.40 24.30
C THR G 85 5.15 -16.54 23.29
N TYR G 86 3.96 -16.94 22.83
CA TYR G 86 3.80 -18.06 21.90
C TYR G 86 3.18 -17.54 20.61
N PHE G 87 3.62 -18.09 19.48
CA PHE G 87 3.05 -17.67 18.20
C PHE G 87 3.08 -18.82 17.22
N CYS G 88 2.20 -18.75 16.23
CA CYS G 88 2.08 -19.78 15.21
C CYS G 88 2.70 -19.29 13.91
N LEU G 89 2.98 -20.26 13.03
CA LEU G 89 3.60 -19.97 11.73
C LEU G 89 2.91 -20.78 10.65
N GLN G 90 2.43 -20.08 9.62
CA GLN G 90 1.89 -20.69 8.40
C GLN G 90 3.03 -20.81 7.41
N HIS G 91 3.51 -22.04 7.16
CA HIS G 91 4.63 -22.16 6.22
C HIS G 91 4.32 -23.04 5.02
N THR G 92 3.18 -22.80 4.38
CA THR G 92 2.80 -23.51 3.15
C THR G 92 2.72 -22.59 1.94
N TYR G 93 2.09 -21.42 2.06
CA TYR G 93 1.92 -20.51 0.94
C TYR G 93 2.80 -19.28 1.09
N LEU G 94 3.41 -18.86 -0.01
CA LEU G 94 4.23 -17.65 0.02
C LEU G 94 3.32 -16.44 -0.12
N PRO G 95 3.48 -15.41 0.74
CA PRO G 95 4.44 -15.32 1.84
C PRO G 95 4.01 -16.03 3.13
N PHE G 96 4.99 -16.54 3.86
CA PHE G 96 4.69 -17.11 5.17
C PHE G 96 4.14 -16.02 6.09
N THR G 97 3.22 -16.40 6.98
CA THR G 97 2.67 -15.46 7.94
C THR G 97 2.76 -16.03 9.34
N PHE G 98 2.82 -15.11 10.31
CA PHE G 98 2.88 -15.44 11.73
C PHE G 98 1.65 -14.87 12.42
N GLY G 99 1.23 -15.56 13.48
CA GLY G 99 0.26 -14.98 14.38
C GLY G 99 0.88 -13.94 15.29
N SER G 100 0.04 -13.03 15.77
CA SER G 100 0.53 -11.87 16.49
C SER G 100 0.98 -12.20 17.91
N GLY G 101 0.74 -13.43 18.38
CA GLY G 101 1.34 -13.88 19.60
C GLY G 101 0.38 -13.87 20.79
N THR G 102 0.71 -14.70 21.77
CA THR G 102 -0.02 -14.82 23.04
C THR G 102 0.98 -14.79 24.18
N LYS G 103 0.91 -13.76 25.01
CA LYS G 103 1.78 -13.60 26.17
C LYS G 103 1.16 -14.29 27.38
N LEU G 104 1.92 -15.19 28.00
CA LEU G 104 1.43 -16.09 29.05
C LEU G 104 2.04 -15.70 30.39
N GLU G 105 1.17 -15.33 31.34
CA GLU G 105 1.55 -14.84 32.65
C GLU G 105 1.15 -15.83 33.74
N ILE G 106 1.92 -15.88 34.82
CA ILE G 106 1.66 -16.81 35.92
C ILE G 106 1.00 -16.06 37.06
N LYS G 107 -0.15 -16.57 37.52
CA LYS G 107 -0.81 -16.05 38.71
C LYS G 107 -0.06 -16.47 39.98
N ARG G 108 -0.04 -15.57 40.95
CA ARG G 108 0.49 -15.84 42.28
C ARG G 108 -0.27 -14.96 43.27
N ALA G 109 0.03 -15.12 44.55
CA ALA G 109 -0.63 -14.35 45.60
C ALA G 109 -0.08 -12.93 45.66
N ASP G 110 -0.96 -11.98 45.98
CA ASP G 110 -0.57 -10.59 46.14
C ASP G 110 0.67 -10.46 47.02
N ALA G 111 1.48 -9.44 46.70
CA ALA G 111 2.74 -9.17 47.36
C ALA G 111 2.99 -7.67 47.28
N ALA G 112 3.37 -7.03 48.48
CA ALA G 112 3.66 -5.59 48.49
C ALA G 112 5.12 -5.34 48.08
N PRO G 113 5.45 -4.19 47.49
CA PRO G 113 6.81 -3.97 47.02
C PRO G 113 7.79 -3.79 48.17
N THR G 114 9.04 -4.15 47.93
CA THR G 114 10.13 -3.66 48.75
C THR G 114 10.61 -2.34 48.13
N VAL G 115 10.51 -1.26 48.89
CA VAL G 115 10.78 0.09 48.37
C VAL G 115 12.11 0.60 48.90
N SER G 116 12.94 1.12 48.00
CA SER G 116 14.23 1.73 48.30
C SER G 116 14.32 3.06 47.58
N ILE G 117 14.78 4.10 48.28
CA ILE G 117 14.94 5.44 47.69
C ILE G 117 16.41 5.84 47.75
N PHE G 118 16.89 6.51 46.70
CA PHE G 118 18.31 6.87 46.59
C PHE G 118 18.46 8.34 46.24
N PRO G 119 19.18 9.13 47.02
CA PRO G 119 19.42 10.54 46.66
C PRO G 119 20.37 10.62 45.48
N PRO G 120 20.45 11.78 44.81
CA PRO G 120 21.41 11.93 43.71
C PRO G 120 22.83 11.61 44.16
N SER G 121 23.60 11.00 43.27
CA SER G 121 25.00 10.73 43.56
C SER G 121 25.84 12.02 43.48
N SER G 122 26.97 12.03 44.21
CA SER G 122 27.87 13.18 44.16
C SER G 122 28.36 13.44 42.75
N GLU G 123 28.68 12.37 42.03
CA GLU G 123 29.19 12.50 40.67
C GLU G 123 28.18 13.19 39.77
N GLN G 124 26.91 12.79 39.84
CA GLN G 124 25.91 13.42 38.99
C GLN G 124 25.76 14.89 39.33
N LEU G 125 25.79 15.23 40.62
CA LEU G 125 25.60 16.63 41.02
C LEU G 125 26.72 17.51 40.49
N THR G 126 27.94 16.95 40.35
CA THR G 126 29.07 17.71 39.81
C THR G 126 28.81 18.22 38.40
N SER G 127 27.96 17.55 37.63
CA SER G 127 27.63 18.01 36.28
C SER G 127 26.24 18.65 36.19
N GLY G 128 25.66 19.06 37.31
CA GLY G 128 24.47 19.89 37.30
C GLY G 128 23.13 19.17 37.24
N GLY G 129 23.12 17.82 37.19
CA GLY G 129 21.90 17.05 37.23
C GLY G 129 21.65 16.44 38.60
N ALA G 130 20.40 16.05 38.86
CA ALA G 130 20.03 15.48 40.17
C ALA G 130 18.85 14.53 39.98
N SER G 131 19.14 13.25 39.86
CA SER G 131 18.11 12.22 39.72
C SER G 131 17.91 11.53 41.06
N VAL G 132 16.64 11.41 41.47
CA VAL G 132 16.25 10.67 42.66
C VAL G 132 15.62 9.37 42.19
N VAL G 133 16.17 8.25 42.63
CA VAL G 133 15.80 6.93 42.11
C VAL G 133 15.04 6.18 43.19
N CYS G 134 13.91 5.61 42.81
CA CYS G 134 13.09 4.82 43.71
C CYS G 134 12.78 3.48 43.04
N PHE G 135 13.23 2.38 43.65
CA PHE G 135 12.91 1.02 43.21
C PHE G 135 11.72 0.50 44.04
N LEU G 136 10.73 -0.09 43.36
CA LEU G 136 9.67 -0.88 44.01
C LEU G 136 9.81 -2.31 43.52
N ASN G 137 10.33 -3.21 44.34
CA ASN G 137 10.78 -4.50 43.84
C ASN G 137 9.90 -5.63 44.35
N ASN G 138 9.77 -6.65 43.48
CA ASN G 138 9.13 -7.93 43.79
C ASN G 138 7.73 -7.73 44.39
N PHE G 139 6.84 -7.23 43.55
CA PHE G 139 5.44 -7.07 43.91
C PHE G 139 4.56 -7.79 42.89
N TYR G 140 3.28 -7.96 43.27
CA TYR G 140 2.21 -8.59 42.48
C TYR G 140 0.88 -8.10 43.03
N PRO G 141 -0.11 -7.74 42.18
CA PRO G 141 -0.12 -7.80 40.71
C PRO G 141 0.65 -6.66 40.07
N LYS G 142 0.65 -6.59 38.73
CA LYS G 142 1.59 -5.74 38.02
C LYS G 142 1.27 -4.26 38.16
N ASP G 143 0.00 -3.88 38.30
CA ASP G 143 -0.34 -2.46 38.26
C ASP G 143 -0.24 -1.86 39.66
N ILE G 144 0.83 -1.11 39.89
CA ILE G 144 1.02 -0.35 41.12
C ILE G 144 1.24 1.11 40.75
N ASN G 145 0.87 2.01 41.66
CA ASN G 145 0.98 3.44 41.43
C ASN G 145 2.10 4.02 42.27
N VAL G 146 2.90 4.90 41.65
CA VAL G 146 3.96 5.62 42.33
C VAL G 146 3.55 7.09 42.41
N LYS G 147 3.69 7.67 43.61
CA LYS G 147 3.48 9.09 43.82
C LYS G 147 4.76 9.68 44.42
N TRP G 148 5.20 10.82 43.87
CA TRP G 148 6.35 11.54 44.40
C TRP G 148 5.89 12.81 45.10
N LYS G 149 6.58 13.17 46.19
CA LYS G 149 6.32 14.43 46.88
C LYS G 149 7.63 15.13 47.22
N ILE G 150 7.65 16.45 47.05
CA ILE G 150 8.80 17.28 47.39
C ILE G 150 8.34 18.27 48.45
N ASP G 151 8.97 18.23 49.63
CA ASP G 151 8.52 19.03 50.77
C ASP G 151 7.01 18.89 50.96
N GLY G 152 6.52 17.66 50.87
CA GLY G 152 5.13 17.38 51.11
C GLY G 152 4.17 17.73 49.99
N SER G 153 4.64 18.40 48.93
CA SER G 153 3.81 18.72 47.78
C SER G 153 4.02 17.71 46.67
N GLU G 154 2.93 17.19 46.10
CA GLU G 154 3.03 16.23 45.02
C GLU G 154 3.80 16.83 43.84
N ARG G 155 4.48 15.97 43.09
CA ARG G 155 5.32 16.39 41.98
C ARG G 155 5.13 15.42 40.83
N GLN G 156 4.96 15.96 39.62
CA GLN G 156 4.55 15.17 38.46
C GLN G 156 5.57 15.20 37.32
N ASN G 157 5.96 16.37 36.84
CA ASN G 157 6.90 16.42 35.72
C ASN G 157 8.29 16.00 36.18
N GLY G 158 9.06 15.46 35.24
CA GLY G 158 10.38 14.93 35.53
C GLY G 158 10.41 13.48 36.01
N VAL G 159 9.26 12.80 36.08
CA VAL G 159 9.17 11.43 36.59
C VAL G 159 9.09 10.45 35.42
N LEU G 160 10.03 9.50 35.41
CA LEU G 160 10.14 8.45 34.41
C LEU G 160 9.99 7.10 35.12
N ASN G 161 9.11 6.24 34.59
CA ASN G 161 8.83 4.93 35.18
C ASN G 161 9.11 3.82 34.17
N SER G 162 9.43 2.63 34.69
CA SER G 162 9.87 1.52 33.84
C SER G 162 9.74 0.20 34.58
N TRP G 163 9.01 -0.76 33.99
CA TRP G 163 8.69 -2.06 34.60
C TRP G 163 9.52 -3.18 34.00
N THR G 164 9.99 -4.10 34.85
CA THR G 164 10.56 -5.33 34.31
C THR G 164 9.45 -6.25 33.78
N ASP G 165 9.86 -7.20 32.94
CA ASP G 165 9.05 -8.36 32.64
C ASP G 165 8.87 -9.19 33.91
N GLN G 166 7.84 -10.04 33.91
CA GLN G 166 7.59 -10.89 35.07
C GLN G 166 8.80 -11.74 35.41
N ASP G 167 9.07 -11.89 36.70
CA ASP G 167 10.21 -12.67 37.17
C ASP G 167 9.97 -14.16 36.93
N SER G 168 10.93 -14.82 36.25
CA SER G 168 10.77 -16.22 35.92
C SER G 168 11.02 -17.16 37.10
N LYS G 169 11.34 -16.64 38.28
CA LYS G 169 11.54 -17.46 39.47
C LYS G 169 10.41 -17.36 40.48
N ASP G 170 9.87 -16.15 40.75
CA ASP G 170 8.81 -16.01 41.75
C ASP G 170 7.56 -15.30 41.21
N SER G 171 7.52 -15.02 39.90
CA SER G 171 6.33 -14.49 39.21
C SER G 171 5.97 -13.07 39.65
N THR G 172 6.89 -12.36 40.29
CA THR G 172 6.60 -10.99 40.68
C THR G 172 7.03 -10.02 39.60
N TYR G 173 6.67 -8.76 39.83
CA TYR G 173 7.12 -7.64 39.03
C TYR G 173 7.95 -6.71 39.90
N SER G 174 8.83 -5.95 39.24
CA SER G 174 9.54 -4.86 39.87
C SER G 174 9.40 -3.59 39.02
N MET G 175 9.66 -2.44 39.63
CA MET G 175 9.49 -1.21 38.89
C MET G 175 10.44 -0.14 39.40
N SER G 176 10.94 0.67 38.48
CA SER G 176 11.83 1.78 38.80
C SER G 176 11.11 3.09 38.51
N SER G 177 11.32 4.07 39.38
CA SER G 177 10.74 5.41 39.23
C SER G 177 11.82 6.41 39.53
N THR G 178 12.20 7.20 38.54
CA THR G 178 13.26 8.19 38.67
C THR G 178 12.69 9.58 38.49
N LEU G 179 12.95 10.45 39.45
CA LEU G 179 12.60 11.87 39.36
C LEU G 179 13.87 12.65 39.06
N THR G 180 13.94 13.30 37.90
CA THR G 180 15.16 13.99 37.51
C THR G 180 14.95 15.48 37.63
N LEU G 181 15.77 16.12 38.45
CA LEU G 181 15.81 17.55 38.68
C LEU G 181 17.13 18.12 38.16
N THR G 182 17.19 19.44 38.06
CA THR G 182 18.47 20.14 37.99
C THR G 182 19.07 20.20 39.38
N LYS G 183 20.40 20.32 39.45
CA LYS G 183 21.01 20.54 40.76
C LYS G 183 20.44 21.78 41.44
N ASP G 184 20.21 22.85 40.67
CA ASP G 184 19.73 24.10 41.24
C ASP G 184 18.46 23.88 42.05
N GLU G 185 17.51 23.14 41.47
CA GLU G 185 16.22 22.99 42.13
C GLU G 185 16.28 21.97 43.25
N TYR G 186 17.02 20.88 43.05
CA TYR G 186 17.23 19.91 44.12
C TYR G 186 17.79 20.55 45.38
N GLU G 187 18.68 21.54 45.24
CA GLU G 187 19.24 22.21 46.41
C GLU G 187 18.25 23.15 47.09
N ARG G 188 17.15 23.50 46.44
CA ARG G 188 16.19 24.44 46.99
C ARG G 188 15.13 23.77 47.86
N HIS G 189 15.16 22.44 47.96
CA HIS G 189 14.20 21.68 48.75
C HIS G 189 14.94 20.65 49.59
N ASN G 190 14.24 20.11 50.58
CA ASN G 190 14.85 19.21 51.56
C ASN G 190 14.23 17.82 51.57
N SER G 191 12.91 17.72 51.65
CA SER G 191 12.23 16.44 51.82
C SER G 191 11.82 15.82 50.48
N TYR G 192 12.25 14.58 50.24
CA TYR G 192 11.93 13.88 48.99
C TYR G 192 11.31 12.53 49.33
N THR G 193 10.15 12.24 48.74
CA THR G 193 9.33 11.08 49.12
C THR G 193 8.78 10.35 47.91
N CYS G 194 8.92 9.01 47.85
CA CYS G 194 8.16 8.21 46.89
C CYS G 194 7.24 7.25 47.65
N GLU G 195 6.01 7.13 47.15
CA GLU G 195 4.95 6.37 47.79
C GLU G 195 4.37 5.38 46.78
N ALA G 196 4.29 4.11 47.18
CA ALA G 196 3.75 3.05 46.34
C ALA G 196 2.34 2.69 46.83
N THR G 197 1.35 2.79 45.95
CA THR G 197 -0.02 2.37 46.26
C THR G 197 -0.56 1.40 45.23
N HIS G 198 -1.36 0.45 45.72
CA HIS G 198 -2.23 -0.36 44.89
C HIS G 198 -3.46 0.47 44.49
N LYS G 199 -4.24 -0.06 43.55
CA LYS G 199 -5.40 0.68 43.06
C LYS G 199 -6.45 0.81 44.16
N THR G 200 -6.87 2.05 44.40
CA THR G 200 -7.76 2.45 45.49
C THR G 200 -7.58 1.56 46.74
N SER G 201 -6.34 1.46 47.19
CA SER G 201 -6.01 1.13 48.56
C SER G 201 -5.39 2.37 49.18
N THR G 202 -5.78 2.69 50.40
CA THR G 202 -5.45 3.97 51.00
C THR G 202 -4.21 3.92 51.87
N SER G 203 -3.48 2.80 51.88
CA SER G 203 -2.35 2.59 52.78
C SER G 203 -1.08 2.43 51.95
N PRO G 204 -0.38 3.53 51.66
CA PRO G 204 0.80 3.46 50.81
C PRO G 204 1.99 2.87 51.57
N ILE G 205 2.99 2.46 50.81
CA ILE G 205 4.32 2.19 51.34
C ILE G 205 5.21 3.37 50.98
N VAL G 206 5.86 3.95 52.00
CA VAL G 206 6.51 5.27 51.90
C VAL G 206 8.00 5.14 52.20
N LYS G 207 8.83 5.79 51.38
CA LYS G 207 10.24 5.98 51.66
C LYS G 207 10.59 7.45 51.42
N SER G 208 11.36 8.04 52.34
CA SER G 208 11.76 9.45 52.26
C SER G 208 13.19 9.62 52.70
N PHE G 209 13.80 10.71 52.25
CA PHE G 209 15.01 11.25 52.88
C PHE G 209 14.92 12.76 52.93
N ASN G 210 15.77 13.37 53.75
CA ASN G 210 15.95 14.82 53.79
C ASN G 210 17.35 15.12 53.30
N ARG G 211 17.47 16.05 52.36
CA ARG G 211 18.76 16.38 51.74
C ARG G 211 19.81 16.79 52.77
N GLN H 1 24.06 -30.34 17.66
CA GLN H 1 24.06 -28.91 17.96
C GLN H 1 24.09 -28.05 16.70
N VAL H 2 22.97 -28.03 15.97
CA VAL H 2 22.77 -27.03 14.92
C VAL H 2 22.75 -25.63 15.54
N GLN H 3 23.49 -24.70 14.96
CA GLN H 3 23.59 -23.37 15.53
C GLN H 3 23.65 -22.32 14.43
N LEU H 4 22.94 -21.21 14.68
CA LEU H 4 22.92 -20.05 13.80
C LEU H 4 23.38 -18.84 14.60
N GLN H 5 24.48 -18.23 14.17
CA GLN H 5 25.14 -17.15 14.88
C GLN H 5 25.05 -15.88 14.04
N GLN H 6 24.37 -14.87 14.58
CA GLN H 6 24.15 -13.61 13.90
C GLN H 6 25.14 -12.55 14.38
N SER H 7 25.41 -11.59 13.51
CA SER H 7 26.29 -10.45 13.77
C SER H 7 25.64 -9.47 14.77
N ASP H 8 26.47 -8.57 15.31
CA ASP H 8 26.07 -7.73 16.42
C ASP H 8 25.08 -6.66 15.96
N ALA H 9 24.47 -6.01 16.96
CA ALA H 9 23.56 -4.89 16.74
C ALA H 9 24.27 -3.79 15.99
N GLU H 10 23.48 -3.00 15.25
CA GLU H 10 24.03 -1.99 14.37
C GLU H 10 23.20 -0.72 14.44
N LEU H 11 23.90 0.42 14.44
CA LEU H 11 23.32 1.75 14.27
C LEU H 11 23.66 2.24 12.86
N VAL H 12 22.64 2.60 12.08
CA VAL H 12 22.81 3.00 10.69
C VAL H 12 22.03 4.29 10.44
N LYS H 13 22.61 5.20 9.64
CA LYS H 13 21.94 6.46 9.34
C LYS H 13 20.85 6.26 8.30
N PRO H 14 19.77 7.05 8.35
CA PRO H 14 18.69 6.91 7.37
C PRO H 14 19.22 7.08 5.95
N GLY H 15 18.71 6.27 5.03
CA GLY H 15 19.19 6.30 3.66
C GLY H 15 20.40 5.42 3.39
N ALA H 16 21.11 4.99 4.43
CA ALA H 16 22.28 4.14 4.24
C ALA H 16 21.83 2.67 4.15
N SER H 17 22.80 1.77 4.13
CA SER H 17 22.56 0.35 3.96
C SER H 17 23.15 -0.42 5.14
N VAL H 18 22.73 -1.68 5.31
CA VAL H 18 23.29 -2.56 6.33
C VAL H 18 23.28 -3.99 5.81
N LYS H 19 24.31 -4.76 6.19
CA LYS H 19 24.44 -6.17 5.83
C LYS H 19 24.62 -7.00 7.10
N ILE H 20 23.66 -7.91 7.35
CA ILE H 20 23.61 -8.76 8.54
C ILE H 20 24.06 -10.16 8.17
N SER H 21 24.82 -10.81 9.04
CA SER H 21 25.32 -12.14 8.76
C SER H 21 24.68 -13.18 9.68
N CYS H 22 24.51 -14.38 9.13
CA CYS H 22 23.99 -15.54 9.84
C CYS H 22 24.91 -16.73 9.55
N LYS H 23 25.78 -17.08 10.49
CA LYS H 23 26.76 -18.15 10.28
C LYS H 23 26.23 -19.47 10.82
N ALA H 24 26.03 -20.44 9.95
CA ALA H 24 25.44 -21.73 10.26
C ALA H 24 26.52 -22.77 10.57
N SER H 25 26.15 -23.76 11.38
CA SER H 25 27.04 -24.86 11.71
C SER H 25 26.19 -26.07 12.11
N GLY H 26 26.82 -27.24 12.13
CA GLY H 26 26.15 -28.45 12.58
C GLY H 26 25.33 -29.19 11.55
N TYR H 27 25.43 -28.84 10.27
CA TYR H 27 24.65 -29.48 9.21
C TYR H 27 25.25 -29.01 7.90
N THR H 28 24.89 -29.67 6.80
CA THR H 28 25.44 -29.25 5.52
C THR H 28 24.67 -28.02 5.06
N PHE H 29 25.38 -26.89 5.02
CA PHE H 29 24.82 -25.59 4.69
C PHE H 29 24.01 -25.60 3.41
N THR H 30 24.41 -26.39 2.42
CA THR H 30 23.73 -26.43 1.13
C THR H 30 22.55 -27.42 1.08
N ASP H 31 22.15 -27.98 2.21
CA ASP H 31 20.98 -28.85 2.20
C ASP H 31 19.72 -28.23 2.79
N ARG H 32 19.80 -27.06 3.44
CA ARG H 32 18.63 -26.47 4.08
C ARG H 32 18.47 -25.00 3.70
N THR H 33 17.21 -24.55 3.57
CA THR H 33 16.95 -23.15 3.30
C THR H 33 17.20 -22.31 4.56
N ILE H 34 17.44 -21.02 4.35
CA ILE H 34 17.58 -20.03 5.42
C ILE H 34 16.55 -18.95 5.19
N HIS H 35 15.67 -18.76 6.16
CA HIS H 35 14.65 -17.73 6.11
C HIS H 35 15.06 -16.58 7.02
N TRP H 36 14.61 -15.38 6.67
CA TRP H 36 14.82 -14.17 7.45
C TRP H 36 13.48 -13.57 7.86
N VAL H 37 13.44 -12.99 9.07
CA VAL H 37 12.21 -12.59 9.74
C VAL H 37 12.44 -11.27 10.47
N LYS H 38 11.46 -10.37 10.41
CA LYS H 38 11.53 -9.07 11.08
C LYS H 38 10.63 -9.02 12.31
N GLN H 39 11.18 -8.56 13.45
CA GLN H 39 10.41 -8.43 14.69
C GLN H 39 10.50 -7.03 15.28
N ARG H 40 9.36 -6.35 15.38
CA ARG H 40 9.17 -5.06 16.04
C ARG H 40 8.26 -5.20 17.25
N PRO H 41 8.46 -4.38 18.30
CA PRO H 41 7.62 -4.54 19.51
C PRO H 41 6.13 -4.36 19.28
N GLU H 42 5.71 -3.40 18.45
CA GLU H 42 4.28 -3.20 18.25
C GLU H 42 3.66 -4.18 17.24
N GLN H 43 4.46 -4.74 16.32
CA GLN H 43 3.93 -5.37 15.11
C GLN H 43 3.73 -6.87 15.23
N GLY H 44 4.70 -7.60 15.77
CA GLY H 44 4.69 -9.03 15.57
C GLY H 44 5.30 -9.43 14.23
N LEU H 45 5.67 -10.70 14.14
CA LEU H 45 6.65 -11.13 13.15
C LEU H 45 6.14 -11.02 11.72
N GLU H 46 7.05 -10.61 10.82
CA GLU H 46 6.81 -10.62 9.39
C GLU H 46 7.91 -11.43 8.71
N TRP H 47 7.52 -12.20 7.71
CA TRP H 47 8.47 -12.99 6.95
C TRP H 47 9.04 -12.14 5.82
N ILE H 48 10.36 -12.14 5.69
CA ILE H 48 11.04 -11.36 4.65
C ILE H 48 11.23 -12.18 3.37
N GLY H 49 11.74 -13.38 3.50
CA GLY H 49 12.10 -14.19 2.35
C GLY H 49 13.10 -15.26 2.76
N TYR H 50 13.58 -16.00 1.76
CA TYR H 50 14.49 -17.11 2.06
C TYR H 50 15.46 -17.31 0.91
N ILE H 51 16.54 -18.02 1.21
CA ILE H 51 17.52 -18.45 0.22
C ILE H 51 17.78 -19.94 0.41
N TYR H 52 17.99 -20.65 -0.69
CA TYR H 52 18.49 -22.02 -0.66
C TYR H 52 19.94 -22.03 -1.09
N PRO H 53 20.91 -22.14 -0.18
CA PRO H 53 22.32 -22.14 -0.58
C PRO H 53 22.64 -23.20 -1.63
N GLY H 54 21.85 -24.28 -1.66
CA GLY H 54 21.97 -25.31 -2.69
C GLY H 54 22.08 -24.78 -4.10
N ASP H 55 21.06 -24.08 -4.59
CA ASP H 55 21.06 -23.52 -5.94
C ASP H 55 21.03 -22.00 -5.93
N ASP H 56 21.15 -21.39 -4.74
CA ASP H 56 21.07 -19.94 -4.55
C ASP H 56 19.75 -19.36 -5.07
N SER H 57 18.70 -20.15 -5.11
CA SER H 57 17.38 -19.58 -5.38
C SER H 57 16.94 -18.72 -4.20
N THR H 58 16.14 -17.70 -4.48
CA THR H 58 15.55 -16.88 -3.42
C THR H 58 14.09 -16.60 -3.74
N LYS H 59 13.32 -16.32 -2.70
CA LYS H 59 11.96 -15.79 -2.82
C LYS H 59 11.77 -14.67 -1.80
N TYR H 60 10.94 -13.69 -2.16
CA TYR H 60 10.72 -12.52 -1.31
C TYR H 60 9.25 -12.30 -1.07
N ASN H 61 8.92 -11.91 0.16
CA ASN H 61 7.67 -11.19 0.41
C ASN H 61 7.67 -9.94 -0.45
N ASP H 62 6.55 -9.68 -1.15
CA ASP H 62 6.45 -8.48 -1.98
C ASP H 62 6.70 -7.20 -1.18
N MET H 63 6.37 -7.21 0.11
CA MET H 63 6.65 -6.05 0.92
C MET H 63 8.14 -5.74 1.01
N PHE H 64 9.00 -6.74 0.82
CA PHE H 64 10.42 -6.59 1.07
C PHE H 64 11.30 -6.75 -0.15
N LYS H 65 10.77 -7.17 -1.29
CA LYS H 65 11.57 -7.07 -2.50
C LYS H 65 11.91 -5.59 -2.74
N ALA H 66 12.97 -5.36 -3.49
CA ALA H 66 13.52 -4.02 -3.73
C ALA H 66 14.31 -3.49 -2.54
N LYS H 67 13.96 -3.89 -1.32
CA LYS H 67 14.72 -3.47 -0.14
C LYS H 67 15.69 -4.53 0.39
N ALA H 68 15.38 -5.80 0.23
CA ALA H 68 16.17 -6.86 0.83
C ALA H 68 16.88 -7.66 -0.25
N THR H 69 18.15 -8.00 0.00
CA THR H 69 18.92 -8.89 -0.85
C THR H 69 19.51 -9.98 0.02
N LEU H 70 19.12 -11.23 -0.25
CA LEU H 70 19.64 -12.38 0.48
C LEU H 70 20.73 -13.04 -0.35
N THR H 71 21.87 -13.31 0.28
CA THR H 71 22.97 -14.02 -0.38
C THR H 71 23.53 -15.08 0.56
N ALA H 72 24.44 -15.90 0.05
CA ALA H 72 25.03 -16.97 0.83
C ALA H 72 26.44 -17.28 0.35
N ASP H 73 27.32 -17.59 1.30
CA ASP H 73 28.72 -17.93 1.05
C ASP H 73 28.96 -19.35 1.58
N LYS H 74 28.85 -20.37 0.71
CA LYS H 74 29.03 -21.74 1.19
C LYS H 74 30.43 -22.01 1.71
N SER H 75 31.41 -21.19 1.34
CA SER H 75 32.77 -21.40 1.85
C SER H 75 32.86 -21.16 3.36
N SER H 76 32.17 -20.12 3.86
CA SER H 76 32.14 -19.82 5.28
C SER H 76 30.87 -20.31 5.97
N ASN H 77 29.96 -20.97 5.24
CA ASN H 77 28.66 -21.42 5.76
C ASN H 77 27.87 -20.23 6.33
N THR H 78 27.77 -19.16 5.55
CA THR H 78 27.19 -17.90 6.03
C THR H 78 26.12 -17.39 5.09
N ALA H 79 24.96 -17.03 5.65
CA ALA H 79 23.91 -16.34 4.93
C ALA H 79 23.95 -14.85 5.28
N TYR H 80 23.63 -14.02 4.29
CA TYR H 80 23.67 -12.58 4.45
C TYR H 80 22.33 -11.98 4.06
N MET H 81 21.94 -10.93 4.77
CA MET H 81 20.81 -10.10 4.35
C MET H 81 21.26 -8.66 4.33
N GLN H 82 21.08 -8.01 3.20
CA GLN H 82 21.39 -6.60 3.04
C GLN H 82 20.10 -5.80 2.89
N LEU H 83 19.95 -4.77 3.71
CA LEU H 83 18.79 -3.89 3.63
C LEU H 83 19.27 -2.51 3.16
N ASN H 84 18.62 -1.97 2.13
CA ASN H 84 18.97 -0.72 1.49
C ASN H 84 17.98 0.38 1.87
N SER H 85 18.38 1.63 1.59
CA SER H 85 17.49 2.80 1.72
C SER H 85 16.78 2.85 3.08
N LEU H 86 17.54 2.70 4.15
CA LEU H 86 16.91 2.50 5.47
C LEU H 86 16.20 3.77 5.95
N THR H 87 15.05 3.58 6.61
CA THR H 87 14.36 4.63 7.35
C THR H 87 14.00 4.09 8.73
N SER H 88 13.40 4.95 9.54
CA SER H 88 13.05 4.57 10.91
C SER H 88 12.11 3.36 10.95
N ASP H 89 11.37 3.12 9.89
CA ASP H 89 10.48 1.97 9.86
C ASP H 89 11.26 0.65 9.90
N ASP H 90 12.53 0.65 9.48
CA ASP H 90 13.36 -0.53 9.46
C ASP H 90 14.05 -0.79 10.79
N SER H 91 13.95 0.13 11.75
CA SER H 91 14.40 -0.19 13.10
C SER H 91 13.66 -1.40 13.64
N ALA H 92 14.41 -2.47 13.96
CA ALA H 92 13.82 -3.74 14.41
C ALA H 92 14.90 -4.76 14.75
N VAL H 93 14.48 -5.92 15.26
CA VAL H 93 15.35 -7.09 15.45
C VAL H 93 15.07 -8.07 14.32
N TYR H 94 16.11 -8.46 13.60
CA TYR H 94 16.02 -9.37 12.47
C TYR H 94 16.59 -10.74 12.87
N PHE H 95 15.88 -11.82 12.50
CA PHE H 95 16.30 -13.20 12.74
C PHE H 95 16.52 -13.96 11.43
N CYS H 96 17.50 -14.87 11.45
CA CYS H 96 17.59 -15.94 10.46
C CYS H 96 17.08 -17.25 11.06
N ALA H 97 16.55 -18.13 10.22
CA ALA H 97 16.02 -19.41 10.68
C ALA H 97 16.20 -20.50 9.63
N ARG H 98 16.42 -21.73 10.10
CA ARG H 98 16.69 -22.88 9.22
C ARG H 98 15.39 -23.57 8.80
N ARG H 99 15.20 -23.74 7.48
CA ARG H 99 14.08 -24.43 6.84
C ARG H 99 12.77 -23.64 6.88
N GLY H 100 11.91 -23.87 5.89
CA GLY H 100 10.52 -23.45 5.87
C GLY H 100 9.84 -23.66 7.20
N THR H 101 10.11 -24.80 7.85
CA THR H 101 9.55 -25.09 9.17
C THR H 101 10.30 -24.39 10.31
N MET H 102 11.45 -23.77 10.04
CA MET H 102 12.17 -22.93 11.01
C MET H 102 12.47 -23.68 12.32
N ASP H 103 13.27 -24.76 12.21
CA ASP H 103 13.51 -25.59 13.40
C ASP H 103 14.64 -25.08 14.29
N TYR H 104 15.49 -24.17 13.80
CA TYR H 104 16.50 -23.51 14.63
C TYR H 104 16.58 -22.04 14.23
N TRP H 105 16.72 -21.15 15.23
CA TRP H 105 16.75 -19.71 15.00
C TRP H 105 18.07 -19.10 15.46
N GLY H 106 18.56 -18.13 14.70
CA GLY H 106 19.61 -17.26 15.17
C GLY H 106 19.17 -16.48 16.39
N GLN H 107 20.11 -15.76 17.00
CA GLN H 107 19.79 -15.04 18.22
C GLN H 107 19.29 -13.61 17.98
N GLY H 108 19.17 -13.17 16.72
CA GLY H 108 18.61 -11.87 16.43
C GLY H 108 19.64 -10.75 16.37
N THR H 109 19.46 -9.80 15.46
CA THR H 109 20.32 -8.62 15.32
C THR H 109 19.46 -7.38 15.42
N SER H 110 19.79 -6.52 16.36
CA SER H 110 19.05 -5.27 16.54
C SER H 110 19.60 -4.20 15.60
N VAL H 111 18.74 -3.66 14.75
CA VAL H 111 19.12 -2.57 13.86
C VAL H 111 18.40 -1.30 14.30
N THR H 112 19.17 -0.26 14.59
CA THR H 112 18.63 1.07 14.81
C THR H 112 18.97 1.95 13.61
N VAL H 113 17.95 2.63 13.07
CA VAL H 113 18.11 3.58 11.97
C VAL H 113 17.82 4.97 12.53
N SER H 114 18.80 5.86 12.48
CA SER H 114 18.72 7.16 13.13
C SER H 114 19.94 7.99 12.77
N SER H 115 19.75 9.30 12.63
CA SER H 115 20.86 10.21 12.38
C SER H 115 21.51 10.75 13.64
N ALA H 116 20.89 10.57 14.82
CA ALA H 116 21.51 10.98 16.07
C ALA H 116 22.87 10.29 16.30
N LYS H 117 23.73 10.96 17.05
CA LYS H 117 25.13 10.56 17.23
C LYS H 117 25.27 9.59 18.38
N THR H 118 26.19 8.64 18.21
CA THR H 118 26.53 7.75 19.31
C THR H 118 27.07 8.53 20.49
N THR H 119 26.54 8.25 21.68
CA THR H 119 26.96 8.89 22.94
C THR H 119 27.14 7.81 23.99
N PRO H 120 28.27 7.77 24.69
CA PRO H 120 28.45 6.76 25.75
C PRO H 120 27.67 7.13 26.99
N PRO H 121 27.39 6.17 27.86
CA PRO H 121 26.63 6.47 29.08
C PRO H 121 27.45 7.10 30.18
N SER H 122 26.78 7.91 30.99
CA SER H 122 27.27 8.25 32.31
C SER H 122 26.77 7.19 33.27
N VAL H 123 27.66 6.68 34.12
CA VAL H 123 27.28 5.65 35.08
C VAL H 123 27.45 6.22 36.49
N TYR H 124 26.38 6.17 37.29
CA TYR H 124 26.38 6.75 38.62
C TYR H 124 26.07 5.68 39.64
N PRO H 125 26.88 5.54 40.68
CA PRO H 125 26.59 4.51 41.69
C PRO H 125 25.51 5.00 42.64
N LEU H 126 24.65 4.08 43.08
CA LEU H 126 23.54 4.38 44.00
C LEU H 126 23.74 3.57 45.28
N ALA H 127 24.33 4.20 46.30
CA ALA H 127 24.43 3.61 47.62
C ALA H 127 23.34 4.16 48.52
N PRO H 128 23.00 3.47 49.63
CA PRO H 128 21.89 3.95 50.46
C PRO H 128 22.19 5.32 51.07
N GLY H 129 21.13 6.11 51.24
CA GLY H 129 21.23 7.38 51.94
C GLY H 129 21.96 7.26 53.27
N SER H 130 22.70 8.31 53.63
CA SER H 130 23.60 8.26 54.78
C SER H 130 22.89 7.93 56.09
N ALA H 131 21.57 7.99 56.13
CA ALA H 131 20.80 7.85 57.36
C ALA H 131 20.13 6.49 57.38
N ALA H 132 18.81 6.40 57.59
CA ALA H 132 18.09 5.15 57.81
C ALA H 132 18.28 4.19 56.63
N GLN H 133 18.14 2.88 56.88
CA GLN H 133 18.08 2.18 58.18
C GLN H 133 18.55 0.77 57.86
N THR H 134 18.76 -0.10 58.86
CA THR H 134 19.40 -1.39 58.63
C THR H 134 18.47 -2.54 58.98
N ASN H 135 18.18 -3.38 57.98
CA ASN H 135 17.65 -4.73 58.19
C ASN H 135 18.64 -5.75 57.60
N SER H 136 18.19 -6.97 57.32
CA SER H 136 19.09 -8.06 56.94
C SER H 136 19.52 -8.01 55.48
N MET H 137 18.80 -7.29 54.62
CA MET H 137 19.11 -7.14 53.22
C MET H 137 19.37 -5.67 52.92
N VAL H 138 20.32 -5.40 52.03
CA VAL H 138 20.57 -4.04 51.55
C VAL H 138 20.46 -4.05 50.03
N THR H 139 19.84 -3.01 49.50
CA THR H 139 19.65 -2.87 48.05
C THR H 139 20.57 -1.77 47.53
N LEU H 140 21.36 -2.11 46.50
CA LEU H 140 22.24 -1.16 45.84
C LEU H 140 21.75 -0.89 44.42
N GLY H 141 22.32 0.13 43.79
CA GLY H 141 21.83 0.59 42.50
C GLY H 141 22.92 1.12 41.59
N CYS H 142 22.57 1.21 40.31
CA CYS H 142 23.45 1.71 39.28
C CYS H 142 22.57 2.51 38.32
N LEU H 143 22.89 3.78 38.10
CA LEU H 143 22.09 4.64 37.22
C LEU H 143 22.89 4.93 35.95
N VAL H 144 22.26 4.70 34.79
CA VAL H 144 22.94 4.72 33.49
C VAL H 144 22.18 5.69 32.60
N LYS H 145 22.78 6.86 32.34
CA LYS H 145 22.01 7.99 31.83
C LYS H 145 22.68 8.62 30.61
N GLY H 146 21.87 9.04 29.66
CA GLY H 146 22.31 9.81 28.51
C GLY H 146 23.16 9.10 27.48
N TYR H 147 22.75 7.90 27.07
CA TYR H 147 23.49 7.17 26.05
C TYR H 147 22.59 6.96 24.82
N PHE H 148 23.25 6.63 23.70
CA PHE H 148 22.60 6.31 22.42
C PHE H 148 23.59 5.60 21.52
N PRO H 149 23.15 4.56 20.79
CA PRO H 149 21.83 3.96 20.90
C PRO H 149 21.81 2.83 21.93
N GLU H 150 20.71 2.07 21.97
CA GLU H 150 20.70 0.73 22.56
C GLU H 150 21.52 -0.22 21.71
N PRO H 151 22.03 -1.31 22.29
CA PRO H 151 21.83 -1.71 23.68
C PRO H 151 22.96 -1.34 24.62
N VAL H 152 22.63 -1.42 25.90
CA VAL H 152 23.60 -1.43 26.98
C VAL H 152 23.43 -2.77 27.69
N THR H 153 24.53 -3.35 28.18
CA THR H 153 24.46 -4.56 28.99
C THR H 153 25.11 -4.27 30.33
N VAL H 154 24.35 -4.47 31.41
CA VAL H 154 24.88 -4.29 32.76
C VAL H 154 24.99 -5.66 33.43
N THR H 155 26.11 -5.86 34.11
CA THR H 155 26.33 -6.97 35.01
C THR H 155 26.72 -6.42 36.37
N TRP H 156 26.86 -7.32 37.33
CA TRP H 156 27.32 -7.00 38.66
C TRP H 156 28.44 -7.95 39.02
N ASN H 157 29.57 -7.39 39.48
CA ASN H 157 30.75 -8.18 39.80
C ASN H 157 31.17 -9.04 38.61
N SER H 158 31.14 -8.41 37.42
CA SER H 158 31.49 -9.06 36.15
C SER H 158 30.66 -10.31 35.89
N GLY H 159 29.43 -10.34 36.43
CA GLY H 159 28.52 -11.44 36.23
C GLY H 159 28.44 -12.44 37.37
N SER H 160 29.37 -12.43 38.32
CA SER H 160 29.35 -13.41 39.40
C SER H 160 28.26 -13.11 40.43
N LEU H 161 27.72 -11.89 40.41
CA LEU H 161 26.57 -11.52 41.23
C LEU H 161 25.37 -11.49 40.29
N SER H 162 24.51 -12.52 40.37
CA SER H 162 23.37 -12.63 39.47
C SER H 162 22.03 -12.74 40.17
N SER H 163 21.97 -13.30 41.37
CA SER H 163 20.72 -13.39 42.12
C SER H 163 20.28 -12.01 42.60
N GLY H 164 18.96 -11.81 42.64
CA GLY H 164 18.42 -10.58 43.18
C GLY H 164 18.73 -9.33 42.39
N VAL H 165 19.00 -9.47 41.09
CA VAL H 165 19.25 -8.34 40.19
C VAL H 165 17.95 -7.98 39.47
N HIS H 166 17.65 -6.70 39.39
CA HIS H 166 16.63 -6.19 38.48
C HIS H 166 17.28 -5.11 37.62
N THR H 167 17.43 -5.38 36.32
CA THR H 167 17.91 -4.39 35.36
C THR H 167 16.70 -3.93 34.55
N PHE H 168 16.38 -2.63 34.63
CA PHE H 168 15.10 -2.20 34.10
C PHE H 168 15.21 -1.80 32.63
N PRO H 169 14.09 -1.81 31.89
CA PRO H 169 14.15 -1.39 30.49
C PRO H 169 14.40 0.10 30.35
N ALA H 170 15.22 0.44 29.37
CA ALA H 170 15.63 1.81 29.16
C ALA H 170 14.47 2.64 28.63
N VAL H 171 14.46 3.92 29.00
CA VAL H 171 13.44 4.86 28.54
C VAL H 171 14.13 5.99 27.78
N LEU H 172 13.48 6.48 26.74
CA LEU H 172 14.08 7.39 25.77
C LEU H 172 13.49 8.79 25.95
N GLN H 173 14.36 9.78 26.14
CA GLN H 173 13.95 11.17 26.22
C GLN H 173 15.00 12.05 25.56
N SER H 174 14.54 13.01 24.76
CA SER H 174 15.43 13.97 24.09
C SER H 174 16.58 13.26 23.38
N ASP H 175 16.26 12.16 22.70
CA ASP H 175 17.20 11.38 21.90
C ASP H 175 18.27 10.68 22.73
N LEU H 176 18.06 10.52 24.04
CA LEU H 176 19.00 9.81 24.89
C LEU H 176 18.25 8.83 25.78
N TYR H 177 18.91 7.70 26.06
CA TYR H 177 18.33 6.63 26.87
C TYR H 177 18.82 6.70 28.31
N THR H 178 17.93 6.29 29.23
CA THR H 178 18.29 6.12 30.63
C THR H 178 17.73 4.80 31.15
N LEU H 179 18.54 4.08 31.92
CA LEU H 179 18.07 2.91 32.64
C LEU H 179 18.76 2.85 33.99
N SER H 180 18.21 2.02 34.87
CA SER H 180 18.78 1.76 36.18
C SER H 180 18.79 0.27 36.44
N SER H 181 19.60 -0.15 37.41
CA SER H 181 19.71 -1.56 37.74
C SER H 181 19.90 -1.68 39.24
N SER H 182 19.23 -2.66 39.86
CA SER H 182 19.32 -2.84 41.30
C SER H 182 19.79 -4.26 41.63
N VAL H 183 20.55 -4.37 42.70
CA VAL H 183 20.97 -5.66 43.24
C VAL H 183 20.72 -5.64 44.73
N THR H 184 20.19 -6.74 45.26
CA THR H 184 19.91 -6.88 46.67
C THR H 184 20.81 -7.96 47.26
N VAL H 185 21.42 -7.65 48.39
CA VAL H 185 22.50 -8.47 48.95
C VAL H 185 22.31 -8.54 50.46
N PRO H 186 22.74 -9.64 51.09
CA PRO H 186 22.67 -9.70 52.56
C PRO H 186 23.46 -8.57 53.21
N SER H 187 22.84 -7.96 54.22
CA SER H 187 23.35 -6.72 54.80
C SER H 187 24.76 -6.86 55.38
N SER H 188 25.11 -8.04 55.89
CA SER H 188 26.42 -8.23 56.49
C SER H 188 27.54 -8.38 55.46
N THR H 189 27.22 -8.58 54.19
CA THR H 189 28.24 -8.81 53.18
C THR H 189 28.61 -7.55 52.40
N TRP H 190 27.98 -6.41 52.70
CA TRP H 190 28.35 -5.17 52.07
C TRP H 190 28.53 -4.08 53.13
N PRO H 191 29.62 -3.30 53.08
CA PRO H 191 30.62 -3.28 52.02
C PRO H 191 31.82 -4.24 52.15
N SER H 192 31.75 -5.27 52.98
CA SER H 192 32.92 -6.12 53.19
C SER H 192 33.22 -6.99 51.96
N GLU H 193 32.20 -7.40 51.24
CA GLU H 193 32.36 -8.14 49.98
C GLU H 193 31.85 -7.22 48.87
N THR H 194 32.78 -6.64 48.12
CA THR H 194 32.51 -5.51 47.25
C THR H 194 31.48 -5.88 46.18
N VAL H 195 30.72 -4.86 45.75
CA VAL H 195 29.84 -4.99 44.61
C VAL H 195 30.04 -3.78 43.70
N THR H 196 30.11 -4.06 42.40
CA THR H 196 30.54 -3.15 41.33
C THR H 196 29.60 -3.42 40.17
N CYS H 197 28.97 -2.40 39.62
CA CYS H 197 28.22 -2.65 38.40
C CYS H 197 29.13 -2.42 37.20
N ASN H 198 28.86 -3.13 36.12
CA ASN H 198 29.66 -3.07 34.90
C ASN H 198 28.70 -2.75 33.77
N VAL H 199 28.97 -1.69 33.02
CA VAL H 199 28.08 -1.23 31.98
C VAL H 199 28.86 -1.18 30.67
N ALA H 200 28.44 -1.97 29.70
CA ALA H 200 29.09 -2.03 28.39
C ALA H 200 28.18 -1.39 27.35
N HIS H 201 28.76 -0.56 26.49
CA HIS H 201 28.05 0.11 25.40
C HIS H 201 28.87 -0.13 24.14
N PRO H 202 28.69 -1.28 23.48
CA PRO H 202 29.49 -1.59 22.28
C PRO H 202 29.46 -0.49 21.22
N ALA H 203 28.28 0.12 21.03
CA ALA H 203 28.12 1.15 20.01
C ALA H 203 29.19 2.25 20.12
N SER H 204 29.51 2.68 21.34
CA SER H 204 30.59 3.64 21.56
C SER H 204 31.90 2.96 21.93
N SER H 205 31.97 1.63 21.86
CA SER H 205 33.18 0.89 22.22
C SER H 205 33.61 1.20 23.64
N THR H 206 32.66 1.31 24.57
CA THR H 206 32.94 1.75 25.92
C THR H 206 32.44 0.75 26.95
N LYS H 207 33.21 0.59 28.03
CA LYS H 207 32.72 -0.13 29.20
C LYS H 207 33.13 0.65 30.44
N VAL H 208 32.24 0.72 31.41
CA VAL H 208 32.47 1.47 32.65
C VAL H 208 32.12 0.57 33.83
N ASP H 209 33.01 0.52 34.83
CA ASP H 209 32.78 -0.19 36.08
C ASP H 209 32.78 0.81 37.22
N LYS H 210 31.74 0.77 38.06
CA LYS H 210 31.60 1.67 39.20
C LYS H 210 31.39 0.82 40.44
N LYS H 211 32.34 0.84 41.36
CA LYS H 211 32.13 0.13 42.62
C LYS H 211 31.23 0.97 43.50
N ILE H 212 30.32 0.30 44.20
CA ILE H 212 29.36 0.95 45.08
C ILE H 212 30.01 1.15 46.45
N VAL H 213 30.23 2.40 46.83
CA VAL H 213 30.95 2.77 48.05
C VAL H 213 29.95 3.41 49.02
N PRO H 214 30.01 3.12 50.32
CA PRO H 214 29.07 3.77 51.25
C PRO H 214 29.20 5.30 51.21
N ARG H 215 28.07 5.97 51.40
CA ARG H 215 28.08 7.43 51.41
C ARG H 215 28.74 7.93 52.68
N ASP H 216 29.51 9.01 52.56
CA ASP H 216 30.14 9.64 53.71
C ASP H 216 29.39 10.92 54.12
N ILE I 7 3.59 -20.39 -5.66
CA ILE I 7 2.85 -19.89 -4.52
C ILE I 7 3.02 -20.88 -3.35
N VAL I 8 3.38 -22.13 -3.67
CA VAL I 8 3.53 -23.19 -2.67
C VAL I 8 5.00 -23.44 -2.42
N TYR I 9 5.43 -23.39 -1.16
CA TYR I 9 6.78 -23.75 -0.78
C TYR I 9 6.90 -25.25 -0.56
N LYS I 10 7.97 -25.84 -1.07
CA LYS I 10 8.29 -27.24 -0.78
C LYS I 10 9.75 -27.29 -0.37
N SEP I 11 10.01 -27.78 0.83
CA SEP I 11 11.40 -27.94 1.28
CB SEP I 11 11.45 -28.67 2.62
OG SEP I 11 10.69 -27.97 3.56
C SEP I 11 12.17 -28.71 0.21
O SEP I 11 11.69 -29.73 -0.27
P SEP I 11 11.57 -27.58 4.85
O1P SEP I 11 10.56 -27.16 6.04
O2P SEP I 11 12.51 -26.31 4.53
O3P SEP I 11 12.47 -28.83 5.33
N PRO I 12 13.35 -28.19 -0.19
CA PRO I 12 14.10 -28.84 -1.28
C PRO I 12 14.36 -30.31 -0.98
N VAL I 13 14.23 -31.15 -2.01
CA VAL I 13 14.18 -32.60 -1.85
C VAL I 13 15.43 -33.19 -1.17
P PO4 J . -30.22 -22.93 34.31
O1 PO4 J . -31.45 -23.60 33.73
O2 PO4 J . -29.93 -23.43 35.70
O3 PO4 J . -30.50 -21.45 34.44
O4 PO4 J . -29.08 -23.21 33.37
P PO4 K . 28.16 -10.79 -12.36
O1 PO4 K . 26.84 -11.43 -12.74
O2 PO4 K . 29.19 -11.18 -13.40
O3 PO4 K . 28.60 -11.24 -10.99
O4 PO4 K . 27.96 -9.30 -12.31
P PO4 L . 21.57 -31.97 6.68
O1 PO4 L . 20.85 -32.75 7.74
O2 PO4 L . 20.86 -30.68 6.36
O3 PO4 L . 21.68 -32.73 5.37
O4 PO4 L . 22.93 -31.62 7.24
#